data_9NBV
# 
_entry.id   9NBV 
# 
_audit_conform.dict_name       mmcif_pdbx.dic 
_audit_conform.dict_version    5.404 
_audit_conform.dict_location   http://mmcif.pdb.org/dictionaries/ascii/mmcif_pdbx.dic 
# 
loop_
_database_2.database_id 
_database_2.database_code 
_database_2.pdbx_database_accession 
_database_2.pdbx_DOI 
PDB   9NBV         pdb_00009nbv 10.2210/pdb9nbv/pdb 
WWPDB D_1000293012 ?            ?                   
# 
_pdbx_audit_revision_history.ordinal             1 
_pdbx_audit_revision_history.data_content_type   'Structure model' 
_pdbx_audit_revision_history.major_revision      1 
_pdbx_audit_revision_history.minor_revision      0 
_pdbx_audit_revision_history.revision_date       2025-06-11 
_pdbx_audit_revision_history.part_number         ? 
# 
_pdbx_audit_revision_details.ordinal             1 
_pdbx_audit_revision_details.revision_ordinal    1 
_pdbx_audit_revision_details.data_content_type   'Structure model' 
_pdbx_audit_revision_details.provider            repository 
_pdbx_audit_revision_details.type                'Initial release' 
_pdbx_audit_revision_details.description         ? 
_pdbx_audit_revision_details.details             ? 
# 
_pdbx_database_status.status_code                     REL 
_pdbx_database_status.status_code_sf                  REL 
_pdbx_database_status.status_code_mr                  ? 
_pdbx_database_status.entry_id                        9NBV 
_pdbx_database_status.recvd_initial_deposition_date   2025-02-14 
_pdbx_database_status.SG_entry                        N 
_pdbx_database_status.deposit_site                    RCSB 
_pdbx_database_status.process_site                    RCSB 
_pdbx_database_status.status_code_cs                  ? 
_pdbx_database_status.status_code_nmr_data            ? 
_pdbx_database_status.methods_development_category    ? 
_pdbx_database_status.pdb_format_compatible           Y 
# 
_pdbx_contact_author.id                 2 
_pdbx_contact_author.email              rs17@nyu.edu 
_pdbx_contact_author.name_first         Ruojie 
_pdbx_contact_author.name_last          Sha 
_pdbx_contact_author.name_mi            ? 
_pdbx_contact_author.role               'principal investigator/group leader' 
_pdbx_contact_author.identifier_ORCID   0000-0002-0807-734X 
# 
loop_
_audit_author.name 
_audit_author.pdbx_ordinal 
_audit_author.identifier_ORCID 
'Horvath, A.'   1 0009-0008-5770-8014 
'Vecchioni, S.' 2 0000-0001-8243-650X 
'Woloszyn, K.'  3 0000-0003-1200-583X 
'Ohayon, Y.P.'  4 0000-0001-7500-4282 
'Sha, R.'       5 0000-0002-0807-734X 
# 
_citation.abstract                  ? 
_citation.abstract_id_CAS           ? 
_citation.book_id_ISBN              ? 
_citation.book_publisher            ? 
_citation.book_publisher_city       ? 
_citation.book_title                ? 
_citation.coordinate_linkage        ? 
_citation.country                   ? 
_citation.database_id_Medline       ? 
_citation.details                   ? 
_citation.id                        primary 
_citation.journal_abbrev            'To Be Published' 
_citation.journal_id_ASTM           ? 
_citation.journal_id_CSD            0353 
_citation.journal_id_ISSN           ? 
_citation.journal_full              ? 
_citation.journal_issue             ? 
_citation.journal_volume            ? 
_citation.language                  ? 
_citation.page_first                ? 
_citation.page_last                 ? 
_citation.title                     'Shifted tensegrity triangles' 
_citation.year                      ? 
_citation.database_id_CSD           ? 
_citation.pdbx_database_id_DOI      ? 
_citation.pdbx_database_id_PubMed   ? 
_citation.pdbx_database_id_patent   ? 
_citation.unpublished_flag          ? 
# 
loop_
_citation_author.citation_id 
_citation_author.name 
_citation_author.ordinal 
_citation_author.identifier_ORCID 
primary 'Horvath, A.'   1 0009-0008-5770-8014 
primary 'Vecchioni, S.' 2 0000-0001-8243-650X 
primary 'Woloszyn, K.'  3 0000-0003-1200-583X 
primary 'Ohayon, Y.P.'  4 0000-0001-7500-4282 
primary 'Sha, R.'       5 0000-0002-0807-734X 
# 
loop_
_entity.id 
_entity.type 
_entity.src_method 
_entity.pdbx_description 
_entity.formula_weight 
_entity.pdbx_number_of_molecules 
_entity.pdbx_ec 
_entity.pdbx_mutation 
_entity.pdbx_fragment 
_entity.details 
1 polymer syn 
;DNA (5'-D(P*AP*GP*CP*AP*CP*CP*TP*GP*TP*A)-3')
;
3029.006 1 ? ? ? ? 
2 polymer syn 
;DNA (5'-D(P*AP*CP*AP*CP*CP*GP*T)-3')
;
2082.400 1 ? ? ? ? 
3 polymer syn 
;DNA (5'-D(*TP*CP*TP*GP*AP*CP*TP*GP*TP*GP*GP*TP*GP*C)-3')
;
4302.787 1 ? ? ? ? 
4 polymer syn 
;DNA (5'-D(P*CP*GP*GP*AP*CP*AP*GP*TP*CP*AP*G)-3')
;
3383.224 1 ? ? ? ? 
# 
loop_
_entity_poly.entity_id 
_entity_poly.type 
_entity_poly.nstd_linkage 
_entity_poly.nstd_monomer 
_entity_poly.pdbx_seq_one_letter_code 
_entity_poly.pdbx_seq_one_letter_code_can 
_entity_poly.pdbx_strand_id 
_entity_poly.pdbx_target_identifier 
1 polydeoxyribonucleotide no no '(DA)(DG)(DC)(DA)(DC)(DC)(DT)(DG)(DT)(DA)'                 AGCACCTGTA     A ? 
2 polydeoxyribonucleotide no no '(DA)(DC)(DA)(DC)(DC)(DG)(DT)'                             ACACCGT        B ? 
3 polydeoxyribonucleotide no no '(DT)(DC)(DT)(DG)(DA)(DC)(DT)(DG)(DT)(DG)(DG)(DT)(DG)(DC)' TCTGACTGTGGTGC C ? 
4 polydeoxyribonucleotide no no '(DC)(DG)(DG)(DA)(DC)(DA)(DG)(DT)(DC)(DA)(DG)'             CGGACAGTCAG    D ? 
# 
loop_
_entity_poly_seq.entity_id 
_entity_poly_seq.num 
_entity_poly_seq.mon_id 
_entity_poly_seq.hetero 
1 1  DA n 
1 2  DG n 
1 3  DC n 
1 4  DA n 
1 5  DC n 
1 6  DC n 
1 7  DT n 
1 8  DG n 
1 9  DT n 
1 10 DA n 
2 1  DA n 
2 2  DC n 
2 3  DA n 
2 4  DC n 
2 5  DC n 
2 6  DG n 
2 7  DT n 
3 1  DT n 
3 2  DC n 
3 3  DT n 
3 4  DG n 
3 5  DA n 
3 6  DC n 
3 7  DT n 
3 8  DG n 
3 9  DT n 
3 10 DG n 
3 11 DG n 
3 12 DT n 
3 13 DG n 
3 14 DC n 
4 1  DC n 
4 2  DG n 
4 3  DG n 
4 4  DA n 
4 5  DC n 
4 6  DA n 
4 7  DG n 
4 8  DT n 
4 9  DC n 
4 10 DA n 
4 11 DG n 
# 
loop_
_pdbx_entity_src_syn.entity_id 
_pdbx_entity_src_syn.pdbx_src_id 
_pdbx_entity_src_syn.pdbx_alt_source_flag 
_pdbx_entity_src_syn.pdbx_beg_seq_num 
_pdbx_entity_src_syn.pdbx_end_seq_num 
_pdbx_entity_src_syn.organism_scientific 
_pdbx_entity_src_syn.organism_common_name 
_pdbx_entity_src_syn.ncbi_taxonomy_id 
_pdbx_entity_src_syn.details 
1 1 sample 1 10 'synthetic construct' ? 32630 ? 
2 1 sample 1 7  'synthetic construct' ? 32630 ? 
3 1 sample 1 14 'synthetic construct' ? 32630 ? 
4 1 sample 1 11 'synthetic construct' ? 32630 ? 
# 
loop_
_chem_comp.id 
_chem_comp.type 
_chem_comp.mon_nstd_flag 
_chem_comp.name 
_chem_comp.pdbx_synonyms 
_chem_comp.formula 
_chem_comp.formula_weight 
DA 'DNA linking' y "2'-DEOXYADENOSINE-5'-MONOPHOSPHATE" ? 'C10 H14 N5 O6 P' 331.222 
DC 'DNA linking' y "2'-DEOXYCYTIDINE-5'-MONOPHOSPHATE"  ? 'C9 H14 N3 O7 P'  307.197 
DG 'DNA linking' y "2'-DEOXYGUANOSINE-5'-MONOPHOSPHATE" ? 'C10 H14 N5 O7 P' 347.221 
DT 'DNA linking' y "THYMIDINE-5'-MONOPHOSPHATE"         ? 'C10 H15 N2 O8 P' 322.208 
# 
loop_
_pdbx_poly_seq_scheme.asym_id 
_pdbx_poly_seq_scheme.entity_id 
_pdbx_poly_seq_scheme.seq_id 
_pdbx_poly_seq_scheme.mon_id 
_pdbx_poly_seq_scheme.ndb_seq_num 
_pdbx_poly_seq_scheme.pdb_seq_num 
_pdbx_poly_seq_scheme.auth_seq_num 
_pdbx_poly_seq_scheme.pdb_mon_id 
_pdbx_poly_seq_scheme.auth_mon_id 
_pdbx_poly_seq_scheme.pdb_strand_id 
_pdbx_poly_seq_scheme.pdb_ins_code 
_pdbx_poly_seq_scheme.hetero 
A 1 1  DA 1  103 103 DA DA A . n 
A 1 2  DG 2  104 104 DG DG A . n 
A 1 3  DC 3  105 105 DC DC A . n 
A 1 4  DA 4  106 106 DA DA A . n 
A 1 5  DC 5  107 107 DC DC A . n 
A 1 6  DC 6  108 108 DC DC A . n 
A 1 7  DT 7  109 109 DT DT A . n 
A 1 8  DG 8  110 110 DG DG A . n 
A 1 9  DT 9  111 111 DT DT A . n 
A 1 10 DA 10 112 112 DA DA A . n 
B 2 1  DA 1  105 105 DA DA B . n 
B 2 2  DC 2  106 106 DC DC B . n 
B 2 3  DA 3  107 107 DA DA B . n 
B 2 4  DC 4  111 111 DC DC B . n 
B 2 5  DC 5  112 112 DC DC B . n 
B 2 6  DG 6  113 113 DG DG B . n 
B 2 7  DT 7  114 114 DT DT B . n 
C 3 1  DT 1  100 100 DT DT C . n 
C 3 2  DC 2  101 101 DC DC C . n 
C 3 3  DT 3  102 102 DT DT C . n 
C 3 4  DG 4  103 103 DG DG C . n 
C 3 5  DA 5  104 104 DA DA C . n 
C 3 6  DC 6  105 105 DC DC C . n 
C 3 7  DT 7  106 106 DT DT C . n 
C 3 8  DG 8  107 107 DG DG C . n 
C 3 9  DT 9  108 108 DT DT C . n 
C 3 10 DG 10 109 109 DG DG C . n 
C 3 11 DG 11 110 110 DG DG C . n 
C 3 12 DT 12 111 111 DT DT C . n 
C 3 13 DG 13 112 112 DG DG C . n 
C 3 14 DC 14 113 113 DC DC C . n 
D 4 1  DC 1  113 113 DC DC D . n 
D 4 2  DG 2  114 114 DG DG D . n 
D 4 3  DG 3  115 115 DG DG D . n 
D 4 4  DA 4  116 116 DA DA D . n 
D 4 5  DC 5  117 117 DC DC D . n 
D 4 6  DA 6  118 118 DA DA D . n 
D 4 7  DG 7  119 119 DG DG D . n 
D 4 8  DT 8  120 120 DT DT D . n 
D 4 9  DC 9  121 121 DC DC D . n 
D 4 10 DA 10 122 122 DA DA D . n 
D 4 11 DG 11 123 123 DG DG D . n 
# 
loop_
_software.citation_id 
_software.classification 
_software.compiler_name 
_software.compiler_version 
_software.contact_author 
_software.contact_author_email 
_software.date 
_software.description 
_software.dependencies 
_software.hardware 
_software.language 
_software.location 
_software.mods 
_software.name 
_software.os 
_software.os_version 
_software.type 
_software.version 
_software.pdbx_ordinal 
? refinement       ? ? ? ? ? ? ? ? ? ? ? PHENIX    ? ? ? 1.20.1_4487 1 
? 'data reduction' ? ? ? ? ? ? ? ? ? ? ? autoPROC  ? ? ? .           2 
? 'data scaling'   ? ? ? ? ? ? ? ? ? ? ? STARANISO ? ? ? .           3 
? phasing          ? ? ? ? ? ? ? ? ? ? ? PHASER    ? ? ? .           4 
# 
_cell.angle_alpha                  90.000 
_cell.angle_alpha_esd              ? 
_cell.angle_beta                   90.000 
_cell.angle_beta_esd               ? 
_cell.angle_gamma                  120.000 
_cell.angle_gamma_esd              ? 
_cell.entry_id                     9NBV 
_cell.details                      ? 
_cell.formula_units_Z              ? 
_cell.length_a                     110.456 
_cell.length_a_esd                 ? 
_cell.length_b                     110.456 
_cell.length_b_esd                 ? 
_cell.length_c                     76.508 
_cell.length_c_esd                 ? 
_cell.volume                       808381.013 
_cell.volume_esd                   ? 
_cell.Z_PDB                        9 
_cell.reciprocal_angle_alpha       ? 
_cell.reciprocal_angle_beta        ? 
_cell.reciprocal_angle_gamma       ? 
_cell.reciprocal_angle_alpha_esd   ? 
_cell.reciprocal_angle_beta_esd    ? 
_cell.reciprocal_angle_gamma_esd   ? 
_cell.reciprocal_length_a          ? 
_cell.reciprocal_length_b          ? 
_cell.reciprocal_length_c          ? 
_cell.reciprocal_length_a_esd      ? 
_cell.reciprocal_length_b_esd      ? 
_cell.reciprocal_length_c_esd      ? 
_cell.pdbx_unique_axis             ? 
_cell.pdbx_esd_method              ? 
# 
_symmetry.entry_id                         9NBV 
_symmetry.cell_setting                     ? 
_symmetry.Int_Tables_number                146 
_symmetry.space_group_name_Hall            'H 3' 
_symmetry.space_group_name_H-M             'H 3' 
_symmetry.pdbx_full_space_group_name_H-M   ? 
# 
_exptl.absorpt_coefficient_mu     ? 
_exptl.absorpt_correction_T_max   ? 
_exptl.absorpt_correction_T_min   ? 
_exptl.absorpt_correction_type    ? 
_exptl.absorpt_process_details    ? 
_exptl.entry_id                   9NBV 
_exptl.crystals_number            1 
_exptl.details                    ? 
_exptl.method                     'X-RAY DIFFRACTION' 
_exptl.method_details             ? 
# 
_exptl_crystal.colour                       ? 
_exptl_crystal.density_diffrn               ? 
_exptl_crystal.density_Matthews             7.02 
_exptl_crystal.density_method               ? 
_exptl_crystal.density_percent_sol          82.48 
_exptl_crystal.description                  ? 
_exptl_crystal.F_000                        ? 
_exptl_crystal.id                           1 
_exptl_crystal.preparation                  ? 
_exptl_crystal.size_max                     ? 
_exptl_crystal.size_mid                     ? 
_exptl_crystal.size_min                     ? 
_exptl_crystal.size_rad                     ? 
_exptl_crystal.colour_lustre                ? 
_exptl_crystal.colour_modifier              ? 
_exptl_crystal.colour_primary               ? 
_exptl_crystal.density_meas                 ? 
_exptl_crystal.density_meas_esd             ? 
_exptl_crystal.density_meas_gt              ? 
_exptl_crystal.density_meas_lt              ? 
_exptl_crystal.density_meas_temp            ? 
_exptl_crystal.density_meas_temp_esd        ? 
_exptl_crystal.density_meas_temp_gt         ? 
_exptl_crystal.density_meas_temp_lt         ? 
_exptl_crystal.pdbx_crystal_image_url       ? 
_exptl_crystal.pdbx_crystal_image_format    ? 
_exptl_crystal.pdbx_mosaicity               ? 
_exptl_crystal.pdbx_mosaicity_esd           ? 
_exptl_crystal.pdbx_mosaic_method           ? 
_exptl_crystal.pdbx_mosaic_block_size       ? 
_exptl_crystal.pdbx_mosaic_block_size_esd   ? 
# 
_exptl_crystal_grow.apparatus       ? 
_exptl_crystal_grow.atmosphere      ? 
_exptl_crystal_grow.crystal_id      1 
_exptl_crystal_grow.details         ? 
_exptl_crystal_grow.method          'VAPOR DIFFUSION, HANGING DROP' 
_exptl_crystal_grow.method_ref      ? 
_exptl_crystal_grow.pH              8.0 
_exptl_crystal_grow.pressure        ? 
_exptl_crystal_grow.pressure_esd    ? 
_exptl_crystal_grow.seeding         ? 
_exptl_crystal_grow.seeding_ref     ? 
_exptl_crystal_grow.temp_details    '338-293 at 0.4/hr' 
_exptl_crystal_grow.temp_esd        ? 
_exptl_crystal_grow.time            ? 
_exptl_crystal_grow.pdbx_details    '100 mM MOPS, 1.25 M magnesium sulfate' 
_exptl_crystal_grow.pdbx_pH_range   8.0 
_exptl_crystal_grow.temp            293 
# 
_diffrn.ambient_environment              ? 
_diffrn.ambient_temp                     100 
_diffrn.ambient_temp_details             ? 
_diffrn.ambient_temp_esd                 ? 
_diffrn.crystal_id                       1 
_diffrn.crystal_support                  ? 
_diffrn.crystal_treatment                ? 
_diffrn.details                          ? 
_diffrn.id                               1 
_diffrn.ambient_pressure                 ? 
_diffrn.ambient_pressure_esd             ? 
_diffrn.ambient_pressure_gt              ? 
_diffrn.ambient_pressure_lt              ? 
_diffrn.ambient_temp_gt                  ? 
_diffrn.ambient_temp_lt                  ? 
_diffrn.pdbx_serial_crystal_experiment   N 
# 
_diffrn_detector.details                      ? 
_diffrn_detector.detector                     PIXEL 
_diffrn_detector.diffrn_id                    1 
_diffrn_detector.type                         'DECTRIS EIGER X 9M' 
_diffrn_detector.area_resol_mean              ? 
_diffrn_detector.dtime                        ? 
_diffrn_detector.pdbx_frames_total            ? 
_diffrn_detector.pdbx_collection_time_total   ? 
_diffrn_detector.pdbx_collection_date         2023-03-19 
_diffrn_detector.pdbx_frequency               ? 
_diffrn_detector.id                           ? 
_diffrn_detector.number_of_axes               ? 
# 
_diffrn_radiation.collimation                      ? 
_diffrn_radiation.diffrn_id                        1 
_diffrn_radiation.filter_edge                      ? 
_diffrn_radiation.inhomogeneity                    ? 
_diffrn_radiation.monochromator                    ? 
_diffrn_radiation.polarisn_norm                    ? 
_diffrn_radiation.polarisn_ratio                   ? 
_diffrn_radiation.probe                            ? 
_diffrn_radiation.type                             ? 
_diffrn_radiation.xray_symbol                      ? 
_diffrn_radiation.wavelength_id                    1 
_diffrn_radiation.pdbx_monochromatic_or_laue_m_l   M 
_diffrn_radiation.pdbx_wavelength_list             ? 
_diffrn_radiation.pdbx_wavelength                  ? 
_diffrn_radiation.pdbx_diffrn_protocol             'SINGLE WAVELENGTH' 
_diffrn_radiation.pdbx_analyzer                    ? 
_diffrn_radiation.pdbx_scattering_type             x-ray 
# 
_diffrn_radiation_wavelength.id           1 
_diffrn_radiation_wavelength.wavelength   0.99187 
_diffrn_radiation_wavelength.wt           1.0 
# 
_diffrn_source.current                     ? 
_diffrn_source.details                     ? 
_diffrn_source.diffrn_id                   1 
_diffrn_source.power                       ? 
_diffrn_source.size                        ? 
_diffrn_source.source                      SYNCHROTRON 
_diffrn_source.target                      ? 
_diffrn_source.type                        'APS BEAMLINE 17-ID' 
_diffrn_source.voltage                     ? 
_diffrn_source.take-off_angle              ? 
_diffrn_source.pdbx_wavelength_list        0.99187 
_diffrn_source.pdbx_wavelength             ? 
_diffrn_source.pdbx_synchrotron_beamline   17-ID 
_diffrn_source.pdbx_synchrotron_site       APS 
# 
_reflns.B_iso_Wilson_estimate                          314.13 
_reflns.entry_id                                       9NBV 
_reflns.data_reduction_details                         ? 
_reflns.data_reduction_method                          ? 
_reflns.d_resolution_high                              5.966 
_reflns.d_resolution_low                               59.748 
_reflns.details                                        ? 
_reflns.limit_h_max                                    ? 
_reflns.limit_h_min                                    ? 
_reflns.limit_k_max                                    ? 
_reflns.limit_k_min                                    ? 
_reflns.limit_l_max                                    ? 
_reflns.limit_l_min                                    ? 
_reflns.number_all                                     ? 
_reflns.number_obs                                     567 
_reflns.observed_criterion                             ? 
_reflns.observed_criterion_F_max                       ? 
_reflns.observed_criterion_F_min                       ? 
_reflns.observed_criterion_I_max                       ? 
_reflns.observed_criterion_I_min                       ? 
_reflns.observed_criterion_sigma_F                     ? 
_reflns.observed_criterion_sigma_I                     ? 
_reflns.percent_possible_obs                           80.7 
_reflns.R_free_details                                 ? 
_reflns.Rmerge_F_all                                   ? 
_reflns.Rmerge_F_obs                                   ? 
_reflns.Friedel_coverage                               ? 
_reflns.number_gt                                      ? 
_reflns.threshold_expression                           ? 
_reflns.pdbx_redundancy                                10.8 
_reflns.pdbx_netI_over_av_sigmaI                       ? 
_reflns.pdbx_netI_over_sigmaI                          4.9 
_reflns.pdbx_res_netI_over_av_sigmaI_2                 ? 
_reflns.pdbx_res_netI_over_sigmaI_2                    ? 
_reflns.pdbx_chi_squared                               ? 
_reflns.pdbx_scaling_rejects                           ? 
_reflns.pdbx_d_res_high_opt                            ? 
_reflns.pdbx_d_res_low_opt                             ? 
_reflns.pdbx_d_res_opt_method                          ? 
_reflns.phase_calculation_details                      ? 
_reflns.pdbx_Rrim_I_all                                ? 
_reflns.pdbx_Rpim_I_all                                ? 
_reflns.pdbx_d_opt                                     ? 
_reflns.pdbx_number_measured_all                       ? 
_reflns.pdbx_diffrn_id                                 1 
_reflns.pdbx_ordinal                                   1 
_reflns.pdbx_CC_half                                   0.996 
_reflns.pdbx_CC_star                                   ? 
_reflns.pdbx_R_split                                   ? 
_reflns.pdbx_Rmerge_I_obs                              ? 
_reflns.pdbx_Rmerge_I_all                              ? 
_reflns.pdbx_Rsym_value                                ? 
_reflns.pdbx_CC_split_method                           ? 
_reflns.pdbx_aniso_diffraction_limit_axis_1_ortho[1]   ? 
_reflns.pdbx_aniso_diffraction_limit_axis_1_ortho[2]   ? 
_reflns.pdbx_aniso_diffraction_limit_axis_1_ortho[3]   ? 
_reflns.pdbx_aniso_diffraction_limit_axis_2_ortho[1]   ? 
_reflns.pdbx_aniso_diffraction_limit_axis_2_ortho[2]   ? 
_reflns.pdbx_aniso_diffraction_limit_axis_2_ortho[3]   ? 
_reflns.pdbx_aniso_diffraction_limit_axis_3_ortho[1]   ? 
_reflns.pdbx_aniso_diffraction_limit_axis_3_ortho[2]   ? 
_reflns.pdbx_aniso_diffraction_limit_axis_3_ortho[3]   ? 
_reflns.pdbx_aniso_diffraction_limit_1                 ? 
_reflns.pdbx_aniso_diffraction_limit_2                 ? 
_reflns.pdbx_aniso_diffraction_limit_3                 ? 
_reflns.pdbx_aniso_B_tensor_eigenvector_1_ortho[1]     ? 
_reflns.pdbx_aniso_B_tensor_eigenvector_1_ortho[2]     ? 
_reflns.pdbx_aniso_B_tensor_eigenvector_1_ortho[3]     ? 
_reflns.pdbx_aniso_B_tensor_eigenvector_2_ortho[1]     ? 
_reflns.pdbx_aniso_B_tensor_eigenvector_2_ortho[2]     ? 
_reflns.pdbx_aniso_B_tensor_eigenvector_2_ortho[3]     ? 
_reflns.pdbx_aniso_B_tensor_eigenvector_3_ortho[1]     ? 
_reflns.pdbx_aniso_B_tensor_eigenvector_3_ortho[2]     ? 
_reflns.pdbx_aniso_B_tensor_eigenvector_3_ortho[3]     ? 
_reflns.pdbx_aniso_B_tensor_eigenvalue_1               ? 
_reflns.pdbx_aniso_B_tensor_eigenvalue_2               ? 
_reflns.pdbx_aniso_B_tensor_eigenvalue_3               ? 
_reflns.pdbx_orthogonalization_convention              ? 
_reflns.pdbx_percent_possible_ellipsoidal              ? 
_reflns.pdbx_percent_possible_spherical                ? 
_reflns.pdbx_percent_possible_ellipsoidal_anomalous    ? 
_reflns.pdbx_percent_possible_spherical_anomalous      ? 
_reflns.pdbx_redundancy_anomalous                      ? 
_reflns.pdbx_CC_half_anomalous                         ? 
_reflns.pdbx_absDiff_over_sigma_anomalous              ? 
_reflns.pdbx_percent_possible_anomalous                ? 
_reflns.pdbx_observed_signal_threshold                 ? 
_reflns.pdbx_signal_type                               ? 
_reflns.pdbx_signal_details                            ? 
_reflns.pdbx_signal_software_id                        ? 
# 
loop_
_reflns_shell.d_res_high 
_reflns_shell.d_res_low 
_reflns_shell.meanI_over_sigI_all 
_reflns_shell.meanI_over_sigI_obs 
_reflns_shell.number_measured_all 
_reflns_shell.number_measured_obs 
_reflns_shell.number_possible 
_reflns_shell.number_unique_all 
_reflns_shell.number_unique_obs 
_reflns_shell.percent_possible_obs 
_reflns_shell.Rmerge_F_all 
_reflns_shell.Rmerge_F_obs 
_reflns_shell.meanI_over_sigI_gt 
_reflns_shell.meanI_over_uI_all 
_reflns_shell.meanI_over_uI_gt 
_reflns_shell.number_measured_gt 
_reflns_shell.number_unique_gt 
_reflns_shell.percent_possible_gt 
_reflns_shell.Rmerge_F_gt 
_reflns_shell.Rmerge_I_gt 
_reflns_shell.pdbx_redundancy 
_reflns_shell.pdbx_chi_squared 
_reflns_shell.pdbx_netI_over_sigmaI_all 
_reflns_shell.pdbx_netI_over_sigmaI_obs 
_reflns_shell.pdbx_Rrim_I_all 
_reflns_shell.pdbx_Rpim_I_all 
_reflns_shell.pdbx_rejects 
_reflns_shell.pdbx_ordinal 
_reflns_shell.pdbx_diffrn_id 
_reflns_shell.pdbx_CC_half 
_reflns_shell.pdbx_CC_star 
_reflns_shell.pdbx_R_split 
_reflns_shell.percent_possible_all 
_reflns_shell.Rmerge_I_all 
_reflns_shell.Rmerge_I_obs 
_reflns_shell.pdbx_Rsym_value 
_reflns_shell.pdbx_percent_possible_ellipsoidal 
_reflns_shell.pdbx_percent_possible_spherical 
_reflns_shell.pdbx_percent_possible_ellipsoidal_anomalous 
_reflns_shell.pdbx_percent_possible_spherical_anomalous 
_reflns_shell.pdbx_redundancy_anomalous 
_reflns_shell.pdbx_CC_half_anomalous 
_reflns_shell.pdbx_absDiff_over_sigma_anomalous 
_reflns_shell.pdbx_percent_possible_anomalous 
5.966 7.610  ? ? ? ? ? ? 189 ? ? ? ? ? ? ? ? ? ? ? ? ? ? ? ? ? ? 1 1 0.734 ? ? ? ? ? ? ? ? ? ? ? ? ? ? 
9.943 59.748 ? ? ? ? ? ? 187 ? ? ? ? ? ? ? ? ? ? ? ? ? ? ? ? ? ? 2 1 0.996 ? ? ? ? ? ? ? ? ? ? ? ? ? ? 
# 
_refine.aniso_B[1][1]                            ? 
_refine.aniso_B[1][2]                            ? 
_refine.aniso_B[1][3]                            ? 
_refine.aniso_B[2][2]                            ? 
_refine.aniso_B[2][3]                            ? 
_refine.aniso_B[3][3]                            ? 
_refine.B_iso_max                                ? 
_refine.B_iso_mean                               557.45 
_refine.B_iso_min                                ? 
_refine.correlation_coeff_Fo_to_Fc               ? 
_refine.correlation_coeff_Fo_to_Fc_free          ? 
_refine.details                                  ? 
_refine.diff_density_max                         ? 
_refine.diff_density_max_esd                     ? 
_refine.diff_density_min                         ? 
_refine.diff_density_min_esd                     ? 
_refine.diff_density_rms                         ? 
_refine.diff_density_rms_esd                     ? 
_refine.entry_id                                 9NBV 
_refine.pdbx_refine_id                           'X-RAY DIFFRACTION' 
_refine.ls_abs_structure_details                 ? 
_refine.ls_abs_structure_Flack                   ? 
_refine.ls_abs_structure_Flack_esd               ? 
_refine.ls_abs_structure_Rogers                  ? 
_refine.ls_abs_structure_Rogers_esd              ? 
_refine.ls_d_res_high                            5.97 
_refine.ls_d_res_low                             35.52 
_refine.ls_extinction_coef                       ? 
_refine.ls_extinction_coef_esd                   ? 
_refine.ls_extinction_expression                 ? 
_refine.ls_extinction_method                     ? 
_refine.ls_goodness_of_fit_all                   ? 
_refine.ls_goodness_of_fit_all_esd               ? 
_refine.ls_goodness_of_fit_obs                   ? 
_refine.ls_goodness_of_fit_obs_esd               ? 
_refine.ls_hydrogen_treatment                    ? 
_refine.ls_matrix_type                           ? 
_refine.ls_number_constraints                    ? 
_refine.ls_number_parameters                     ? 
_refine.ls_number_reflns_all                     ? 
_refine.ls_number_reflns_obs                     549 
_refine.ls_number_reflns_R_free                  36 
_refine.ls_number_reflns_R_work                  513 
_refine.ls_number_restraints                     ? 
_refine.ls_percent_reflns_obs                    61.48 
_refine.ls_percent_reflns_R_free                 6.56 
_refine.ls_R_factor_all                          ? 
_refine.ls_R_factor_obs                          0.2893 
_refine.ls_R_factor_R_free                       0.3809 
_refine.ls_R_factor_R_free_error                 ? 
_refine.ls_R_factor_R_free_error_details         ? 
_refine.ls_R_factor_R_work                       0.2854 
_refine.ls_R_Fsqd_factor_obs                     ? 
_refine.ls_R_I_factor_obs                        ? 
_refine.ls_redundancy_reflns_all                 ? 
_refine.ls_redundancy_reflns_obs                 ? 
_refine.ls_restrained_S_all                      ? 
_refine.ls_restrained_S_obs                      ? 
_refine.ls_shift_over_esd_max                    ? 
_refine.ls_shift_over_esd_mean                   ? 
_refine.ls_structure_factor_coef                 ? 
_refine.ls_weighting_details                     ? 
_refine.ls_weighting_scheme                      ? 
_refine.ls_wR_factor_all                         ? 
_refine.ls_wR_factor_obs                         ? 
_refine.ls_wR_factor_R_free                      ? 
_refine.ls_wR_factor_R_work                      ? 
_refine.occupancy_max                            ? 
_refine.occupancy_min                            ? 
_refine.solvent_model_details                    'FLAT BULK SOLVENT MODEL' 
_refine.solvent_model_param_bsol                 ? 
_refine.solvent_model_param_ksol                 ? 
_refine.correlation_coeff_I_to_Fcsqd_work        ? 
_refine.correlation_coeff_I_to_Fcsqd_free        ? 
_refine.pdbx_R_complete                          ? 
_refine.ls_R_factor_gt                           ? 
_refine.ls_goodness_of_fit_gt                    ? 
_refine.ls_goodness_of_fit_ref                   ? 
_refine.ls_shift_over_su_max                     ? 
_refine.ls_shift_over_su_max_lt                  ? 
_refine.ls_shift_over_su_mean                    ? 
_refine.ls_shift_over_su_mean_lt                 ? 
_refine.pdbx_ls_sigma_I                          ? 
_refine.pdbx_ls_sigma_F                          1.98 
_refine.pdbx_ls_sigma_Fsqd                       ? 
_refine.pdbx_data_cutoff_high_absF               ? 
_refine.pdbx_data_cutoff_high_rms_absF           ? 
_refine.pdbx_data_cutoff_low_absF                ? 
_refine.pdbx_isotropic_thermal_model             ? 
_refine.pdbx_ls_cross_valid_method               'FREE R-VALUE' 
_refine.pdbx_method_to_determine_struct          'MOLECULAR REPLACEMENT' 
_refine.pdbx_starting_model                      ? 
_refine.pdbx_stereochemistry_target_values       'GeoStd + Monomer Library + CDL v1.2' 
_refine.pdbx_R_Free_selection_details            ? 
_refine.pdbx_stereochem_target_val_spec_case     ? 
_refine.pdbx_overall_ESU_R                       ? 
_refine.pdbx_overall_ESU_R_Free                  ? 
_refine.pdbx_solvent_vdw_probe_radii             1.1000 
_refine.pdbx_solvent_ion_probe_radii             ? 
_refine.pdbx_solvent_shrinkage_radii             0.9000 
_refine.pdbx_real_space_R                        ? 
_refine.pdbx_density_correlation                 ? 
_refine.pdbx_pd_number_of_powder_patterns        ? 
_refine.pdbx_pd_number_of_points                 ? 
_refine.pdbx_pd_meas_number_of_points            ? 
_refine.pdbx_pd_proc_ls_prof_R_factor            ? 
_refine.pdbx_pd_proc_ls_prof_wR_factor           ? 
_refine.pdbx_pd_Marquardt_correlation_coeff      ? 
_refine.pdbx_pd_Fsqrd_R_factor                   ? 
_refine.pdbx_pd_ls_matrix_band_width             ? 
_refine.pdbx_overall_phase_error                 48.8155 
_refine.pdbx_overall_SU_R_free_Cruickshank_DPI   ? 
_refine.pdbx_overall_SU_R_free_Blow_DPI          ? 
_refine.pdbx_overall_SU_R_Blow_DPI               ? 
_refine.pdbx_TLS_residual_ADP_flag               ? 
_refine.pdbx_diffrn_id                           1 
_refine.overall_SU_B                             ? 
_refine.overall_SU_ML                            1.5477 
_refine.overall_SU_R_Cruickshank_DPI             ? 
_refine.overall_SU_R_free                        ? 
_refine.overall_FOM_free_R_set                   ? 
_refine.overall_FOM_work_R_set                   ? 
_refine.pdbx_average_fsc_overall                 ? 
_refine.pdbx_average_fsc_work                    ? 
_refine.pdbx_average_fsc_free                    ? 
# 
_refine_hist.pdbx_refine_id                   'X-RAY DIFFRACTION' 
_refine_hist.cycle_id                         LAST 
_refine_hist.details                          ? 
_refine_hist.d_res_high                       5.97 
_refine_hist.d_res_low                        35.52 
_refine_hist.number_atoms_solvent             0 
_refine_hist.number_atoms_total               858 
_refine_hist.number_reflns_all                ? 
_refine_hist.number_reflns_obs                ? 
_refine_hist.number_reflns_R_free             ? 
_refine_hist.number_reflns_R_work             ? 
_refine_hist.R_factor_all                     ? 
_refine_hist.R_factor_obs                     ? 
_refine_hist.R_factor_R_free                  ? 
_refine_hist.R_factor_R_work                  ? 
_refine_hist.pdbx_number_residues_total       ? 
_refine_hist.pdbx_B_iso_mean_ligand           ? 
_refine_hist.pdbx_B_iso_mean_solvent          ? 
_refine_hist.pdbx_number_atoms_protein        0 
_refine_hist.pdbx_number_atoms_nucleic_acid   858 
_refine_hist.pdbx_number_atoms_ligand         0 
_refine_hist.pdbx_number_atoms_lipid          ? 
_refine_hist.pdbx_number_atoms_carb           ? 
_refine_hist.pdbx_pseudo_atom_details         ? 
# 
loop_
_refine_ls_restr.pdbx_refine_id 
_refine_ls_restr.criterion 
_refine_ls_restr.dev_ideal 
_refine_ls_restr.dev_ideal_target 
_refine_ls_restr.number 
_refine_ls_restr.rejects 
_refine_ls_restr.type 
_refine_ls_restr.weight 
_refine_ls_restr.pdbx_restraint_function 
'X-RAY DIFFRACTION' ? 0.0042  ? 959  ? f_bond_d           ? ? 
'X-RAY DIFFRACTION' ? 0.6307  ? 1471 ? f_angle_d          ? ? 
'X-RAY DIFFRACTION' ? 0.0284  ? 167  ? f_chiral_restr     ? ? 
'X-RAY DIFFRACTION' ? 0.0026  ? 42   ? f_plane_restr      ? ? 
'X-RAY DIFFRACTION' ? 38.9145 ? 407  ? f_dihedral_angle_d ? ? 
# 
_refine_ls_shell.pdbx_refine_id                      'X-RAY DIFFRACTION' 
_refine_ls_shell.d_res_high                          5.97 
_refine_ls_shell.d_res_low                           35.52 
_refine_ls_shell.number_reflns_all                   ? 
_refine_ls_shell.number_reflns_obs                   ? 
_refine_ls_shell.number_reflns_R_free                36 
_refine_ls_shell.number_reflns_R_work                513 
_refine_ls_shell.percent_reflns_obs                  61.48 
_refine_ls_shell.percent_reflns_R_free               ? 
_refine_ls_shell.R_factor_all                        ? 
_refine_ls_shell.R_factor_obs                        ? 
_refine_ls_shell.R_factor_R_free_error               ? 
_refine_ls_shell.R_factor_R_work                     0.2854 
_refine_ls_shell.redundancy_reflns_all               ? 
_refine_ls_shell.redundancy_reflns_obs               ? 
_refine_ls_shell.wR_factor_all                       ? 
_refine_ls_shell.wR_factor_obs                       ? 
_refine_ls_shell.wR_factor_R_free                    ? 
_refine_ls_shell.wR_factor_R_work                    ? 
_refine_ls_shell.pdbx_R_complete                     ? 
_refine_ls_shell.correlation_coeff_Fo_to_Fc          ? 
_refine_ls_shell.correlation_coeff_Fo_to_Fc_free     ? 
_refine_ls_shell.correlation_coeff_I_to_Fcsqd_work   ? 
_refine_ls_shell.correlation_coeff_I_to_Fcsqd_free   ? 
_refine_ls_shell.pdbx_total_number_of_bins_used      ? 
_refine_ls_shell.pdbx_phase_error                    ? 
_refine_ls_shell.pdbx_fsc_work                       ? 
_refine_ls_shell.pdbx_fsc_free                       ? 
_refine_ls_shell.R_factor_R_free                     0.3809 
# 
_struct.entry_id                     9NBV 
_struct.title                        
'[5,7,8-1] Shifted tensegrity triangle with an (arm,center,arm) distribution of (5,7,8) base pairs and 1 nt sticky ends' 
_struct.pdbx_model_details           ? 
_struct.pdbx_formula_weight          ? 
_struct.pdbx_formula_weight_method   ? 
_struct.pdbx_model_type_details      ? 
_struct.pdbx_CASP_flag               N 
# 
_struct_keywords.entry_id        9NBV 
_struct_keywords.text            'tensegrity triangle, DNA' 
_struct_keywords.pdbx_keywords   DNA 
# 
loop_
_struct_asym.id 
_struct_asym.pdbx_blank_PDB_chainid_flag 
_struct_asym.pdbx_modified 
_struct_asym.entity_id 
_struct_asym.details 
A N N 1 ? 
B N N 2 ? 
C N N 3 ? 
D N N 4 ? 
# 
loop_
_struct_ref.id 
_struct_ref.db_name 
_struct_ref.db_code 
_struct_ref.pdbx_db_accession 
_struct_ref.pdbx_db_isoform 
_struct_ref.entity_id 
_struct_ref.pdbx_seq_one_letter_code 
_struct_ref.pdbx_align_begin 
1 PDB 9NBV 9NBV ? 1 ? 1 
2 PDB 9NBV 9NBV ? 2 ? 1 
3 PDB 9NBV 9NBV ? 3 ? 1 
4 PDB 9NBV 9NBV ? 4 ? 1 
# 
loop_
_struct_ref_seq.align_id 
_struct_ref_seq.ref_id 
_struct_ref_seq.pdbx_PDB_id_code 
_struct_ref_seq.pdbx_strand_id 
_struct_ref_seq.seq_align_beg 
_struct_ref_seq.pdbx_seq_align_beg_ins_code 
_struct_ref_seq.seq_align_end 
_struct_ref_seq.pdbx_seq_align_end_ins_code 
_struct_ref_seq.pdbx_db_accession 
_struct_ref_seq.db_align_beg 
_struct_ref_seq.pdbx_db_align_beg_ins_code 
_struct_ref_seq.db_align_end 
_struct_ref_seq.pdbx_db_align_end_ins_code 
_struct_ref_seq.pdbx_auth_seq_align_beg 
_struct_ref_seq.pdbx_auth_seq_align_end 
1 1 9NBV A 1 ? 10 ? 9NBV 103 ? 112 ? 103 112 
2 2 9NBV B 1 ? 7  ? 9NBV 105 ? 114 ? 105 114 
3 3 9NBV C 1 ? 14 ? 9NBV 100 ? 113 ? 100 113 
4 4 9NBV D 1 ? 11 ? 9NBV 113 ? 123 ? 113 123 
# 
_pdbx_struct_assembly.id                   1 
_pdbx_struct_assembly.details              author_defined_assembly 
_pdbx_struct_assembly.method_details       ? 
_pdbx_struct_assembly.oligomeric_details   dodecameric 
_pdbx_struct_assembly.oligomeric_count     12 
# 
loop_
_pdbx_struct_assembly_gen.assembly_id 
_pdbx_struct_assembly_gen.oper_expression 
_pdbx_struct_assembly_gen.asym_id_list 
1 1 A,B,C,D 
1 2 A,B,C,D 
1 3 A,B,C,D 
# 
_pdbx_struct_assembly_auth_evidence.id                     1 
_pdbx_struct_assembly_auth_evidence.assembly_id            1 
_pdbx_struct_assembly_auth_evidence.experimental_support   'native gel electrophoresis' 
_pdbx_struct_assembly_auth_evidence.details                ? 
# 
loop_
_pdbx_struct_oper_list.id 
_pdbx_struct_oper_list.type 
_pdbx_struct_oper_list.name 
_pdbx_struct_oper_list.symmetry_operation 
_pdbx_struct_oper_list.matrix[1][1] 
_pdbx_struct_oper_list.matrix[1][2] 
_pdbx_struct_oper_list.matrix[1][3] 
_pdbx_struct_oper_list.vector[1] 
_pdbx_struct_oper_list.matrix[2][1] 
_pdbx_struct_oper_list.matrix[2][2] 
_pdbx_struct_oper_list.matrix[2][3] 
_pdbx_struct_oper_list.vector[2] 
_pdbx_struct_oper_list.matrix[3][1] 
_pdbx_struct_oper_list.matrix[3][2] 
_pdbx_struct_oper_list.matrix[3][3] 
_pdbx_struct_oper_list.vector[3] 
1 'identity operation'         1_555 x,y,z     1.0000000000 0.0000000000  0.0000000000  0.0000000000  0.0000000000  1.0000000000  0.0000000000  0.0000000000  0.0000000000  0.0000000000  1.0000000000  0.0000000000  
2 'crystal symmetry operation' 2_555 -y,x-y,z  0.8285732634 -0.3516903727 -0.4356377267 11.9213557444 -0.5477077114 -0.3477846619 -0.7609612945 33.6643889758 0.1161146418  0.8691143254  -0.4807886015 4.3787198056  
3 'crystal symmetry operation' 3_555 -x+y,-x,z 0.8285732634 -0.5477077114 0.1161146418  8.0520953279  -0.3516903727 -0.3477846619 0.8691143254  12.0949760733 -0.4356377267 -0.7609612945 -0.4807886015 32.9159279020 
# 
loop_
_struct_conn.id 
_struct_conn.conn_type_id 
_struct_conn.pdbx_leaving_atom_flag 
_struct_conn.pdbx_PDB_id 
_struct_conn.ptnr1_label_asym_id 
_struct_conn.ptnr1_label_comp_id 
_struct_conn.ptnr1_label_seq_id 
_struct_conn.ptnr1_label_atom_id 
_struct_conn.pdbx_ptnr1_label_alt_id 
_struct_conn.pdbx_ptnr1_PDB_ins_code 
_struct_conn.pdbx_ptnr1_standard_comp_id 
_struct_conn.ptnr1_symmetry 
_struct_conn.ptnr2_label_asym_id 
_struct_conn.ptnr2_label_comp_id 
_struct_conn.ptnr2_label_seq_id 
_struct_conn.ptnr2_label_atom_id 
_struct_conn.pdbx_ptnr2_label_alt_id 
_struct_conn.pdbx_ptnr2_PDB_ins_code 
_struct_conn.ptnr1_auth_asym_id 
_struct_conn.ptnr1_auth_comp_id 
_struct_conn.ptnr1_auth_seq_id 
_struct_conn.ptnr2_auth_asym_id 
_struct_conn.ptnr2_auth_comp_id 
_struct_conn.ptnr2_auth_seq_id 
_struct_conn.ptnr2_symmetry 
_struct_conn.pdbx_ptnr3_label_atom_id 
_struct_conn.pdbx_ptnr3_label_seq_id 
_struct_conn.pdbx_ptnr3_label_comp_id 
_struct_conn.pdbx_ptnr3_label_asym_id 
_struct_conn.pdbx_ptnr3_label_alt_id 
_struct_conn.pdbx_ptnr3_PDB_ins_code 
_struct_conn.details 
_struct_conn.pdbx_dist_value 
_struct_conn.pdbx_value_order 
_struct_conn.pdbx_role 
hydrog1  hydrog ? ? A DG 2 N1 ? ? ? 1_555 C DC 14 N3 ? ? A DG 104 C DC 113 1_555 ? ? ? ? ? ? WATSON-CRICK ? ? ? 
hydrog2  hydrog ? ? A DG 2 N2 ? ? ? 1_555 C DC 14 O2 ? ? A DG 104 C DC 113 1_555 ? ? ? ? ? ? WATSON-CRICK ? ? ? 
hydrog3  hydrog ? ? A DG 2 O6 ? ? ? 1_555 C DC 14 N4 ? ? A DG 104 C DC 113 1_555 ? ? ? ? ? ? WATSON-CRICK ? ? ? 
hydrog4  hydrog ? ? A DC 3 N3 ? ? ? 1_555 C DG 13 N1 ? ? A DC 105 C DG 112 1_555 ? ? ? ? ? ? WATSON-CRICK ? ? ? 
hydrog5  hydrog ? ? A DC 3 N4 ? ? ? 1_555 C DG 13 O6 ? ? A DC 105 C DG 112 1_555 ? ? ? ? ? ? WATSON-CRICK ? ? ? 
hydrog6  hydrog ? ? A DC 3 O2 ? ? ? 1_555 C DG 13 N2 ? ? A DC 105 C DG 112 1_555 ? ? ? ? ? ? WATSON-CRICK ? ? ? 
hydrog7  hydrog ? ? A DA 4 N1 ? ? ? 1_555 C DT 12 N3 ? ? A DA 106 C DT 111 1_555 ? ? ? ? ? ? WATSON-CRICK ? ? ? 
hydrog8  hydrog ? ? A DA 4 N6 ? ? ? 1_555 C DT 12 O4 ? ? A DA 106 C DT 111 1_555 ? ? ? ? ? ? WATSON-CRICK ? ? ? 
hydrog9  hydrog ? ? A DC 5 N3 ? ? ? 1_555 C DG 11 N1 ? ? A DC 107 C DG 110 1_555 ? ? ? ? ? ? WATSON-CRICK ? ? ? 
hydrog10 hydrog ? ? A DC 5 N4 ? ? ? 1_555 C DG 11 O6 ? ? A DC 107 C DG 110 1_555 ? ? ? ? ? ? WATSON-CRICK ? ? ? 
hydrog11 hydrog ? ? A DC 5 O2 ? ? ? 1_555 C DG 11 N2 ? ? A DC 107 C DG 110 1_555 ? ? ? ? ? ? WATSON-CRICK ? ? ? 
hydrog12 hydrog ? ? A DC 6 N3 ? ? ? 1_555 C DG 10 N1 ? ? A DC 108 C DG 109 1_555 ? ? ? ? ? ? WATSON-CRICK ? ? ? 
hydrog13 hydrog ? ? A DC 6 N4 ? ? ? 1_555 C DG 10 O6 ? ? A DC 108 C DG 109 1_555 ? ? ? ? ? ? WATSON-CRICK ? ? ? 
hydrog14 hydrog ? ? A DC 6 O2 ? ? ? 1_555 C DG 10 N2 ? ? A DC 108 C DG 109 1_555 ? ? ? ? ? ? WATSON-CRICK ? ? ? 
hydrog15 hydrog ? ? A DT 7 N3 ? ? ? 1_555 B DA 3  N1 ? ? A DT 109 B DA 107 1_555 ? ? ? ? ? ? WATSON-CRICK ? ? ? 
hydrog16 hydrog ? ? A DT 7 O4 ? ? ? 1_555 B DA 3  N6 ? ? A DT 109 B DA 107 1_555 ? ? ? ? ? ? WATSON-CRICK ? ? ? 
hydrog17 hydrog ? ? A DG 8 N1 ? ? ? 1_555 B DC 2  N3 ? ? A DG 110 B DC 106 1_555 ? ? ? ? ? ? WATSON-CRICK ? ? ? 
hydrog18 hydrog ? ? A DG 8 N2 ? ? ? 1_555 B DC 2  O2 ? ? A DG 110 B DC 106 1_555 ? ? ? ? ? ? WATSON-CRICK ? ? ? 
hydrog19 hydrog ? ? A DG 8 O6 ? ? ? 1_555 B DC 2  N4 ? ? A DG 110 B DC 106 1_555 ? ? ? ? ? ? WATSON-CRICK ? ? ? 
hydrog20 hydrog ? ? A DT 9 N3 ? ? ? 1_555 B DA 1  N1 ? ? A DT 111 B DA 105 1_555 ? ? ? ? ? ? WATSON-CRICK ? ? ? 
hydrog21 hydrog ? ? A DT 9 O4 ? ? ? 1_555 B DA 1  N6 ? ? A DT 111 B DA 105 1_555 ? ? ? ? ? ? WATSON-CRICK ? ? ? 
hydrog22 hydrog ? ? B DC 4 N3 ? ? ? 1_555 D DG 3  N1 ? ? B DC 111 D DG 115 1_555 ? ? ? ? ? ? WATSON-CRICK ? ? ? 
hydrog23 hydrog ? ? B DC 4 N4 ? ? ? 1_555 D DG 3  O6 ? ? B DC 111 D DG 115 1_555 ? ? ? ? ? ? WATSON-CRICK ? ? ? 
hydrog24 hydrog ? ? B DC 4 O2 ? ? ? 1_555 D DG 3  N2 ? ? B DC 111 D DG 115 1_555 ? ? ? ? ? ? WATSON-CRICK ? ? ? 
hydrog25 hydrog ? ? B DC 5 N3 ? ? ? 1_555 D DG 2  N1 ? ? B DC 112 D DG 114 1_555 ? ? ? ? ? ? WATSON-CRICK ? ? ? 
hydrog26 hydrog ? ? B DC 5 N4 ? ? ? 1_555 D DG 2  O6 ? ? B DC 112 D DG 114 1_555 ? ? ? ? ? ? WATSON-CRICK ? ? ? 
hydrog27 hydrog ? ? B DC 5 O2 ? ? ? 1_555 D DG 2  N2 ? ? B DC 112 D DG 114 1_555 ? ? ? ? ? ? WATSON-CRICK ? ? ? 
hydrog28 hydrog ? ? B DG 6 N1 ? ? ? 1_555 D DC 1  N3 ? ? B DG 113 D DC 113 1_555 ? ? ? ? ? ? WATSON-CRICK ? ? ? 
hydrog29 hydrog ? ? B DG 6 N2 ? ? ? 1_555 D DC 1  O2 ? ? B DG 113 D DC 113 1_555 ? ? ? ? ? ? WATSON-CRICK ? ? ? 
hydrog30 hydrog ? ? B DG 6 O6 ? ? ? 1_555 D DC 1  N4 ? ? B DG 113 D DC 113 1_555 ? ? ? ? ? ? WATSON-CRICK ? ? ? 
hydrog31 hydrog ? ? C DC 2 N3 ? ? ? 1_555 D DG 11 N1 ? ? C DC 101 D DG 123 1_555 ? ? ? ? ? ? WATSON-CRICK ? ? ? 
hydrog32 hydrog ? ? C DC 2 N4 ? ? ? 1_555 D DG 11 O6 ? ? C DC 101 D DG 123 1_555 ? ? ? ? ? ? WATSON-CRICK ? ? ? 
hydrog33 hydrog ? ? C DC 2 O2 ? ? ? 1_555 D DG 11 N2 ? ? C DC 101 D DG 123 1_555 ? ? ? ? ? ? WATSON-CRICK ? ? ? 
hydrog34 hydrog ? ? C DT 3 N3 ? ? ? 1_555 D DA 10 N1 ? ? C DT 102 D DA 122 1_555 ? ? ? ? ? ? WATSON-CRICK ? ? ? 
hydrog35 hydrog ? ? C DT 3 O4 ? ? ? 1_555 D DA 10 N6 ? ? C DT 102 D DA 122 1_555 ? ? ? ? ? ? WATSON-CRICK ? ? ? 
hydrog36 hydrog ? ? C DG 4 N1 ? ? ? 1_555 D DC 9  N3 ? ? C DG 103 D DC 121 1_555 ? ? ? ? ? ? WATSON-CRICK ? ? ? 
hydrog37 hydrog ? ? C DG 4 N2 ? ? ? 1_555 D DC 9  O2 ? ? C DG 103 D DC 121 1_555 ? ? ? ? ? ? WATSON-CRICK ? ? ? 
hydrog38 hydrog ? ? C DG 4 O6 ? ? ? 1_555 D DC 9  N4 ? ? C DG 103 D DC 121 1_555 ? ? ? ? ? ? WATSON-CRICK ? ? ? 
hydrog39 hydrog ? ? C DA 5 N1 ? ? ? 1_555 D DT 8  N3 ? ? C DA 104 D DT 120 1_555 ? ? ? ? ? ? WATSON-CRICK ? ? ? 
hydrog40 hydrog ? ? C DA 5 N6 ? ? ? 1_555 D DT 8  O4 ? ? C DA 104 D DT 120 1_555 ? ? ? ? ? ? WATSON-CRICK ? ? ? 
hydrog41 hydrog ? ? C DC 6 N3 ? ? ? 1_555 D DG 7  N1 ? ? C DC 105 D DG 119 1_555 ? ? ? ? ? ? WATSON-CRICK ? ? ? 
hydrog42 hydrog ? ? C DC 6 N4 ? ? ? 1_555 D DG 7  O6 ? ? C DC 105 D DG 119 1_555 ? ? ? ? ? ? WATSON-CRICK ? ? ? 
hydrog43 hydrog ? ? C DC 6 O2 ? ? ? 1_555 D DG 7  N2 ? ? C DC 105 D DG 119 1_555 ? ? ? ? ? ? WATSON-CRICK ? ? ? 
hydrog44 hydrog ? ? C DT 7 N3 ? ? ? 1_555 D DA 6  N1 ? ? C DT 106 D DA 118 1_555 ? ? ? ? ? ? WATSON-CRICK ? ? ? 
hydrog45 hydrog ? ? C DT 7 O4 ? ? ? 1_555 D DA 6  N6 ? ? C DT 106 D DA 118 1_555 ? ? ? ? ? ? WATSON-CRICK ? ? ? 
hydrog46 hydrog ? ? C DG 8 N1 ? ? ? 1_555 D DC 5  N3 ? ? C DG 107 D DC 117 1_555 ? ? ? ? ? ? WATSON-CRICK ? ? ? 
hydrog47 hydrog ? ? C DG 8 N2 ? ? ? 1_555 D DC 5  O2 ? ? C DG 107 D DC 117 1_555 ? ? ? ? ? ? WATSON-CRICK ? ? ? 
hydrog48 hydrog ? ? C DG 8 O6 ? ? ? 1_555 D DC 5  N4 ? ? C DG 107 D DC 117 1_555 ? ? ? ? ? ? WATSON-CRICK ? ? ? 
hydrog49 hydrog ? ? C DT 9 N3 ? ? ? 1_555 D DA 4  N1 ? ? C DT 108 D DA 116 1_555 ? ? ? ? ? ? WATSON-CRICK ? ? ? 
hydrog50 hydrog ? ? C DT 9 O4 ? ? ? 1_555 D DA 4  N6 ? ? C DT 108 D DA 116 1_555 ? ? ? ? ? ? WATSON-CRICK ? ? ? 
# 
_struct_conn_type.id          hydrog 
_struct_conn_type.criteria    ? 
_struct_conn_type.reference   ? 
# 
_pdbx_entry_details.entry_id                   9NBV 
_pdbx_entry_details.nonpolymer_details         ? 
_pdbx_entry_details.sequence_details           ? 
_pdbx_entry_details.compound_details           ? 
_pdbx_entry_details.source_details             ? 
_pdbx_entry_details.has_ligand_of_interest     ? 
_pdbx_entry_details.has_protein_modification   N 
# 
_pdbx_validate_rmsd_angle.id                         1 
_pdbx_validate_rmsd_angle.PDB_model_num              1 
_pdbx_validate_rmsd_angle.auth_atom_id_1             "O4'" 
_pdbx_validate_rmsd_angle.auth_asym_id_1             C 
_pdbx_validate_rmsd_angle.auth_comp_id_1             DT 
_pdbx_validate_rmsd_angle.auth_seq_id_1              106 
_pdbx_validate_rmsd_angle.PDB_ins_code_1             ? 
_pdbx_validate_rmsd_angle.label_alt_id_1             ? 
_pdbx_validate_rmsd_angle.auth_atom_id_2             "C1'" 
_pdbx_validate_rmsd_angle.auth_asym_id_2             C 
_pdbx_validate_rmsd_angle.auth_comp_id_2             DT 
_pdbx_validate_rmsd_angle.auth_seq_id_2              106 
_pdbx_validate_rmsd_angle.PDB_ins_code_2             ? 
_pdbx_validate_rmsd_angle.label_alt_id_2             ? 
_pdbx_validate_rmsd_angle.auth_atom_id_3             N1 
_pdbx_validate_rmsd_angle.auth_asym_id_3             C 
_pdbx_validate_rmsd_angle.auth_comp_id_3             DT 
_pdbx_validate_rmsd_angle.auth_seq_id_3              106 
_pdbx_validate_rmsd_angle.PDB_ins_code_3             ? 
_pdbx_validate_rmsd_angle.label_alt_id_3             ? 
_pdbx_validate_rmsd_angle.angle_value                110.62 
_pdbx_validate_rmsd_angle.angle_target_value         108.30 
_pdbx_validate_rmsd_angle.angle_deviation            2.32 
_pdbx_validate_rmsd_angle.angle_standard_deviation   0.30 
_pdbx_validate_rmsd_angle.linker_flag                N 
# 
loop_
_space_group_symop.id 
_space_group_symop.operation_xyz 
1 x,y,z                 
2 -y,x-y,z              
3 -x+y,-x,z             
4 x+1/3,y+2/3,z+2/3     
5 -y+1/3,x-y+2/3,z+2/3  
6 -x+y+1/3,-x+2/3,z+2/3 
7 x+2/3,y+1/3,z+1/3     
8 -y+2/3,x-y+1/3,z+1/3  
9 -x+y+2/3,-x+1/3,z+1/3 
# 
loop_
_pdbx_refine_tls.id 
_pdbx_refine_tls.pdbx_refine_id 
_pdbx_refine_tls.details 
_pdbx_refine_tls.method 
_pdbx_refine_tls.origin_x 
_pdbx_refine_tls.origin_y 
_pdbx_refine_tls.origin_z 
_pdbx_refine_tls.T[1][1] 
_pdbx_refine_tls.T[1][1]_esd 
_pdbx_refine_tls.T[1][2] 
_pdbx_refine_tls.T[1][2]_esd 
_pdbx_refine_tls.T[1][3] 
_pdbx_refine_tls.T[1][3]_esd 
_pdbx_refine_tls.T[2][2] 
_pdbx_refine_tls.T[2][2]_esd 
_pdbx_refine_tls.T[2][3] 
_pdbx_refine_tls.T[2][3]_esd 
_pdbx_refine_tls.T[3][3] 
_pdbx_refine_tls.T[3][3]_esd 
_pdbx_refine_tls.L[1][1] 
_pdbx_refine_tls.L[1][1]_esd 
_pdbx_refine_tls.L[1][2] 
_pdbx_refine_tls.L[1][2]_esd 
_pdbx_refine_tls.L[1][3] 
_pdbx_refine_tls.L[1][3]_esd 
_pdbx_refine_tls.L[2][2] 
_pdbx_refine_tls.L[2][2]_esd 
_pdbx_refine_tls.L[2][3] 
_pdbx_refine_tls.L[2][3]_esd 
_pdbx_refine_tls.L[3][3] 
_pdbx_refine_tls.L[3][3]_esd 
_pdbx_refine_tls.S[1][1] 
_pdbx_refine_tls.S[1][1]_esd 
_pdbx_refine_tls.S[1][2] 
_pdbx_refine_tls.S[1][2]_esd 
_pdbx_refine_tls.S[1][3] 
_pdbx_refine_tls.S[1][3]_esd 
_pdbx_refine_tls.S[2][1] 
_pdbx_refine_tls.S[2][1]_esd 
_pdbx_refine_tls.S[2][2] 
_pdbx_refine_tls.S[2][2]_esd 
_pdbx_refine_tls.S[2][3] 
_pdbx_refine_tls.S[2][3]_esd 
_pdbx_refine_tls.S[3][1] 
_pdbx_refine_tls.S[3][1]_esd 
_pdbx_refine_tls.S[3][2] 
_pdbx_refine_tls.S[3][2]_esd 
_pdbx_refine_tls.S[3][3] 
_pdbx_refine_tls.S[3][3]_esd 
1 'X-RAY DIFFRACTION' ? refined -7.4240140872 8.64449560509   -3.17500909362 13.522761237445 ? -2.258007308852 ? 1.96272643345   ? 1.36777597191 ? -2.46745004704  ? 3.2887108084 ? 5.81520373948  ? -3.348428882102 ? 1.044550684677 ? 3.403644534596 ? 0.45756345494   ? 0.86519252091 ? 3.785431447730  ? 0.949113006840  ? 1.98441102573   ? -2.820835737060 ? 1.58551618623 ? -0.971017804169 ? -1.41647434296  ? -0.756457773906 ? 0.5848888060    ? 
2 'X-RAY DIFFRACTION' ? refined 0.0236402988  4.80930206332   8.4618841043   9.63918791325   ? -3.07519602386  ? -0.735081679164 ? 1.31393592868 ? 0.157633658622  ? 4.4570259410 ? 1.946921261454 ? -1.138195039990 ? 0.142820139197 ? 1.23684378202  ? -0.865800498583 ? 1.22565882182 ? -0.623503679927 ? -0.48411538870  ? -1.327474364526 ? 0.182553690606  ? -0.6781418546 ? 2.840004553526  ? 0.03764159705   ? -0.34069474691  ? 0.164637406129  ? 
3 'X-RAY DIFFRACTION' ? refined 0.4613387082  -4.196286585385 -2.8607163151  9.07577579950   ? -2.152108566    ? -1.665477350575 ? 5.31855154265 ? -0.697002780343 ? 1.1902252400 ? 5.8436565923   ? 2.47336114917   ? 1.43306426197  ? 6.61400073822  ? -1.87795539527  ? 1.20630554887 ? 1.12857497978   ? -0.689933071074 ? 3.955882931008  ? 1.50736567396   ? 0.12013098866 ? 2.59023172174   ? -1.781012818823 ? 5.91641501410   ? -0.253275892827 ? 
4 'X-RAY DIFFRACTION' ? refined 6.0228864176  -5.43606656115  1.2704560891   10.51892142994  ? -0.84069925915  ? -3.902136642000 ? 4.91465340679 ? -1.51762064249  ? 3.4642722588 ? 12.9189005452  ? 4.98896969560   ? -0.65749481046 ? 5.10562036264  ? -0.25999623095  ? 0.01358577789 ? 1.296827947430  ? 2.93969583720   ? -4.14371284994  ? 0.554213008942  ? 1.39867410227 ? -1.71120145854  ? 4.200135475994  ? -0.97776388083  ? -0.869456829050 ? 
# 
loop_
_pdbx_refine_tls_group.id 
_pdbx_refine_tls_group.pdbx_refine_id 
_pdbx_refine_tls_group.refine_tls_id 
_pdbx_refine_tls_group.beg_label_asym_id 
_pdbx_refine_tls_group.beg_label_seq_id 
_pdbx_refine_tls_group.beg_auth_asym_id 
_pdbx_refine_tls_group.beg_auth_seq_id 
_pdbx_refine_tls_group.beg_PDB_ins_code 
_pdbx_refine_tls_group.end_label_asym_id 
_pdbx_refine_tls_group.end_label_seq_id 
_pdbx_refine_tls_group.end_auth_asym_id 
_pdbx_refine_tls_group.end_auth_seq_id 
_pdbx_refine_tls_group.end_PDB_ins_code 
_pdbx_refine_tls_group.selection 
_pdbx_refine_tls_group.selection_details 
1 'X-RAY DIFFRACTION' 1 A ? A 103 ? A ? A 112 ? ? 
;chain 'A' and (resid 103 through 112 )
;
2 'X-RAY DIFFRACTION' 2 B ? B 105 ? B ? B 114 ? ? 
;chain 'B' and (resid 105 through 114 )
;
3 'X-RAY DIFFRACTION' 3 C ? C 100 ? C ? C 113 ? ? 
;chain 'C' and (resid 100 through 113 )
;
4 'X-RAY DIFFRACTION' 4 D ? D 113 ? D ? D 123 ? ? 
;chain 'D' and (resid 113 through 123 )
;
# 
loop_
_chem_comp_atom.comp_id 
_chem_comp_atom.atom_id 
_chem_comp_atom.type_symbol 
_chem_comp_atom.pdbx_aromatic_flag 
_chem_comp_atom.pdbx_stereo_config 
_chem_comp_atom.pdbx_ordinal 
DA OP3    O N N 1   
DA P      P N N 2   
DA OP1    O N N 3   
DA OP2    O N N 4   
DA "O5'"  O N N 5   
DA "C5'"  C N N 6   
DA "C4'"  C N R 7   
DA "O4'"  O N N 8   
DA "C3'"  C N S 9   
DA "O3'"  O N N 10  
DA "C2'"  C N N 11  
DA "C1'"  C N R 12  
DA N9     N Y N 13  
DA C8     C Y N 14  
DA N7     N Y N 15  
DA C5     C Y N 16  
DA C6     C Y N 17  
DA N6     N N N 18  
DA N1     N Y N 19  
DA C2     C Y N 20  
DA N3     N Y N 21  
DA C4     C Y N 22  
DA HOP3   H N N 23  
DA HOP2   H N N 24  
DA "H5'"  H N N 25  
DA "H5''" H N N 26  
DA "H4'"  H N N 27  
DA "H3'"  H N N 28  
DA "HO3'" H N N 29  
DA "H2'"  H N N 30  
DA "H2''" H N N 31  
DA "H1'"  H N N 32  
DA H8     H N N 33  
DA H61    H N N 34  
DA H62    H N N 35  
DA H2     H N N 36  
DC OP3    O N N 37  
DC P      P N N 38  
DC OP1    O N N 39  
DC OP2    O N N 40  
DC "O5'"  O N N 41  
DC "C5'"  C N N 42  
DC "C4'"  C N R 43  
DC "O4'"  O N N 44  
DC "C3'"  C N S 45  
DC "O3'"  O N N 46  
DC "C2'"  C N N 47  
DC "C1'"  C N R 48  
DC N1     N N N 49  
DC C2     C N N 50  
DC O2     O N N 51  
DC N3     N N N 52  
DC C4     C N N 53  
DC N4     N N N 54  
DC C5     C N N 55  
DC C6     C N N 56  
DC HOP3   H N N 57  
DC HOP2   H N N 58  
DC "H5'"  H N N 59  
DC "H5''" H N N 60  
DC "H4'"  H N N 61  
DC "H3'"  H N N 62  
DC "HO3'" H N N 63  
DC "H2'"  H N N 64  
DC "H2''" H N N 65  
DC "H1'"  H N N 66  
DC H41    H N N 67  
DC H42    H N N 68  
DC H5     H N N 69  
DC H6     H N N 70  
DG OP3    O N N 71  
DG P      P N N 72  
DG OP1    O N N 73  
DG OP2    O N N 74  
DG "O5'"  O N N 75  
DG "C5'"  C N N 76  
DG "C4'"  C N R 77  
DG "O4'"  O N N 78  
DG "C3'"  C N S 79  
DG "O3'"  O N N 80  
DG "C2'"  C N N 81  
DG "C1'"  C N R 82  
DG N9     N Y N 83  
DG C8     C Y N 84  
DG N7     N Y N 85  
DG C5     C Y N 86  
DG C6     C N N 87  
DG O6     O N N 88  
DG N1     N N N 89  
DG C2     C N N 90  
DG N2     N N N 91  
DG N3     N N N 92  
DG C4     C Y N 93  
DG HOP3   H N N 94  
DG HOP2   H N N 95  
DG "H5'"  H N N 96  
DG "H5''" H N N 97  
DG "H4'"  H N N 98  
DG "H3'"  H N N 99  
DG "HO3'" H N N 100 
DG "H2'"  H N N 101 
DG "H2''" H N N 102 
DG "H1'"  H N N 103 
DG H8     H N N 104 
DG H1     H N N 105 
DG H21    H N N 106 
DG H22    H N N 107 
DT OP3    O N N 108 
DT P      P N N 109 
DT OP1    O N N 110 
DT OP2    O N N 111 
DT "O5'"  O N N 112 
DT "C5'"  C N N 113 
DT "C4'"  C N R 114 
DT "O4'"  O N N 115 
DT "C3'"  C N S 116 
DT "O3'"  O N N 117 
DT "C2'"  C N N 118 
DT "C1'"  C N R 119 
DT N1     N N N 120 
DT C2     C N N 121 
DT O2     O N N 122 
DT N3     N N N 123 
DT C4     C N N 124 
DT O4     O N N 125 
DT C5     C N N 126 
DT C7     C N N 127 
DT C6     C N N 128 
DT HOP3   H N N 129 
DT HOP2   H N N 130 
DT "H5'"  H N N 131 
DT "H5''" H N N 132 
DT "H4'"  H N N 133 
DT "H3'"  H N N 134 
DT "HO3'" H N N 135 
DT "H2'"  H N N 136 
DT "H2''" H N N 137 
DT "H1'"  H N N 138 
DT H3     H N N 139 
DT H71    H N N 140 
DT H72    H N N 141 
DT H73    H N N 142 
DT H6     H N N 143 
# 
loop_
_chem_comp_bond.comp_id 
_chem_comp_bond.atom_id_1 
_chem_comp_bond.atom_id_2 
_chem_comp_bond.value_order 
_chem_comp_bond.pdbx_aromatic_flag 
_chem_comp_bond.pdbx_stereo_config 
_chem_comp_bond.pdbx_ordinal 
DA OP3   P      sing N N 1   
DA OP3   HOP3   sing N N 2   
DA P     OP1    doub N N 3   
DA P     OP2    sing N N 4   
DA P     "O5'"  sing N N 5   
DA OP2   HOP2   sing N N 6   
DA "O5'" "C5'"  sing N N 7   
DA "C5'" "C4'"  sing N N 8   
DA "C5'" "H5'"  sing N N 9   
DA "C5'" "H5''" sing N N 10  
DA "C4'" "O4'"  sing N N 11  
DA "C4'" "C3'"  sing N N 12  
DA "C4'" "H4'"  sing N N 13  
DA "O4'" "C1'"  sing N N 14  
DA "C3'" "O3'"  sing N N 15  
DA "C3'" "C2'"  sing N N 16  
DA "C3'" "H3'"  sing N N 17  
DA "O3'" "HO3'" sing N N 18  
DA "C2'" "C1'"  sing N N 19  
DA "C2'" "H2'"  sing N N 20  
DA "C2'" "H2''" sing N N 21  
DA "C1'" N9     sing N N 22  
DA "C1'" "H1'"  sing N N 23  
DA N9    C8     sing Y N 24  
DA N9    C4     sing Y N 25  
DA C8    N7     doub Y N 26  
DA C8    H8     sing N N 27  
DA N7    C5     sing Y N 28  
DA C5    C6     sing Y N 29  
DA C5    C4     doub Y N 30  
DA C6    N6     sing N N 31  
DA C6    N1     doub Y N 32  
DA N6    H61    sing N N 33  
DA N6    H62    sing N N 34  
DA N1    C2     sing Y N 35  
DA C2    N3     doub Y N 36  
DA C2    H2     sing N N 37  
DA N3    C4     sing Y N 38  
DC OP3   P      sing N N 39  
DC OP3   HOP3   sing N N 40  
DC P     OP1    doub N N 41  
DC P     OP2    sing N N 42  
DC P     "O5'"  sing N N 43  
DC OP2   HOP2   sing N N 44  
DC "O5'" "C5'"  sing N N 45  
DC "C5'" "C4'"  sing N N 46  
DC "C5'" "H5'"  sing N N 47  
DC "C5'" "H5''" sing N N 48  
DC "C4'" "O4'"  sing N N 49  
DC "C4'" "C3'"  sing N N 50  
DC "C4'" "H4'"  sing N N 51  
DC "O4'" "C1'"  sing N N 52  
DC "C3'" "O3'"  sing N N 53  
DC "C3'" "C2'"  sing N N 54  
DC "C3'" "H3'"  sing N N 55  
DC "O3'" "HO3'" sing N N 56  
DC "C2'" "C1'"  sing N N 57  
DC "C2'" "H2'"  sing N N 58  
DC "C2'" "H2''" sing N N 59  
DC "C1'" N1     sing N N 60  
DC "C1'" "H1'"  sing N N 61  
DC N1    C2     sing N N 62  
DC N1    C6     sing N N 63  
DC C2    O2     doub N N 64  
DC C2    N3     sing N N 65  
DC N3    C4     doub N N 66  
DC C4    N4     sing N N 67  
DC C4    C5     sing N N 68  
DC N4    H41    sing N N 69  
DC N4    H42    sing N N 70  
DC C5    C6     doub N N 71  
DC C5    H5     sing N N 72  
DC C6    H6     sing N N 73  
DG OP3   P      sing N N 74  
DG OP3   HOP3   sing N N 75  
DG P     OP1    doub N N 76  
DG P     OP2    sing N N 77  
DG P     "O5'"  sing N N 78  
DG OP2   HOP2   sing N N 79  
DG "O5'" "C5'"  sing N N 80  
DG "C5'" "C4'"  sing N N 81  
DG "C5'" "H5'"  sing N N 82  
DG "C5'" "H5''" sing N N 83  
DG "C4'" "O4'"  sing N N 84  
DG "C4'" "C3'"  sing N N 85  
DG "C4'" "H4'"  sing N N 86  
DG "O4'" "C1'"  sing N N 87  
DG "C3'" "O3'"  sing N N 88  
DG "C3'" "C2'"  sing N N 89  
DG "C3'" "H3'"  sing N N 90  
DG "O3'" "HO3'" sing N N 91  
DG "C2'" "C1'"  sing N N 92  
DG "C2'" "H2'"  sing N N 93  
DG "C2'" "H2''" sing N N 94  
DG "C1'" N9     sing N N 95  
DG "C1'" "H1'"  sing N N 96  
DG N9    C8     sing Y N 97  
DG N9    C4     sing Y N 98  
DG C8    N7     doub Y N 99  
DG C8    H8     sing N N 100 
DG N7    C5     sing Y N 101 
DG C5    C6     sing N N 102 
DG C5    C4     doub Y N 103 
DG C6    O6     doub N N 104 
DG C6    N1     sing N N 105 
DG N1    C2     sing N N 106 
DG N1    H1     sing N N 107 
DG C2    N2     sing N N 108 
DG C2    N3     doub N N 109 
DG N2    H21    sing N N 110 
DG N2    H22    sing N N 111 
DG N3    C4     sing N N 112 
DT OP3   P      sing N N 113 
DT OP3   HOP3   sing N N 114 
DT P     OP1    doub N N 115 
DT P     OP2    sing N N 116 
DT P     "O5'"  sing N N 117 
DT OP2   HOP2   sing N N 118 
DT "O5'" "C5'"  sing N N 119 
DT "C5'" "C4'"  sing N N 120 
DT "C5'" "H5'"  sing N N 121 
DT "C5'" "H5''" sing N N 122 
DT "C4'" "O4'"  sing N N 123 
DT "C4'" "C3'"  sing N N 124 
DT "C4'" "H4'"  sing N N 125 
DT "O4'" "C1'"  sing N N 126 
DT "C3'" "O3'"  sing N N 127 
DT "C3'" "C2'"  sing N N 128 
DT "C3'" "H3'"  sing N N 129 
DT "O3'" "HO3'" sing N N 130 
DT "C2'" "C1'"  sing N N 131 
DT "C2'" "H2'"  sing N N 132 
DT "C2'" "H2''" sing N N 133 
DT "C1'" N1     sing N N 134 
DT "C1'" "H1'"  sing N N 135 
DT N1    C2     sing N N 136 
DT N1    C6     sing N N 137 
DT C2    O2     doub N N 138 
DT C2    N3     sing N N 139 
DT N3    C4     sing N N 140 
DT N3    H3     sing N N 141 
DT C4    O4     doub N N 142 
DT C4    C5     sing N N 143 
DT C5    C7     sing N N 144 
DT C5    C6     doub N N 145 
DT C7    H71    sing N N 146 
DT C7    H72    sing N N 147 
DT C7    H73    sing N N 148 
DT C6    H6     sing N N 149 
# 
loop_
_ndb_struct_conf_na.entry_id 
_ndb_struct_conf_na.feature 
9NBV 'double helix'        
9NBV 'b-form double helix' 
# 
loop_
_ndb_struct_na_base_pair.model_number 
_ndb_struct_na_base_pair.i_label_asym_id 
_ndb_struct_na_base_pair.i_label_comp_id 
_ndb_struct_na_base_pair.i_label_seq_id 
_ndb_struct_na_base_pair.i_symmetry 
_ndb_struct_na_base_pair.j_label_asym_id 
_ndb_struct_na_base_pair.j_label_comp_id 
_ndb_struct_na_base_pair.j_label_seq_id 
_ndb_struct_na_base_pair.j_symmetry 
_ndb_struct_na_base_pair.shear 
_ndb_struct_na_base_pair.stretch 
_ndb_struct_na_base_pair.stagger 
_ndb_struct_na_base_pair.buckle 
_ndb_struct_na_base_pair.propeller 
_ndb_struct_na_base_pair.opening 
_ndb_struct_na_base_pair.pair_number 
_ndb_struct_na_base_pair.pair_name 
_ndb_struct_na_base_pair.i_auth_asym_id 
_ndb_struct_na_base_pair.i_auth_seq_id 
_ndb_struct_na_base_pair.i_PDB_ins_code 
_ndb_struct_na_base_pair.j_auth_asym_id 
_ndb_struct_na_base_pair.j_auth_seq_id 
_ndb_struct_na_base_pair.j_PDB_ins_code 
_ndb_struct_na_base_pair.hbond_type_28 
_ndb_struct_na_base_pair.hbond_type_12 
1 A DG 2 1_555 C DC 14 1_555 -0.184 -0.146 0.129  -2.719 -4.614  -0.156 1  A_DG104:DC113_C A 104 ? C 113 ? 19 1 
1 A DC 3 1_555 C DG 13 1_555 0.192  -0.150 0.325  -1.353 -4.238  -0.931 2  A_DC105:DG112_C A 105 ? C 112 ? 19 1 
1 A DA 4 1_555 C DT 12 1_555 0.089  -0.126 -0.138 -1.947 -1.640  -0.345 3  A_DA106:DT111_C A 106 ? C 111 ? 20 1 
1 A DC 5 1_555 C DG 11 1_555 0.197  -0.119 -0.110 1.216  -1.841  0.962  4  A_DC107:DG110_C A 107 ? C 110 ? 19 1 
1 A DC 6 1_555 C DG 10 1_555 0.184  -0.133 0.099  -4.316 -9.674  -0.136 5  A_DC108:DG109_C A 108 ? C 109 ? 19 1 
1 A DT 7 1_555 B DA 3  1_555 -0.159 -0.257 0.830  1.698  -1.718  0.792  6  A_DT109:DA107_B A 109 ? B 107 ? 20 1 
1 A DG 8 1_555 B DC 2  1_555 -0.193 -0.318 1.040  4.561  5.554   1.105  7  A_DG110:DC106_B A 110 ? B 106 ? 19 1 
1 A DT 9 1_555 B DA 1  1_555 -0.085 -0.523 1.463  5.966  6.699   2.910  8  A_DT111:DA105_B A 111 ? B 105 ? 20 1 
1 C DC 2 1_555 D DG 11 1_555 0.205  -0.147 -0.242 -5.952 -10.576 2.153  9  C_DC101:DG123_D C 101 ? D 123 ? 19 1 
1 C DT 3 1_555 D DA 10 1_555 -0.067 -0.087 0.078  -4.572 -2.751  -0.177 10 C_DT102:DA122_D C 102 ? D 122 ? 20 1 
1 C DG 4 1_555 D DC 9  1_555 -0.182 -0.255 0.781  -0.397 1.752   -0.304 11 C_DG103:DC121_D C 103 ? D 121 ? 19 1 
1 C DA 5 1_555 D DT 8  1_555 0.107  -0.173 0.816  2.492  1.651   -0.627 12 C_DA104:DT120_D C 104 ? D 120 ? 20 1 
1 C DC 6 1_555 D DG 7  1_555 0.180  -0.233 0.708  3.864  0.957   1.096  13 C_DC105:DG119_D C 105 ? D 119 ? 19 1 
1 C DT 7 1_555 D DA 6  1_555 -0.006 -0.219 0.657  5.575  -3.318  2.211  14 C_DT106:DA118_D C 106 ? D 118 ? 20 1 
1 C DG 8 1_555 D DC 5  1_555 -0.175 -0.163 0.521  -0.620 -3.939  -1.910 15 C_DG107:DC117_D C 107 ? D 117 ? 19 1 
1 C DT 9 1_555 D DA 4  1_555 -0.127 -0.154 0.566  0.256  -7.014  -3.567 16 C_DT108:DA116_D C 108 ? D 116 ? 20 1 
1 B DC 4 1_555 D DG 3  1_555 0.155  -0.173 0.379  -3.881 -9.879  -0.830 17 B_DC111:DG115_D B 111 ? D 115 ? 19 1 
1 B DC 5 1_555 D DG 2  1_555 0.166  -0.183 0.610  -1.959 -8.433  -0.742 18 B_DC112:DG114_D B 112 ? D 114 ? 19 1 
1 B DG 6 1_555 D DC 1  1_555 -0.198 -0.161 -0.367 3.699  -3.629  1.198  19 B_DG113:DC113_D B 113 ? D 113 ? 19 1 
# 
loop_
_ndb_struct_na_base_pair_step.model_number 
_ndb_struct_na_base_pair_step.i_label_asym_id_1 
_ndb_struct_na_base_pair_step.i_label_comp_id_1 
_ndb_struct_na_base_pair_step.i_label_seq_id_1 
_ndb_struct_na_base_pair_step.i_symmetry_1 
_ndb_struct_na_base_pair_step.j_label_asym_id_1 
_ndb_struct_na_base_pair_step.j_label_comp_id_1 
_ndb_struct_na_base_pair_step.j_label_seq_id_1 
_ndb_struct_na_base_pair_step.j_symmetry_1 
_ndb_struct_na_base_pair_step.i_label_asym_id_2 
_ndb_struct_na_base_pair_step.i_label_comp_id_2 
_ndb_struct_na_base_pair_step.i_label_seq_id_2 
_ndb_struct_na_base_pair_step.i_symmetry_2 
_ndb_struct_na_base_pair_step.j_label_asym_id_2 
_ndb_struct_na_base_pair_step.j_label_comp_id_2 
_ndb_struct_na_base_pair_step.j_label_seq_id_2 
_ndb_struct_na_base_pair_step.j_symmetry_2 
_ndb_struct_na_base_pair_step.shift 
_ndb_struct_na_base_pair_step.slide 
_ndb_struct_na_base_pair_step.rise 
_ndb_struct_na_base_pair_step.tilt 
_ndb_struct_na_base_pair_step.roll 
_ndb_struct_na_base_pair_step.twist 
_ndb_struct_na_base_pair_step.x_displacement 
_ndb_struct_na_base_pair_step.y_displacement 
_ndb_struct_na_base_pair_step.helical_rise 
_ndb_struct_na_base_pair_step.inclination 
_ndb_struct_na_base_pair_step.tip 
_ndb_struct_na_base_pair_step.helical_twist 
_ndb_struct_na_base_pair_step.step_number 
_ndb_struct_na_base_pair_step.step_name 
_ndb_struct_na_base_pair_step.i_auth_asym_id_1 
_ndb_struct_na_base_pair_step.i_auth_seq_id_1 
_ndb_struct_na_base_pair_step.i_PDB_ins_code_1 
_ndb_struct_na_base_pair_step.j_auth_asym_id_1 
_ndb_struct_na_base_pair_step.j_auth_seq_id_1 
_ndb_struct_na_base_pair_step.j_PDB_ins_code_1 
_ndb_struct_na_base_pair_step.i_auth_asym_id_2 
_ndb_struct_na_base_pair_step.i_auth_seq_id_2 
_ndb_struct_na_base_pair_step.i_PDB_ins_code_2 
_ndb_struct_na_base_pair_step.j_auth_asym_id_2 
_ndb_struct_na_base_pair_step.j_auth_seq_id_2 
_ndb_struct_na_base_pair_step.j_PDB_ins_code_2 
1 A DG 2 1_555 C DC 14 1_555 A DC 3 1_555 C DG 13 1_555 -1.097 -1.190 3.132 -3.141 0.542  38.190 -1.878 1.290  3.192 0.826   4.790 
38.318 1  AA_DG104DC105:DG112DC113_CC A 104 ? C 113 ? A 105 ? C 112 ? 
1 A DC 3 1_555 C DG 13 1_555 A DA 4 1_555 C DT 12 1_555 -1.369 -0.100 3.004 -0.082 1.893  36.629 -0.397 2.165  2.999 3.010   0.130 
36.676 2  AA_DC105DA106:DT111DG112_CC A 105 ? C 112 ? A 106 ? C 111 ? 
1 A DA 4 1_555 C DT 12 1_555 A DC 5 1_555 C DG 11 1_555 0.577  -0.896 3.257 -0.913 0.435  28.482 -1.918 -1.379 3.223 0.883   1.854 
28.500 3  AA_DA106DC107:DG110DT111_CC A 106 ? C 111 ? A 107 ? C 110 ? 
1 A DC 5 1_555 C DG 11 1_555 A DC 6 1_555 C DG 10 1_555 0.171  -1.505 3.216 -0.773 3.391  41.701 -2.450 -0.317 3.087 4.753   1.084 
41.839 4  AA_DC107DC108:DG109DG110_CC A 107 ? C 110 ? A 108 ? C 109 ? 
1 A DC 6 1_555 C DG 10 1_555 A DT 7 1_555 B DA 3  1_555 -0.792 -0.935 3.751 -4.530 -6.103 16.084 1.414  -0.732 3.915 -20.393 
15.139 17.779 5  AA_DC108DT109:DA107DG109_BC A 108 ? C 109 ? A 109 ? B 107 ? 
1 A DT 7 1_555 B DA 3  1_555 A DG 8 1_555 B DC 2  1_555 0.318  -0.982 3.010 -1.952 10.278 29.562 -3.507 -0.910 2.511 19.394  3.684 
31.319 6  AA_DT109DG110:DC106DA107_BB A 109 ? B 107 ? A 110 ? B 106 ? 
1 A DG 8 1_555 B DC 2  1_555 A DT 9 1_555 B DA 1  1_555 0.094  -0.310 3.768 3.147  1.631  41.454 -0.635 0.251  3.750 2.299   
-4.435 41.599 7  AA_DG110DT111:DA105DC106_BB A 110 ? B 106 ? A 111 ? B 105 ? 
1 C DC 2 1_555 D DG 11 1_555 C DT 3 1_555 D DA 10 1_555 -0.951 2.786  3.695 1.892  4.182  37.005 3.712  1.781  3.923 6.558   
-2.967 37.278 8  CC_DC101DT102:DA122DG123_DD C 101 ? D 123 ? C 102 ? D 122 ? 
1 C DT 3 1_555 D DA 10 1_555 C DG 4 1_555 D DC 9  1_555 -0.796 2.288  3.770 0.569  4.160  32.870 3.176  1.511  4.007 7.315   
-1.000 33.130 9  CC_DT102DG103:DC121DA122_DD C 102 ? D 122 ? C 103 ? D 121 ? 
1 C DG 4 1_555 D DC 9  1_555 C DA 5 1_555 D DT 8  1_555 -0.343 -0.917 3.119 -1.552 5.114  32.819 -2.404 0.357  2.959 8.976   2.725 
33.239 10 CC_DG103DA104:DT120DC121_DD C 103 ? D 121 ? C 104 ? D 120 ? 
1 C DA 5 1_555 D DT 8  1_555 C DC 6 1_555 D DG 7  1_555 -0.596 -0.929 3.294 0.707  0.242  33.870 -1.634 1.136  3.275 0.416   
-1.214 33.878 11 CC_DA104DC105:DG119DT120_DD C 104 ? D 120 ? C 105 ? D 119 ? 
1 C DC 6 1_555 D DG 7  1_555 C DT 7 1_555 D DA 6  1_555 0.240  -0.244 3.212 1.217  0.017  28.767 -0.495 -0.214 3.219 0.034   
-2.448 28.792 12 CC_DC105DT106:DA118DG119_DD C 105 ? D 119 ? C 106 ? D 118 ? 
1 C DT 7 1_555 D DA 6  1_555 C DG 8 1_555 D DC 5  1_555 -1.082 0.008  3.087 -3.333 1.688  41.715 -0.158 1.181  3.159 2.365   4.670 
41.874 13 CC_DT106DG107:DC117DA118_DD C 106 ? D 118 ? C 107 ? D 117 ? 
1 C DG 8 1_555 D DC 5  1_555 C DT 9 1_555 D DA 4  1_555 0.078  -0.812 3.155 -0.273 1.340  29.155 -1.891 -0.213 3.115 2.660   0.542 
29.186 14 CC_DG107DT108:DA116DC117_DD C 107 ? D 117 ? C 108 ? D 116 ? 
1 C DT 9 1_555 D DA 4  1_555 B DC 4 1_555 D DG 3  1_555 0.426  -0.691 3.102 2.823  -1.172 33.410 -1.013 -0.295 3.148 -2.034  
-4.897 33.545 15 CB_DT108DC111:DG115DA116_DD C 108 ? D 116 ? B 111 ? D 115 ? 
1 B DC 4 1_555 D DG 3  1_555 B DC 5 1_555 D DG 2  1_555 -0.388 2.753  3.641 3.741  -1.229 40.885 4.071  0.999  3.513 -1.754  
-5.341 41.066 16 BB_DC111DC112:DG114DG115_DD B 111 ? D 115 ? B 112 ? D 114 ? 
1 B DC 5 1_555 D DG 2  1_555 B DG 6 1_555 D DC 1  1_555 -0.249 3.961  3.062 5.043  -8.601 44.663 5.718  0.683  2.262 -11.154 
-6.540 45.707 17 BB_DC112DG113:DC113DG114_DD B 112 ? D 114 ? B 113 ? D 113 ? 
# 
loop_
_pdbx_audit_support.funding_organization 
_pdbx_audit_support.country 
_pdbx_audit_support.grant_number 
_pdbx_audit_support.ordinal 
'Office of Naval Research (ONR)'                   'United States' N000141912596 1 
'Department of Energy (DOE, United States)'        'United States' DE-SC0007991  2 
'National Science Foundation (NSF, United States)' 'United States' CCF-2106790   3 
'National Science Foundation (NSF, United States)' 'United States' GCR-2317843   4 
# 
_pdbx_initial_refinement_model.id               1 
_pdbx_initial_refinement_model.entity_id_list   ? 
_pdbx_initial_refinement_model.type             'experimental model' 
_pdbx_initial_refinement_model.source_name      PDB 
_pdbx_initial_refinement_model.accession_code   8D93 
_pdbx_initial_refinement_model.details          'tensegrity triangle' 
# 
_space_group.name_H-M_alt     'H 3' 
_space_group.name_Hall        'H 3' 
_space_group.IT_number        146 
_space_group.crystal_system   trigonal 
_space_group.id               1 
# 
_atom_sites.entry_id                    9NBV 
_atom_sites.Cartn_transf_matrix[1][1]   ? 
_atom_sites.Cartn_transf_matrix[1][2]   ? 
_atom_sites.Cartn_transf_matrix[1][3]   ? 
_atom_sites.Cartn_transf_matrix[2][1]   ? 
_atom_sites.Cartn_transf_matrix[2][2]   ? 
_atom_sites.Cartn_transf_matrix[2][3]   ? 
_atom_sites.Cartn_transf_matrix[3][1]   ? 
_atom_sites.Cartn_transf_matrix[3][2]   ? 
_atom_sites.Cartn_transf_matrix[3][3]   ? 
_atom_sites.Cartn_transf_vector[1]      ? 
_atom_sites.Cartn_transf_vector[2]      ? 
_atom_sites.Cartn_transf_vector[3]      ? 
_atom_sites.Cartn_transform_axes        ? 
_atom_sites.fract_transf_matrix[1][1]   -0.00237745 
_atom_sites.fract_transf_matrix[1][2]   -0.00364750 
_atom_sites.fract_transf_matrix[1][3]   -0.00950378 
_atom_sites.fract_transf_matrix[2][1]   0.00107562 
_atom_sites.fract_transf_matrix[2][2]   0.00615526 
_atom_sites.fract_transf_matrix[2][3]   -0.00838104 
_atom_sites.fract_transf_matrix[3][1]   0.01230144 
_atom_sites.fract_transf_matrix[3][2]   -0.00416382 
_atom_sites.fract_transf_matrix[3][3]   -0.00147925 
_atom_sites.fract_transf_vector[1]      0.189611 
_atom_sites.fract_transf_vector[2]      0.003141 
_atom_sites.fract_transf_vector[3]      0.212040 
_atom_sites.solution_primary            ? 
_atom_sites.solution_secondary          ? 
_atom_sites.solution_hydrogens          ? 
_atom_sites.special_details             ? 
# 
loop_
_atom_type.symbol 
_atom_type.scat_dispersion_real 
_atom_type.scat_dispersion_imag 
_atom_type.scat_Cromer_Mann_a1 
_atom_type.scat_Cromer_Mann_a2 
_atom_type.scat_Cromer_Mann_a3 
_atom_type.scat_Cromer_Mann_a4 
_atom_type.scat_Cromer_Mann_b1 
_atom_type.scat_Cromer_Mann_b2 
_atom_type.scat_Cromer_Mann_b3 
_atom_type.scat_Cromer_Mann_b4 
_atom_type.scat_Cromer_Mann_c 
_atom_type.scat_source 
_atom_type.scat_dispersion_source 
C ? ? 5.96793  ? ? ? 14.89577 ? ? ? 0.0 
;1-Gaussian fit: Grosse-Kunstleve RW, Sauter NK, Adams PD: Newsletter of the IUCr Commission on Crystallographic Computing 2004, 3, 22-31.
;
? 
N ? ? 6.96715  ? ? ? 11.43723 ? ? ? 0.0 
;1-Gaussian fit: Grosse-Kunstleve RW, Sauter NK, Adams PD: Newsletter of the IUCr Commission on Crystallographic Computing 2004, 3, 22-31.
;
? 
O ? ? 7.96527  ? ? ? 9.05267  ? ? ? 0.0 
;1-Gaussian fit: Grosse-Kunstleve RW, Sauter NK, Adams PD: Newsletter of the IUCr Commission on Crystallographic Computing 2004, 3, 22-31.
;
? 
P ? ? 14.90797 ? ? ? 11.91318 ? ? ? 0.0 
;1-Gaussian fit: Grosse-Kunstleve RW, Sauter NK, Adams PD: Newsletter of the IUCr Commission on Crystallographic Computing 2004, 3, 22-31.
;
? 
# 
loop_
_atom_site.group_PDB 
_atom_site.id 
_atom_site.type_symbol 
_atom_site.label_atom_id 
_atom_site.label_alt_id 
_atom_site.label_comp_id 
_atom_site.label_asym_id 
_atom_site.label_entity_id 
_atom_site.label_seq_id 
_atom_site.pdbx_PDB_ins_code 
_atom_site.Cartn_x 
_atom_site.Cartn_y 
_atom_site.Cartn_z 
_atom_site.occupancy 
_atom_site.B_iso_or_equiv 
_atom_site.pdbx_formal_charge 
_atom_site.auth_seq_id 
_atom_site.auth_comp_id 
_atom_site.auth_asym_id 
_atom_site.auth_atom_id 
_atom_site.pdbx_PDB_model_num 
ATOM 1   P P     . DA A 1 1  ? -10.15513 -10.63517 -6.22895  1.000 584.75953 ? 103 DA A P     1 
ATOM 2   O OP1   . DA A 1 1  ? -10.35879 -10.57015 -4.76498  1.000 583.94458 ? 103 DA A OP1   1 
ATOM 3   O OP2   . DA A 1 1  ? -11.14714 -10.02447 -7.14171  1.000 585.64392 ? 103 DA A OP2   1 
ATOM 4   O "O5'" . DA A 1 1  ? -8.71992  -10.02444 -6.58418  1.000 584.04127 ? 103 DA A "O5'" 1 
ATOM 5   C "C5'" . DA A 1 1  ? -8.15973  -10.23413 -7.87495  1.000 584.72012 ? 103 DA A "C5'" 1 
ATOM 6   C "C4'" . DA A 1 1  ? -7.91699  -8.91183  -8.58158  1.000 584.45952 ? 103 DA A "C4'" 1 
ATOM 7   O "O4'" . DA A 1 1  ? -9.14185  -8.13054  -8.58073  1.000 584.70888 ? 103 DA A "O4'" 1 
ATOM 8   C "C3'" . DA A 1 1  ? -6.84721  -8.02378  -7.94485  1.000 583.89402 ? 103 DA A "C3'" 1 
ATOM 9   O "O3'" . DA A 1 1  ? -6.07624  -7.38759  -8.95676  1.000 584.27190 ? 103 DA A "O3'" 1 
ATOM 10  C "C2'" . DA A 1 1  ? -7.66776  -7.01282  -7.15013  1.000 584.27066 ? 103 DA A "C2'" 1 
ATOM 11  C "C1'" . DA A 1 1  ? -8.88760  -6.85183  -8.04346  1.000 584.63411 ? 103 DA A "C1'" 1 
ATOM 12  N N9    . DA A 1 1  ? -10.07918 -6.40246  -7.32927  1.000 584.91964 ? 103 DA A N9    1 
ATOM 13  C C8    . DA A 1 1  ? -10.42662 -6.69608  -6.04107  1.000 584.67331 ? 103 DA A C8    1 
ATOM 14  N N7    . DA A 1 1  ? -11.55748 -6.15093  -5.66045  1.000 585.15156 ? 103 DA A N7    1 
ATOM 15  C C5    . DA A 1 1  ? -11.98237 -5.45206  -6.77741  1.000 585.75805 ? 103 DA A C5    1 
ATOM 16  C C6    . DA A 1 1  ? -13.12002 -4.65859  -7.02578  1.000 586.55771 ? 103 DA A C6    1 
ATOM 17  N N6    . DA A 1 1  ? -14.07236 -4.43000  -6.11611  1.000 586.87360 ? 103 DA A N6    1 
ATOM 18  N N1    . DA A 1 1  ? -13.23847 -4.10292  -8.24962  1.000 587.15351 ? 103 DA A N1    1 
ATOM 19  C C2    . DA A 1 1  ? -12.28296 -4.33170  -9.15782  1.000 586.95343 ? 103 DA A C2    1 
ATOM 20  N N3    . DA A 1 1  ? -11.17281 -5.05763  -9.04105  1.000 586.21336 ? 103 DA A N3    1 
ATOM 21  C C4    . DA A 1 1  ? -11.08227 -5.59609  -7.81534  1.000 585.62877 ? 103 DA A C4    1 
ATOM 22  P P     . DG A 1 2  ? -4.47327  -7.37050  -8.85478  1.000 508.20948 ? 104 DG A P     1 
ATOM 23  O OP1   . DG A 1 2  ? -3.95685  -8.46352  -9.70820  1.000 508.90244 ? 104 DG A OP1   1 
ATOM 24  O OP2   . DG A 1 2  ? -4.12703  -7.33047  -7.41737  1.000 507.53724 ? 104 DG A OP2   1 
ATOM 25  O "O5'" . DG A 1 2  ? -4.05622  -5.96957  -9.50577  1.000 507.93110 ? 104 DG A "O5'" 1 
ATOM 26  C "C5'" . DG A 1 2  ? -4.64350  -4.76070  -9.03571  1.000 507.64041 ? 104 DG A "C5'" 1 
ATOM 27  C "C4'" . DG A 1 2  ? -5.62143  -4.20564  -10.05571 1.000 508.18264 ? 104 DG A "C4'" 1 
ATOM 28  O "O4'" . DG A 1 2  ? -6.97618  -4.32485  -9.54486  1.000 508.49654 ? 104 DG A "O4'" 1 
ATOM 29  C "C3'" . DG A 1 2  ? -5.43005  -2.72813  -10.39617 1.000 507.91224 ? 104 DG A "C3'" 1 
ATOM 30  O "O3'" . DG A 1 2  ? -5.69013  -2.51163  -11.77795 1.000 508.48582 ? 104 DG A "O3'" 1 
ATOM 31  C "C2'" . DG A 1 2  ? -6.47041  -2.04210  -9.51773  1.000 507.88777 ? 104 DG A "C2'" 1 
ATOM 32  C "C1'" . DG A 1 2  ? -7.59892  -3.05852  -9.55590  1.000 508.44357 ? 104 DG A "C1'" 1 
ATOM 33  N N9    . DG A 1 2  ? -8.50371  -2.97703  -8.41341  1.000 508.38766 ? 104 DG A N9    1 
ATOM 34  C C8    . DG A 1 2  ? -8.34532  -3.57604  -7.18732  1.000 508.07890 ? 104 DG A C8    1 
ATOM 35  N N7    . DG A 1 2  ? -9.32195  -3.33056  -6.35934  1.000 508.20264 ? 104 DG A N7    1 
ATOM 36  C C5    . DG A 1 2  ? -10.18328 -2.51557  -7.08184  1.000 508.60537 ? 104 DG A C5    1 
ATOM 37  C C6    . DG A 1 2  ? -11.41363 -1.93021  -6.70420  1.000 508.95834 ? 104 DG A C6    1 
ATOM 38  O O6    . DG A 1 2  ? -12.00414 -2.02147  -5.61975  1.000 508.98483 ? 104 DG A O6    1 
ATOM 39  N N1    . DG A 1 2  ? -11.96450 -1.17578  -7.73695  1.000 509.38945 ? 104 DG A N1    1 
ATOM 40  C C2    . DG A 1 2  ? -11.39657 -1.00911  -8.97861  1.000 509.48926 ? 104 DG A C2    1 
ATOM 41  N N2    . DG A 1 2  ? -12.07079 -0.24517  -9.84911  1.000 510.01387 ? 104 DG A N2    1 
ATOM 42  N N3    . DG A 1 2  ? -10.24258 -1.55266  -9.34400  1.000 509.17572 ? 104 DG A N3    1 
ATOM 43  C C4    . DG A 1 2  ? -9.69454  -2.29036  -8.34879  1.000 508.72930 ? 104 DG A C4    1 
ATOM 44  P P     . DC A 1 3  ? -5.15953  -1.17862  -12.50144 1.000 490.53416 ? 105 DC A P     1 
ATOM 45  O OP1   . DC A 1 3  ? -4.81660  -1.53280  -13.89666 1.000 491.17720 ? 105 DC A OP1   1 
ATOM 46  O OP2   . DC A 1 3  ? -4.13491  -0.57017  -11.62466 1.000 489.84406 ? 105 DC A OP2   1 
ATOM 47  O "O5'" . DC A 1 3  ? -6.43318  -0.20996  -12.50863 1.000 490.79439 ? 105 DC A "O5'" 1 
ATOM 48  C "C5'" . DC A 1 3  ? -6.26823  1.17711   -12.78017 1.000 491.82248 ? 105 DC A "C5'" 1 
ATOM 49  C "C4'" . DC A 1 3  ? -7.60616  1.83941   -13.05693 1.000 494.83189 ? 105 DC A "C4'" 1 
ATOM 50  O "O4'" . DC A 1 3  ? -8.58647  1.37815   -12.08783 1.000 491.35735 ? 105 DC A "O4'" 1 
ATOM 51  C "C3'" . DC A 1 3  ? -7.60399  3.36032   -12.94327 1.000 498.14453 ? 105 DC A "C3'" 1 
ATOM 52  O "O3'" . DC A 1 3  ? -8.55713  3.91429   -13.84154 1.000 502.69473 ? 105 DC A "O3'" 1 
ATOM 53  C "C2'" . DC A 1 3  ? -8.02017  3.57166   -11.49467 1.000 494.53930 ? 105 DC A "C2'" 1 
ATOM 54  C "C1'" . DC A 1 3  ? -9.06422  2.47749   -11.33714 1.000 491.95555 ? 105 DC A "C1'" 1 
ATOM 55  N N1    . DC A 1 3  ? -9.26712  2.03703   -9.92874  1.000 491.01349 ? 105 DC A N1    1 
ATOM 56  C C2    . DC A 1 3  ? -10.40231 2.46025   -9.22663  1.000 491.36089 ? 105 DC A C2    1 
ATOM 57  O O2    . DC A 1 3  ? -11.21683 3.20004   -9.79219  1.000 491.75464 ? 105 DC A O2    1 
ATOM 58  N N3    . DC A 1 3  ? -10.57246 2.04659   -7.94587  1.000 491.32461 ? 105 DC A N3    1 
ATOM 59  C C4    . DC A 1 3  ? -9.66631  1.24744   -7.37757  1.000 490.95560 ? 105 DC A C4    1 
ATOM 60  N N4    . DC A 1 3  ? -9.87247  0.86273   -6.11450  1.000 491.00126 ? 105 DC A N4    1 
ATOM 61  C C5    . DC A 1 3  ? -8.50588  0.80738   -8.07886  1.000 490.59284 ? 105 DC A C5    1 
ATOM 62  C C6    . DC A 1 3  ? -8.34961  1.22014   -9.33920  1.000 490.63696 ? 105 DC A C6    1 
ATOM 63  P P     . DA A 1 4  ? -8.44619  5.45221   -14.29458 1.000 570.03586 ? 106 DA A P     1 
ATOM 64  O OP1   . DA A 1 4  ? -8.53785  5.49189   -15.77087 1.000 575.00553 ? 106 DA A OP1   1 
ATOM 65  O OP2   . DA A 1 4  ? -7.26593  6.03250   -13.61633 1.000 569.10878 ? 106 DA A OP2   1 
ATOM 66  O "O5'" . DA A 1 4  ? -9.75484  6.13588   -13.67413 1.000 570.34224 ? 106 DA A "O5'" 1 
ATOM 67  C "C5'" . DA A 1 4  ? -10.45523 7.13040   -14.41641 1.000 575.56656 ? 106 DA A "C5'" 1 
ATOM 68  C "C4'" . DA A 1 4  ? -11.52439 7.79735   -13.56721 1.000 575.10563 ? 106 DA A "C4'" 1 
ATOM 69  O "O4'" . DA A 1 4  ? -11.77121 7.00109   -12.37562 1.000 569.53117 ? 106 DA A "O4'" 1 
ATOM 70  C "C3'" . DA A 1 4  ? -11.16616 9.19207   -13.06248 1.000 577.26428 ? 106 DA A "C3'" 1 
ATOM 71  O "O3'" . DA A 1 4  ? -12.33856 9.99374   -12.98372 1.000 579.68072 ? 106 DA A "O3'" 1 
ATOM 72  C "C2'" . DA A 1 4  ? -10.59896 8.90012   -11.67952 1.000 572.21428 ? 106 DA A "C2'" 1 
ATOM 73  C "C1'" . DA A 1 4  ? -11.52099 7.78258   -11.22366 1.000 568.17219 ? 106 DA A "C1'" 1 
ATOM 74  N N9    . DA A 1 4  ? -10.93711 6.92311   -10.20038 1.000 562.81613 ? 106 DA A N9    1 
ATOM 75  C C8    . DA A 1 4  ? -9.78978  6.19047   -10.30132 1.000 560.67253 ? 106 DA A C8    1 
ATOM 76  N N7    . DA A 1 4  ? -9.50417  5.50199   -9.22287  1.000 555.87932 ? 106 DA A N7    1 
ATOM 77  C C5    . DA A 1 4  ? -10.53846 5.80221   -8.35358  1.000 554.90621 ? 106 DA A C5    1 
ATOM 78  C C6    . DA A 1 4  ? -10.82046 5.38798   -7.03853  1.000 554.62056 ? 106 DA A C6    1 
ATOM 79  N N6    . DA A 1 4  ? -10.04277 4.54531   -6.35227  1.000 554.33013 ? 106 DA A N6    1 
ATOM 80  N N1    . DA A 1 4  ? -11.93489 5.87572   -6.45422  1.000 555.20797 ? 106 DA A N1    1 
ATOM 81  C C2    . DA A 1 4  ? -12.71037 6.72034   -7.14586  1.000 555.55284 ? 106 DA A C2    1 
ATOM 82  N N3    . DA A 1 4  ? -12.54874 7.17944   -8.38685  1.000 559.56929 ? 106 DA A N3    1 
ATOM 83  C C4    . DA A 1 4  ? -11.43250 6.67671   -8.93941  1.000 559.08527 ? 106 DA A C4    1 
ATOM 84  P P     . DC A 1 5  ? -12.23208 11.59555  -13.06037 1.000 590.19734 ? 107 DC A P     1 
ATOM 85  O OP1   . DC A 1 5  ? -13.55294 12.15067  -12.68989 1.000 591.12001 ? 107 DC A OP1   1 
ATOM 86  O OP2   . DC A 1 5  ? -11.63629 11.94265  -14.36955 1.000 595.11663 ? 107 DC A OP2   1 
ATOM 87  O "O5'" . DC A 1 5  ? -11.16221 11.96289  -11.92766 1.000 587.76629 ? 107 DC A "O5'" 1 
ATOM 88  C "C5'" . DC A 1 5  ? -11.47413 12.92683  -10.92935 1.000 588.01998 ? 107 DC A "C5'" 1 
ATOM 89  C "C4'" . DC A 1 5  ? -12.24040 12.29510  -9.77856  1.000 583.12419 ? 107 DC A "C4'" 1 
ATOM 90  O "O4'" . DC A 1 5  ? -11.62837 11.03504  -9.41434  1.000 578.21601 ? 107 DC A "O4'" 1 
ATOM 91  C "C3'" . DC A 1 5  ? -12.27975 13.13623  -8.49660  1.000 582.48402 ? 107 DC A "C3'" 1 
ATOM 92  O "O3'" . DC A 1 5  ? -13.61942 13.49429  -8.17838  1.000 583.13884 ? 107 DC A "O3'" 1 
ATOM 93  C "C2'" . DC A 1 5  ? -11.66528 12.23050  -7.42018  1.000 576.93414 ? 107 DC A "C2'" 1 
ATOM 94  C "C1'" . DC A 1 5  ? -11.79062 10.84494  -8.03429  1.000 574.23740 ? 107 DC A "C1'" 1 
ATOM 95  N N1    . DC A 1 5  ? -10.74876 9.88750   -7.55027  1.000 569.94423 ? 107 DC A N1    1 
ATOM 96  C C2    . DC A 1 5  ? -10.85841 9.33854   -6.26755  1.000 565.40764 ? 107 DC A C2    1 
ATOM 97  O O2    . DC A 1 5  ? -11.82209 9.65677   -5.56227  1.000 565.10690 ? 107 DC A O2    1 
ATOM 98  N N3    . DC A 1 5  ? -9.90331  8.47505   -5.83763  1.000 562.94364 ? 107 DC A N3    1 
ATOM 99  C C4    . DC A 1 5  ? -8.88031  8.16128   -6.63535  1.000 562.28340 ? 107 DC A C4    1 
ATOM 100 N N4    . DC A 1 5  ? -7.96147  7.30506   -6.17333  1.000 561.94208 ? 107 DC A N4    1 
ATOM 101 C C5    . DC A 1 5  ? -8.75325  8.71145   -7.94512  1.000 566.94082 ? 107 DC A C5    1 
ATOM 102 C C6    . DC A 1 5  ? -9.69939  9.56217   -8.35615  1.000 570.67566 ? 107 DC A C6    1 
ATOM 103 P P     . DC A 1 6  ? -13.90643 14.68446  -7.13686  1.000 556.97066 ? 108 DC A P     1 
ATOM 104 O OP1   . DC A 1 6  ? -15.31977 15.08926  -7.29983  1.000 558.99962 ? 108 DC A OP1   1 
ATOM 105 O OP2   . DC A 1 6  ? -12.82759 15.68609  -7.29303  1.000 560.42606 ? 108 DC A OP2   1 
ATOM 106 O "O5'" . DC A 1 6  ? -13.72862 13.99514  -5.70354  1.000 551.55018 ? 108 DC A "O5'" 1 
ATOM 107 C "C5'" . DC A 1 6  ? -13.55279 14.80016  -4.54324  1.000 551.65992 ? 108 DC A "C5'" 1 
ATOM 108 C "C4'" . DC A 1 6  ? -13.27172 13.93769  -3.32546  1.000 546.44277 ? 108 DC A "C4'" 1 
ATOM 109 O "O4'" . DC A 1 6  ? -12.49059 12.79947  -3.71911  1.000 543.41498 ? 108 DC A "O4'" 1 
ATOM 110 C "C3'" . DC A 1 6  ? -12.45141 14.61708  -2.24003  1.000 546.47201 ? 108 DC A "C3'" 1 
ATOM 111 O "O3'" . DC A 1 6  ? -13.31607 15.22001  -1.28437  1.000 547.14871 ? 108 DC A "O3'" 1 
ATOM 112 C "C2'" . DC A 1 6  ? -11.63607 13.47224  -1.61447  1.000 544.69275 ? 108 DC A "C2'" 1 
ATOM 113 C "C1'" . DC A 1 6  ? -11.80239 12.30760  -2.59428  1.000 541.94438 ? 108 DC A "C1'" 1 
ATOM 114 N N1    . DC A 1 6  ? -10.51247 11.70947  -3.05653  1.000 541.12812 ? 108 DC A N1    1 
ATOM 115 C C2    . DC A 1 6  ? -9.79572  10.85070  -2.21213  1.000 540.99098 ? 108 DC A C2    1 
ATOM 116 O O2    . DC A 1 6  ? -10.23558 10.60705  -1.08252  1.000 541.55256 ? 108 DC A O2    1 
ATOM 117 N N3    . DC A 1 6  ? -8.63492  10.30951  -2.66118  1.000 540.28443 ? 108 DC A N3    1 
ATOM 118 C C4    . DC A 1 6  ? -8.19453  10.59515  -3.88755  1.000 539.71163 ? 108 DC A C4    1 
ATOM 119 N N4    . DC A 1 6  ? -7.04518  10.04056  -4.28700  1.000 539.06865 ? 108 DC A N4    1 
ATOM 120 C C5    . DC A 1 6  ? -8.91109  11.46521  -4.75881  1.000 540.64948 ? 108 DC A C5    1 
ATOM 121 C C6    . DC A 1 6  ? -10.05374 11.99082  -4.30831  1.000 541.54139 ? 108 DC A C6    1 
ATOM 122 P P     . DT A 1 7  ? -13.22138 16.79669  -0.98982  1.000 516.73772 ? 109 DT A P     1 
ATOM 123 O OP1   . DT A 1 7  ? -14.18023 17.10887  0.09288   1.000 516.60215 ? 109 DT A OP1   1 
ATOM 124 O OP2   . DT A 1 7  ? -13.32440 17.50204  -2.28637  1.000 521.40679 ? 109 DT A OP2   1 
ATOM 125 O "O5'" . DT A 1 7  ? -11.73375 16.99723  -0.43721  1.000 517.27077 ? 109 DT A "O5'" 1 
ATOM 126 C "C5'" . DT A 1 7  ? -11.51717 17.29317  0.93854   1.000 519.72289 ? 109 DT A "C5'" 1 
ATOM 127 C "C4'" . DT A 1 7  ? -11.23762 16.02753  1.72913   1.000 518.29664 ? 109 DT A "C4'" 1 
ATOM 128 O "O4'" . DT A 1 7  ? -10.66795 15.04105  0.85347   1.000 515.67978 ? 109 DT A "O4'" 1 
ATOM 129 C "C3'" . DT A 1 7  ? -10.22507 16.19011  2.84870   1.000 520.83274 ? 109 DT A "C3'" 1 
ATOM 130 O "O3'" . DT A 1 7  ? -10.89107 16.54740  4.05644   1.000 522.65582 ? 109 DT A "O3'" 1 
ATOM 131 C "C2'" . DT A 1 7  ? -9.58668  14.79969  2.95872   1.000 518.59252 ? 109 DT A "C2'" 1 
ATOM 132 C "C1'" . DT A 1 7  ? -9.86834  14.14857  1.59674   1.000 515.41397 ? 109 DT A "C1'" 1 
ATOM 133 N N1    . DT A 1 7  ? -8.64067  13.83235  0.78596   1.000 514.68253 ? 109 DT A N1    1 
ATOM 134 C C2    . DT A 1 7  ? -7.67486  12.98781  1.29511   1.000 514.40399 ? 109 DT A C2    1 
ATOM 135 O O2    . DT A 1 7  ? -7.74154  12.47438  2.39846   1.000 514.75702 ? 109 DT A O2    1 
ATOM 136 N N3    . DT A 1 7  ? -6.61118  12.76764  0.45905   1.000 513.75223 ? 109 DT A N3    1 
ATOM 137 C C4    . DT A 1 7  ? -6.42010  13.28616  -0.80791  1.000 513.33235 ? 109 DT A C4    1 
ATOM 138 O O4    . DT A 1 7  ? -5.42727  13.02661  -1.48034  1.000 512.78002 ? 109 DT A O4    1 
ATOM 139 C C5    . DT A 1 7  ? -7.46922  14.15454  -1.28356  1.000 513.64362 ? 109 DT A C5    1 
ATOM 140 C C7    . DT A 1 7  ? -7.37404  14.77644  -2.64528  1.000 513.29806 ? 109 DT A C7    1 
ATOM 141 C C6    . DT A 1 7  ? -8.51561  14.37953  -0.47548  1.000 514.29275 ? 109 DT A C6    1 
ATOM 142 P P     . DG A 1 8  ? -10.81289 18.05195  4.61778   1.000 497.09670 ? 110 DG A P     1 
ATOM 143 O OP1   . DG A 1 8  ? -11.24875 18.01899  6.03090   1.000 498.60698 ? 110 DG A OP1   1 
ATOM 144 O OP2   . DG A 1 8  ? -11.50480 18.93989  3.65845   1.000 497.22299 ? 110 DG A OP2   1 
ATOM 145 O "O5'" . DG A 1 8  ? -9.25437  18.40511  4.57348   1.000 499.42012 ? 110 DG A "O5'" 1 
ATOM 146 C "C5'" . DG A 1 8  ? -8.49544  18.43345  5.77707   1.000 502.08186 ? 110 DG A "C5'" 1 
ATOM 147 C "C4'" . DG A 1 8  ? -7.84305  17.08796  6.03587   1.000 499.82278 ? 110 DG A "C4'" 1 
ATOM 148 O "O4'" . DG A 1 8  ? -7.62388  16.42194  4.78352   1.000 496.61106 ? 110 DG A "O4'" 1 
ATOM 149 C "C3'" . DG A 1 8  ? -6.47785  17.16340  6.71171   1.000 502.58335 ? 110 DG A "C3'" 1 
ATOM 150 O "O3'" . DG A 1 8  ? -6.60176  16.83782  8.09105   1.000 503.76334 ? 110 DG A "O3'" 1 
ATOM 151 C "C2'" . DG A 1 8  ? -5.60421  16.13941  5.96216   1.000 499.87580 ? 110 DG A "C2'" 1 
ATOM 152 C "C1'" . DG A 1 8  ? -6.53900  15.54237  4.90773   1.000 495.84568 ? 110 DG A "C1'" 1 
ATOM 153 N N9    . DG A 1 8  ? -5.92886  15.40903  3.58586   1.000 494.25963 ? 110 DG A N9    1 
ATOM 154 C C8    . DG A 1 8  ? -6.42140  15.90800  2.40515   1.000 493.24679 ? 110 DG A C8    1 
ATOM 155 N N7    . DG A 1 8  ? -5.67300  15.64291  1.37420   1.000 491.95248 ? 110 DG A N7    1 
ATOM 156 C C5    . DG A 1 8  ? -4.61087  14.92371  1.90047   1.000 492.11042 ? 110 DG A C5    1 
ATOM 157 C C6    . DG A 1 8  ? -3.48382  14.36945  1.25509   1.000 491.10756 ? 110 DG A C6    1 
ATOM 158 O O6    . DG A 1 8  ? -3.19589  14.40901  0.05126   1.000 489.82674 ? 110 DG A O6    1 
ATOM 159 N N1    . DG A 1 8  ? -2.64372  13.71775  2.15184   1.000 491.78318 ? 110 DG A N1    1 
ATOM 160 C C2    . DG A 1 8  ? -2.86523  13.61341  3.50663   1.000 493.26380 ? 110 DG A C2    1 
ATOM 161 N N2    . DG A 1 8  ? -1.94095  12.94028  4.20914   1.000 493.78806 ? 110 DG A N2    1 
ATOM 162 N N3    . DG A 1 8  ? -3.92095  14.12764  4.12635   1.000 494.20186 ? 110 DG A N3    1 
ATOM 163 C C4    . DG A 1 8  ? -4.74934  14.76814  3.26417   1.000 493.54412 ? 110 DG A C4    1 
ATOM 164 P P     . DT A 1 9  ? -5.76366  17.65647  9.18997   1.000 529.66064 ? 111 DT A P     1 
ATOM 165 O OP1   . DT A 1 9  ? -6.52565  17.62301  10.45798  1.000 530.66968 ? 111 DT A OP1   1 
ATOM 166 O OP2   . DT A 1 9  ? -5.39035  18.95645  8.58943   1.000 532.76334 ? 111 DT A OP2   1 
ATOM 167 O "O5'" . DT A 1 9  ? -4.42485  16.80098  9.36325   1.000 529.42518 ? 111 DT A "O5'" 1 
ATOM 168 C "C5'" . DT A 1 9  ? -3.31044  17.36048  10.03913  1.000 533.66886 ? 111 DT A "C5'" 1 
ATOM 169 C "C4'" . DT A 1 9  ? -2.01162  16.83486  9.45801   1.000 533.08845 ? 111 DT A "C4'" 1 
ATOM 170 O "O4'" . DT A 1 9  ? -2.18813  16.56581  8.03671   1.000 529.65090 ? 111 DT A "O4'" 1 
ATOM 171 C "C3'" . DT A 1 9  ? -0.82339  17.80085  9.56212   1.000 537.90842 ? 111 DT A "C3'" 1 
ATOM 172 O "O3'" . DT A 1 9  ? 0.35387   17.10531  9.99114   1.000 538.51030 ? 111 DT A "O3'" 1 
ATOM 173 C "C2'" . DT A 1 9  ? -0.68101  18.31820  8.13427   1.000 537.16191 ? 111 DT A "C2'" 1 
ATOM 174 C "C1'" . DT A 1 9  ? -1.08277  17.08837  7.34475   1.000 531.55142 ? 111 DT A "C1'" 1 
ATOM 175 N N1    . DT A 1 9  ? -1.46226  17.39599  5.93692   1.000 529.49896 ? 111 DT A N1    1 
ATOM 176 C C2    . DT A 1 9  ? -0.61650  17.01500  4.92201   1.000 527.96276 ? 111 DT A C2    1 
ATOM 177 O O2    . DT A 1 9  ? 0.41984   16.40450  5.11264   1.000 528.06562 ? 111 DT A O2    1 
ATOM 178 N N3    . DT A 1 9  ? -1.03788  17.35118  3.66370   1.000 526.26237 ? 111 DT A N3    1 
ATOM 179 C C4    . DT A 1 9  ? -2.18856  18.04316  3.32961   1.000 526.07688 ? 111 DT A C4    1 
ATOM 180 O O4    . DT A 1 9  ? -2.48004  18.30518  2.16810   1.000 524.60318 ? 111 DT A O4    1 
ATOM 181 C C5    . DT A 1 9  ? -3.02639  18.42659  4.44342   1.000 527.77509 ? 111 DT A C5    1 
ATOM 182 C C7    . DT A 1 9  ? -4.30405  19.17505  4.20322   1.000 527.77168 ? 111 DT A C7    1 
ATOM 183 C C6    . DT A 1 9  ? -2.62393  18.09307  5.68008   1.000 529.39280 ? 111 DT A C6    1 
ATOM 184 P P     . DA A 1 10 ? 1.80766   17.59511  9.50282   1.000 554.77771 ? 112 DA A P     1 
ATOM 185 O OP1   . DA A 1 10 ? 1.88309   19.06620  9.64976   1.000 559.88290 ? 112 DA A OP1   1 
ATOM 186 O OP2   . DA A 1 10 ? 2.06244   16.95760  8.19211   1.000 550.85258 ? 112 DA A OP2   1 
ATOM 187 O "O5'" . DA A 1 10 ? 2.82133   16.95214  10.56157  1.000 556.53559 ? 112 DA A "O5'" 1 
ATOM 188 C "C5'" . DA A 1 10 ? 3.63303   15.83477  10.19740  1.000 553.84032 ? 112 DA A "C5'" 1 
ATOM 189 C "C4'" . DA A 1 10 ? 4.89049   16.27556  9.45913   1.000 556.04547 ? 112 DA A "C4'" 1 
ATOM 190 O "O4'" . DA A 1 10 ? 4.66942   16.18236  8.03290   1.000 552.66713 ? 112 DA A "O4'" 1 
ATOM 191 C "C3'" . DA A 1 10 ? 5.31929   17.71224  9.70735   1.000 561.97375 ? 112 DA A "C3'" 1 
ATOM 192 O "O3'" . DA A 1 10 ? 6.17437   17.77228  10.83875  1.000 566.09481 ? 112 DA A "O3'" 1 
ATOM 193 C "C2'" . DA A 1 10 ? 6.07188   18.06208  8.42580   1.000 562.11943 ? 112 DA A "C2'" 1 
ATOM 194 C "C1'" . DA A 1 10 ? 5.33550   17.23899  7.36578   1.000 555.96853 ? 112 DA A "C1'" 1 
ATOM 195 N N9    . DA A 1 10 ? 4.35185   18.00251  6.60016   1.000 555.23034 ? 112 DA A N9    1 
ATOM 196 C C8    . DA A 1 10 ? 3.72864   19.16011  6.97642   1.000 558.61511 ? 112 DA A C8    1 
ATOM 197 N N7    . DA A 1 10 ? 2.88719   19.62319  6.08212   1.000 556.98977 ? 112 DA A N7    1 
ATOM 198 C C5    . DA A 1 10 ? 2.96495   18.70683  5.04674   1.000 552.25261 ? 112 DA A C5    1 
ATOM 199 C C6    . DA A 1 10 ? 2.31709   18.62830  3.79779   1.000 548.71966 ? 112 DA A C6    1 
ATOM 200 N N6    . DA A 1 10 ? 1.42599   19.52910  3.37301   1.000 549.39478 ? 112 DA A N6    1 
ATOM 201 N N1    . DA A 1 10 ? 2.62180   17.58390  3.00027   1.000 544.60561 ? 112 DA A N1    1 
ATOM 202 C C2    . DA A 1 10 ? 3.51423   16.68413  3.42876   1.000 544.03563 ? 112 DA A C2    1 
ATOM 203 N N3    . DA A 1 10 ? 4.18649   16.65211  4.57844   1.000 547.03166 ? 112 DA A N3    1 
ATOM 204 C C4    . DA A 1 10 ? 3.86275   17.70191  5.34917   1.000 551.12419 ? 112 DA A C4    1 
ATOM 205 P P     . DA B 2 1  ? 6.15154   13.18908  -5.42544  1.000 481.16204 ? 105 DA B P     1 
ATOM 206 O OP1   . DA B 2 1  ? 6.38971   14.04989  -6.60529  1.000 479.82431 ? 105 DA B OP1   1 
ATOM 207 O OP2   . DA B 2 1  ? 5.23558   12.03113  -5.52868  1.000 484.57128 ? 105 DA B OP2   1 
ATOM 208 O "O5'" . DA B 2 1  ? 5.65579   14.10189  -4.20742  1.000 481.64914 ? 105 DA B "O5'" 1 
ATOM 209 C "C5'" . DA B 2 1  ? 6.47963   14.27199  -3.05824  1.000 479.58823 ? 105 DA B "C5'" 1 
ATOM 210 C "C4'" . DA B 2 1  ? 5.86114   13.59806  -1.84649  1.000 481.88926 ? 105 DA B "C4'" 1 
ATOM 211 O "O4'" . DA B 2 1  ? 4.79337   14.43197  -1.31268  1.000 484.00608 ? 105 DA B "O4'" 1 
ATOM 212 C "C3'" . DA B 2 1  ? 5.23215   12.22540  -2.12216  1.000 484.64912 ? 105 DA B "C3'" 1 
ATOM 213 O "O3'" . DA B 2 1  ? 5.62781   11.28940  -1.12175  1.000 484.70027 ? 105 DA B "O3'" 1 
ATOM 214 C "C2'" . DA B 2 1  ? 3.73621   12.51372  -2.05644  1.000 488.25603 ? 105 DA B "C2'" 1 
ATOM 215 C "C1'" . DA B 2 1  ? 3.69650   13.60959  -1.00875  1.000 487.58515 ? 105 DA B "C1'" 1 
ATOM 216 N N9    . DA B 2 1  ? 2.46623   14.39872  -1.04172  1.000 490.10978 ? 105 DA B N9    1 
ATOM 217 C C8    . DA B 2 1  ? 1.91555   15.02419  -2.12460  1.000 490.77636 ? 105 DA B C8    1 
ATOM 218 N N7    . DA B 2 1  ? 0.79034   15.64668  -1.86116  1.000 493.29805 ? 105 DA B N7    1 
ATOM 219 C C5    . DA B 2 1  ? 0.58482   15.40779  -0.51280  1.000 494.40716 ? 105 DA B C5    1 
ATOM 220 C C6    . DA B 2 1  ? -0.43849  15.79755  0.37629   1.000 497.14373 ? 105 DA B C6    1 
ATOM 221 N N6    . DA B 2 1  ? -1.48514  16.54357  0.00963   1.000 499.27409 ? 105 DA B N6    1 
ATOM 222 N N1    . DA B 2 1  ? -0.33930  15.39405  1.66195   1.000 497.69552 ? 105 DA B N1    1 
ATOM 223 C C2    . DA B 2 1  ? 0.70799   14.63939  2.01705   1.000 495.62223 ? 105 DA B C2    1 
ATOM 224 N N3    . DA B 2 1  ? 1.72936   14.21467  1.27430   1.000 492.94326 ? 105 DA B N3    1 
ATOM 225 C C4    . DA B 2 1  ? 1.60573   14.63667  0.00737   1.000 492.48213 ? 105 DA B C4    1 
ATOM 226 P P     . DC B 2 2  ? 5.35964   9.71578   -1.32578  1.000 448.19208 ? 106 DC B P     1 
ATOM 227 O OP1   . DC B 2 2  ? 6.67673   9.04387   -1.30903  1.000 445.50138 ? 106 DC B OP1   1 
ATOM 228 O OP2   . DC B 2 2  ? 4.47071   9.53141   -2.49368  1.000 450.55301 ? 106 DC B OP2   1 
ATOM 229 O "O5'" . DC B 2 2  ? 4.54992   9.28851   -0.01163  1.000 451.02691 ? 106 DC B "O5'" 1 
ATOM 230 C "C5'" . DC B 2 2  ? 5.24500   9.09757   1.21598   1.000 449.71876 ? 106 DC B "C5'" 1 
ATOM 231 C "C4'" . DC B 2 2  ? 4.32491   9.29887   2.41030   1.000 452.32396 ? 106 DC B "C4'" 1 
ATOM 232 O "O4'" . DC B 2 2  ? 3.39108   10.37955  2.14102   1.000 453.62006 ? 106 DC B "O4'" 1 
ATOM 233 C "C3'" . DC B 2 2  ? 3.46652   8.09377   2.78903   1.000 456.05029 ? 106 DC B "C3'" 1 
ATOM 234 O "O3'" . DC B 2 2  ? 3.34506   8.03329   4.20208   1.000 457.00677 ? 106 DC B "O3'" 1 
ATOM 235 C "C2'" . DC B 2 2  ? 2.12814   8.41666   2.12867   1.000 459.12369 ? 106 DC B "C2'" 1 
ATOM 236 C "C1'" . DC B 2 2  ? 2.06878   9.91953   2.33702   1.000 457.73506 ? 106 DC B "C1'" 1 
ATOM 237 N N1    . DC B 2 2  ? 1.17500   10.64116  1.38211   1.000 459.10630 ? 106 DC B N1    1 
ATOM 238 C C2    . DC B 2 2  ? -0.05694  11.14298  1.82111   1.000 462.15872 ? 106 DC B C2    1 
ATOM 239 O O2    . DC B 2 2  ? -0.39862  10.98090  2.99688   1.000 463.74249 ? 106 DC B O2    1 
ATOM 240 N N3    . DC B 2 2  ? -0.84275  11.81403  0.94431   1.000 463.37333 ? 106 DC B N3    1 
ATOM 241 C C4    . DC B 2 2  ? -0.44319  11.98271  -0.31643  1.000 461.70879 ? 106 DC B C4    1 
ATOM 242 N N4    . DC B 2 2  ? -1.25346  12.64511  -1.14707  1.000 463.09631 ? 106 DC B N4    1 
ATOM 243 C C5    . DC B 2 2  ? 0.80381   11.47902  -0.78150  1.000 458.65635 ? 106 DC B C5    1 
ATOM 244 C C6    . DC B 2 2  ? 1.57585   10.82617  0.09318   1.000 457.43203 ? 106 DC B C6    1 
ATOM 245 P P     . DA B 2 3  ? 3.14354   6.62372   4.94320   1.000 507.61864 ? 107 DA B P     1 
ATOM 246 O OP1   . DA B 2 3  ? 3.76558   6.73840   6.28125   1.000 506.42940 ? 107 DA B OP1   1 
ATOM 247 O OP2   . DA B 2 3  ? 3.58114   5.55741   4.01532   1.000 507.28454 ? 107 DA B OP2   1 
ATOM 248 O "O5'" . DA B 2 3  ? 1.55856   6.51301   5.12176   1.000 512.25219 ? 107 DA B "O5'" 1 
ATOM 249 C "C5'" . DA B 2 3  ? 0.86600   7.47520   5.90983   1.000 513.47879 ? 107 DA B "C5'" 1 
ATOM 250 C "C4'" . DA B 2 3  ? -0.63539  7.28975   5.79178   1.000 517.93508 ? 107 DA B "C4'" 1 
ATOM 251 O "O4'" . DA B 2 3  ? -1.16722  8.19946   4.79350   1.000 517.92306 ? 107 DA B "O4'" 1 
ATOM 252 C "C3'" . DA B 2 3  ? -1.08352  5.88453   5.36877   1.000 520.74863 ? 107 DA B "C3'" 1 
ATOM 253 O "O3'" . DA B 2 3  ? -2.13276  5.43881   6.21289   1.000 524.84402 ? 107 DA B "O3'" 1 
ATOM 254 C "C2'" . DA B 2 3  ? -1.57564  6.08946   3.93623   1.000 521.31082 ? 107 DA B "C2'" 1 
ATOM 255 C "C1'" . DA B 2 3  ? -2.11033  7.50556   4.02025   1.000 521.15352 ? 107 DA B "C1'" 1 
ATOM 256 N N9    . DA B 2 3  ? -2.24871  8.16524   2.72538   1.000 520.24414 ? 107 DA B N9    1 
ATOM 257 C C8    . DA B 2 3  ? -1.37352  8.12477   1.67528   1.000 517.37740 ? 107 DA B C8    1 
ATOM 258 N N7    . DA B 2 3  ? -1.77002  8.81509   0.63044   1.000 517.39352 ? 107 DA B N7    1 
ATOM 259 C C5    . DA B 2 3  ? -2.98961  9.34241   1.02382   1.000 520.44395 ? 107 DA B C5    1 
ATOM 260 C C6    . DA B 2 3  ? -3.92427  10.16993  0.36873   1.000 522.03952 ? 107 DA B C6    1 
ATOM 261 N N6    . DA B 2 3  ? -3.75759  10.62675  -0.87654  1.000 520.70056 ? 107 DA B N6    1 
ATOM 262 N N1    . DA B 2 3  ? -5.04089  10.51210  1.04803   1.000 525.17707 ? 107 DA B N1    1 
ATOM 263 C C2    . DA B 2 3  ? -5.20202  10.05053  2.29308   1.000 526.63946 ? 107 DA B C2    1 
ATOM 264 N N3    . DA B 2 3  ? -4.39673  9.27034   3.00981   1.000 525.41504 ? 107 DA B N3    1 
ATOM 265 C C4    . DA B 2 3  ? -3.29826  8.94890   2.31113   1.000 522.25057 ? 107 DA B C4    1 
ATOM 266 P P     . DC B 2 4  ? -1.80754  4.91051   7.69395   1.000 434.30260 ? 111 DC B P     1 
ATOM 267 O OP1   . DC B 2 4  ? -2.31588  5.92463   8.64407   1.000 435.12103 ? 111 DC B OP1   1 
ATOM 268 O OP2   . DC B 2 4  ? -0.38100  4.52137   7.73616   1.000 430.59727 ? 111 DC B OP2   1 
ATOM 269 O "O5'" . DC B 2 4  ? -2.69443  3.58583   7.83859   1.000 438.83155 ? 111 DC B "O5'" 1 
ATOM 270 C "C5'" . DC B 2 4  ? -2.95662  2.77255   6.70136   1.000 440.16841 ? 111 DC B "C5'" 1 
ATOM 271 C "C4'" . DC B 2 4  ? -2.42635  1.36227   6.90397   1.000 440.70576 ? 111 DC B "C4'" 1 
ATOM 272 O "O4'" . DC B 2 4  ? -1.07741  1.26881   6.37878   1.000 436.47875 ? 111 DC B "O4'" 1 
ATOM 273 C "C3'" . DC B 2 4  ? -2.35179  0.89299   8.35852   1.000 441.94134 ? 111 DC B "C3'" 1 
ATOM 274 O "O3'" . DC B 2 4  ? -2.76957  -0.46581  8.45137   1.000 445.37795 ? 111 DC B "O3'" 1 
ATOM 275 C "C2'" . DC B 2 4  ? -0.86835  1.04660   8.69494   1.000 437.37008 ? 111 DC B "C2'" 1 
ATOM 276 C "C1'" . DC B 2 4  ? -0.22453  0.72507   7.36021   1.000 435.18457 ? 111 DC B "C1'" 1 
ATOM 277 N N1    . DC B 2 4  ? 1.13757   1.30861   7.17035   1.000 430.19308 ? 111 DC B N1    1 
ATOM 278 C C2    . DC B 2 4  ? 2.23551   0.75636   7.83982   1.000 428.11252 ? 111 DC B C2    1 
ATOM 279 O O2    . DC B 2 4  ? 2.05843   -0.19817  8.60485   1.000 430.42031 ? 111 DC B O2    1 
ATOM 280 N N3    . DC B 2 4  ? 3.46449   1.29350   7.63389   1.000 423.71449 ? 111 DC B N3    1 
ATOM 281 C C4    . DC B 2 4  ? 3.61351   2.32398   6.79955   1.000 421.47413 ? 111 DC B C4    1 
ATOM 282 N N4    . DC B 2 4  ? 4.84367   2.81840   6.62686   1.000 417.30465 ? 111 DC B N4    1 
ATOM 283 C C5    . DC B 2 4  ? 2.50850   2.89221   6.10434   1.000 423.52086 ? 111 DC B C5    1 
ATOM 284 C C6    . DC B 2 4  ? 1.30316   2.35897   6.31878   1.000 427.82089 ? 111 DC B C6    1 
ATOM 285 P P     . DC B 2 5  ? -4.26489  -0.82465  8.91966   1.000 507.16562 ? 112 DC B P     1 
ATOM 286 O OP1   . DC B 2 5  ? -4.53823  -2.21846  8.50400   1.000 510.12091 ? 112 DC B OP1   1 
ATOM 287 O OP2   . DC B 2 5  ? -5.15376  0.26824   8.46750   1.000 508.01250 ? 112 DC B OP2   1 
ATOM 288 O "O5'" . DC B 2 5  ? -4.19591  -0.76972  10.51677  1.000 507.82922 ? 112 DC B "O5'" 1 
ATOM 289 C "C5'" . DC B 2 5  ? -3.73685  -1.90129  11.24936  1.000 508.66210 ? 112 DC B "C5'" 1 
ATOM 290 C "C4'" . DC B 2 5  ? -3.14776  -1.48580  12.58816  1.000 507.06665 ? 112 DC B "C4'" 1 
ATOM 291 O "O4'" . DC B 2 5  ? -1.98635  -0.64176  12.36831  1.000 501.95221 ? 112 DC B "O4'" 1 
ATOM 292 C "C3'" . DC B 2 5  ? -4.08005  -0.68153  13.49493  1.000 509.48356 ? 112 DC B "C3'" 1 
ATOM 293 O "O3'" . DC B 2 5  ? -3.81875  -1.00578  14.85424  1.000 510.28097 ? 112 DC B "O3'" 1 
ATOM 294 C "C2'" . DC B 2 5  ? -3.67084  0.75494   13.18919  1.000 505.78351 ? 112 DC B "C2'" 1 
ATOM 295 C "C1'" . DC B 2 5  ? -2.16790  0.58838   13.03570  1.000 501.20705 ? 112 DC B "C1'" 1 
ATOM 296 N N1    . DC B 2 5  ? -1.51162  1.66305   12.23718  1.000 497.04541 ? 112 DC B N1    1 
ATOM 297 C C2    . DC B 2 5  ? -0.11579  1.74056   12.20947  1.000 492.70156 ? 112 DC B C2    1 
ATOM 298 O O2    . DC B 2 5  ? 0.54128   0.91534   12.85337  1.000 492.36688 ? 112 DC B O2    1 
ATOM 299 N N3    . DC B 2 5  ? 0.47439   2.71776   11.47931  1.000 489.09620 ? 112 DC B N3    1 
ATOM 300 C C4    . DC B 2 5  ? -0.27492  3.58819   10.80124  1.000 489.68709 ? 112 DC B C4    1 
ATOM 301 N N4    . DC B 2 5  ? 0.35316   4.53236   10.09219  1.000 486.14814 ? 112 DC B N4    1 
ATOM 302 C C5    . DC B 2 5  ? -1.70139  3.52705   10.81946  1.000 494.04544 ? 112 DC B C5    1 
ATOM 303 C C6    . DC B 2 5  ? -2.27148  2.55618   11.54154  1.000 497.61043 ? 112 DC B C6    1 
ATOM 304 P P     . DG B 2 6  ? -4.74602  -2.05720  15.63944  1.000 551.41532 ? 113 DG B P     1 
ATOM 305 O OP1   . DG B 2 6  ? -5.10692  -3.13680  14.69380  1.000 553.53619 ? 113 DG B OP1   1 
ATOM 306 O OP2   . DG B 2 6  ? -5.81181  -1.29318  16.32477  1.000 554.32239 ? 113 DG B OP2   1 
ATOM 307 O "O5'" . DG B 2 6  ? -3.77183  -2.65480  16.76030  1.000 550.23778 ? 113 DG B "O5'" 1 
ATOM 308 C "C5'" . DG B 2 6  ? -2.58819  -3.34624  16.37309  1.000 547.18494 ? 113 DG B "C5'" 1 
ATOM 309 C "C4'" . DG B 2 6  ? -1.58756  -3.43551  17.51922  1.000 545.22391 ? 113 DG B "C4'" 1 
ATOM 310 O "O4'" . DG B 2 6  ? -0.70371  -2.29562  17.50008  1.000 540.68393 ? 113 DG B "O4'" 1 
ATOM 311 C "C3'" . DG B 2 6  ? -2.17714  -3.46413  18.91845  1.000 548.53778 ? 113 DG B "C3'" 1 
ATOM 312 O "O3'" . DG B 2 6  ? -1.34054  -4.25343  19.76732  1.000 548.01817 ? 113 DG B "O3'" 1 
ATOM 313 C "C2'" . DG B 2 6  ? -2.19446  -1.98438  19.33443  1.000 546.76905 ? 113 DG B "C2'" 1 
ATOM 314 C "C1'" . DG B 2 6  ? -1.13798  -1.32855  18.43620  1.000 541.54704 ? 113 DG B "C1'" 1 
ATOM 315 N N9    . DG B 2 6  ? -1.64257  -0.18237  17.68826  1.000 540.70396 ? 113 DG B N9    1 
ATOM 316 C C8    . DG B 2 6  ? -2.93889  0.27067   17.63962  1.000 544.06156 ? 113 DG B C8    1 
ATOM 317 N N7    . DG B 2 6  ? -3.09620  1.31284   16.87126  1.000 542.32620 ? 113 DG B N7    1 
ATOM 318 C C5    . DG B 2 6  ? -1.82262  1.56322   16.37430  1.000 537.54670 ? 113 DG B C5    1 
ATOM 319 C C6    . DG B 2 6  ? -1.37100  2.57506   15.49440  1.000 533.98843 ? 113 DG B C6    1 
ATOM 320 O O6    . DG B 2 6  ? -2.03060  3.47017   14.95025  1.000 534.33466 ? 113 DG B O6    1 
ATOM 321 N N1    . DG B 2 6  ? -0.00483  2.46721   15.24559  1.000 529.78552 ? 113 DG B N1    1 
ATOM 322 C C2    . DG B 2 6  ? 0.82160   1.51258   15.79003  1.000 529.06894 ? 113 DG B C2    1 
ATOM 323 N N2    . DG B 2 6  ? 2.11294   1.56882   15.43687  1.000 524.87009 ? 113 DG B N2    1 
ATOM 324 N N3    . DG B 2 6  ? 0.41051   0.56281   16.61919  1.000 532.34824 ? 113 DG B N3    1 
ATOM 325 C C4    . DG B 2 6  ? -0.91886  0.65025   16.86668  1.000 536.49775 ? 113 DG B C4    1 
ATOM 326 P P     . DT B 2 7  ? -1.47419  -4.18470  21.36829  1.000 570.53565 ? 114 DT B P     1 
ATOM 327 O OP1   . DT B 2 7  ? -0.93666  -5.45853  21.89498  1.000 571.45322 ? 114 DT B OP1   1 
ATOM 328 O OP2   . DT B 2 7  ? -2.85244  -3.78184  21.72724  1.000 574.73382 ? 114 DT B OP2   1 
ATOM 329 O "O5'" . DT B 2 7  ? -0.46707  -3.01194  21.77911  1.000 566.06777 ? 114 DT B "O5'" 1 
ATOM 330 C "C5'" . DT B 2 7  ? 0.90807   -3.11020  21.42414  1.000 561.54896 ? 114 DT B "C5'" 1 
ATOM 331 C "C4'" . DT B 2 7  ? 1.62673   -1.79083  21.64284  1.000 557.75218 ? 114 DT B "C4'" 1 
ATOM 332 O "O4'" . DT B 2 7  ? 1.34317   -0.89516  20.55765  1.000 556.11341 ? 114 DT B "O4'" 1 
ATOM 333 C "C3'" . DT B 2 7  ? 1.20078   -1.02098  22.87912  1.000 559.51084 ? 114 DT B "C3'" 1 
ATOM 334 O "O3'" . DT B 2 7  ? 1.95633   -1.45284  24.00376  1.000 559.26294 ? 114 DT B "O3'" 1 
ATOM 335 C "C2'" . DT B 2 7  ? 1.52086   0.43813   22.51212  1.000 556.20324 ? 114 DT B "C2'" 1 
ATOM 336 C "C1'" . DT B 2 7  ? 1.65210   0.41246   20.97962  1.000 553.96668 ? 114 DT B "C1'" 1 
ATOM 337 N N1    . DT B 2 7  ? 0.74879   1.37408   20.28345  1.000 554.62042 ? 114 DT B N1    1 
ATOM 338 C C2    . DT B 2 7  ? 1.25671   2.16658   19.28035  1.000 550.98733 ? 114 DT B C2    1 
ATOM 339 O O2    . DT B 2 7  ? 2.41864   2.12229   18.91707  1.000 547.23917 ? 114 DT B O2    1 
ATOM 340 N N3    . DT B 2 7  ? 0.34932   3.01876   18.70992  1.000 552.00387 ? 114 DT B N3    1 
ATOM 341 C C4    . DT B 2 7  ? -0.98692  3.15787   19.03741  1.000 556.20007 ? 114 DT B C4    1 
ATOM 342 O O4    . DT B 2 7  ? -1.72388  3.95392   18.46358  1.000 556.82778 ? 114 DT B O4    1 
ATOM 343 C C5    . DT B 2 7  ? -1.45481  2.29887   20.09944  1.000 559.90023 ? 114 DT B C5    1 
ATOM 344 C C7    . DT B 2 7  ? -2.88644  2.35859   20.54230  1.000 564.76270 ? 114 DT B C7    1 
ATOM 345 C C6    . DT B 2 7  ? -0.57393  1.46019   20.66617  1.000 558.94314 ? 114 DT B C6    1 
ATOM 346 O "O5'" . DT C 3 1  ? -0.58960  -19.48320 -11.67698 1.000 579.36366 ? 100 DT C "O5'" 1 
ATOM 347 C "C5'" . DT C 3 1  ? -0.84610  -20.87570 -11.53350 1.000 576.62587 ? 100 DT C "C5'" 1 
ATOM 348 C "C4'" . DT C 3 1  ? 0.42734   -21.63031 -11.19450 1.000 582.92272 ? 100 DT C "C4'" 1 
ATOM 349 O "O4'" . DT C 3 1  ? 1.40720   -21.42425 -12.24766 1.000 589.19739 ? 100 DT C "O4'" 1 
ATOM 350 C "C3'" . DT C 3 1  ? 1.10349   -21.20151 -9.89211  1.000 586.68093 ? 100 DT C "C3'" 1 
ATOM 351 O "O3'" . DT C 3 1  ? 1.59916   -22.33911 -9.19532  1.000 588.36684 ? 100 DT C "O3'" 1 
ATOM 352 C "C2'" . DT C 3 1  ? 2.23677   -20.30271 -10.37093 1.000 593.99000 ? 100 DT C "C2'" 1 
ATOM 353 C "C1'" . DT C 3 1  ? 2.61461   -20.95930 -11.68934 1.000 596.05753 ? 100 DT C "C1'" 1 
ATOM 354 N N1    . DT C 3 1  ? 3.24478   -20.01421 -12.64717 1.000 601.04868 ? 100 DT C N1    1 
ATOM 355 C C2    . DT C 3 1  ? 4.60327   -20.06843 -12.85517 1.000 608.87948 ? 100 DT C C2    1 
ATOM 356 O O2    . DT C 3 1  ? 5.33473   -20.86364 -12.29152 1.000 611.95964 ? 100 DT C O2    1 
ATOM 357 N N3    . DT C 3 1  ? 5.08150   -19.14425 -13.74496 1.000 613.15866 ? 100 DT C N3    1 
ATOM 358 C C4    . DT C 3 1  ? 4.35202   -18.19470 -14.43703 1.000 610.52254 ? 100 DT C C4    1 
ATOM 359 O O4    . DT C 3 1  ? 4.87452   -17.40802 -15.22000 1.000 615.08139 ? 100 DT C O4    1 
ATOM 360 C C5    . DT C 3 1  ? 2.93230   -18.19337 -14.17080 1.000 602.19490 ? 100 DT C C5    1 
ATOM 361 C C7    . DT C 3 1  ? 2.03433   -17.20843 -14.85622 1.000 598.72593 ? 100 DT C C7    1 
ATOM 362 C C6    . DT C 3 1  ? 2.45597   -19.08996 -13.29764 1.000 597.90387 ? 100 DT C C6    1 
ATOM 363 P P     . DC C 3 2  ? 2.37007   -22.15417 -7.79662  1.000 579.76383 ? 101 DC C P     1 
ATOM 364 O OP1   . DC C 3 2  ? 2.27437   -23.43342 -7.05967  1.000 578.25314 ? 101 DC C OP1   1 
ATOM 365 O OP2   . DC C 3 2  ? 1.87644   -20.90690 -7.17093  1.000 578.40329 ? 101 DC C OP2   1 
ATOM 366 O "O5'" . DC C 3 2  ? 3.89419   -21.91993 -8.22525  1.000 588.52838 ? 101 DC C "O5'" 1 
ATOM 367 C "C5'" . DC C 3 2  ? 4.80517   -21.31577 -7.31629  1.000 594.53111 ? 101 DC C "C5'" 1 
ATOM 368 C "C4'" . DC C 3 2  ? 6.23650   -21.48463 -7.79429  1.000 602.39342 ? 101 DC C "C4'" 1 
ATOM 369 O "O4'" . DC C 3 2  ? 6.37344   -20.93394 -9.13094  1.000 603.55083 ? 101 DC C "O4'" 1 
ATOM 370 C "C3'" . DC C 3 2  ? 7.28079   -20.76635 -6.95524  1.000 609.40187 ? 101 DC C "C3'" 1 
ATOM 371 O "O3'" . DC C 3 2  ? 8.51268   -21.46600 -7.02544  1.000 615.75373 ? 101 DC C "O3'" 1 
ATOM 372 C "C2'" . DC C 3 2  ? 7.36899   -19.41113 -7.64648  1.000 611.06064 ? 101 DC C "C2'" 1 
ATOM 373 C "C1'" . DC C 3 2  ? 7.23913   -19.81186 -9.10407  1.000 609.63082 ? 101 DC C "C1'" 1 
ATOM 374 N N1    . DC C 3 2  ? 6.65578   -18.75445 -9.98038  1.000 607.37599 ? 101 DC C N1    1 
ATOM 375 C C2    . DC C 3 2  ? 7.49473   -17.97778 -10.78919 1.000 613.16005 ? 101 DC C C2    1 
ATOM 376 O O2    . DC C 3 2  ? 8.71666   -18.16122 -10.74737 1.000 620.02633 ? 101 DC C O2    1 
ATOM 377 N N3    . DC C 3 2  ? 6.94144   -17.03471 -11.59266 1.000 611.20497 ? 101 DC C N3    1 
ATOM 378 C C4    . DC C 3 2  ? 5.61917   -16.86210 -11.60991 1.000 603.78651 ? 101 DC C C4    1 
ATOM 379 N N4    . DC C 3 2  ? 5.12024   -15.92009 -12.41866 1.000 602.28843 ? 101 DC C N4    1 
ATOM 380 C C5    . DC C 3 2  ? 4.74914   -17.64538 -10.79595 1.000 597.73334 ? 101 DC C C5    1 
ATOM 381 C C6    . DC C 3 2  ? 5.30459   -18.57325 -10.00882 1.000 599.81746 ? 101 DC C C6    1 
ATOM 382 P P     . DT C 3 3  ? 9.34189   -21.77974 -5.68645  1.000 497.83896 ? 102 DT C P     1 
ATOM 383 O OP1   . DT C 3 3  ? 9.54788   -23.24321 -5.61518  1.000 497.58865 ? 102 DT C OP1   1 
ATOM 384 O OP2   . DT C 3 3  ? 8.67597   -21.07531 -4.56859  1.000 495.63253 ? 102 DT C OP2   1 
ATOM 385 O "O5'" . DT C 3 3  ? 10.75268  -21.07292 -5.93815  1.000 506.60587 ? 102 DT C "O5'" 1 
ATOM 386 C "C5'" . DT C 3 3  ? 11.79409  -21.21797 -4.98720  1.000 513.20025 ? 102 DT C "C5'" 1 
ATOM 387 C "C4'" . DT C 3 3  ? 12.42390  -19.87518 -4.66737  1.000 518.66024 ? 102 DT C "C4'" 1 
ATOM 388 O "O4'" . DT C 3 3  ? 11.77353  -18.83193 -5.44148  1.000 515.40672 ? 102 DT C "O4'" 1 
ATOM 389 C "C3'" . DT C 3 3  ? 12.33024  -19.45453 -3.20429  1.000 520.17584 ? 102 DT C "C3'" 1 
ATOM 390 O "O3'" . DT C 3 3  ? 13.60330  -18.93051 -2.76241  1.000 528.83424 ? 102 DT C "O3'" 1 
ATOM 391 C "C2'" . DT C 3 3  ? 11.20159  -18.41329 -3.19822  1.000 514.89731 ? 102 DT C "C2'" 1 
ATOM 392 C "C1'" . DT C 3 3  ? 11.30491  -17.80490 -4.59171  1.000 514.66887 ? 102 DT C "C1'" 1 
ATOM 393 N N1    . DT C 3 3  ? 10.00545  -17.31525 -5.13802  1.000 507.19429 ? 102 DT C N1    1 
ATOM 394 C C2    . DT C 3 3  ? 10.01137  -16.40216 -6.16888  1.000 507.50198 ? 102 DT C C2    1 
ATOM 395 O O2    . DT C 3 3  ? 11.03306  -15.95230 -6.65597  1.000 513.66945 ? 102 DT C O2    1 
ATOM 396 N N3    . DT C 3 3  ? 8.77006   -16.02911 -6.61107  1.000 500.45748 ? 102 DT C N3    1 
ATOM 397 C C4    . DT C 3 3  ? 7.54765   -16.46824 -6.13534  1.000 493.20286 ? 102 DT C C4    1 
ATOM 398 O O4    . DT C 3 3  ? 6.48279   -16.07543 -6.60070  1.000 487.23400 ? 102 DT C O4    1 
ATOM 399 C C5    . DT C 3 3  ? 7.61255   -17.42705 -5.05520  1.000 493.31937 ? 102 DT C C5    1 
ATOM 400 C C7    . DT C 3 3  ? 6.35080   -17.98125 -4.46153  1.000 486.00578 ? 102 DT C C7    1 
ATOM 401 C C6    . DT C 3 3  ? 8.82406   -17.80275 -4.61813  1.000 500.26333 ? 102 DT C C6    1 
ATOM 402 P P     . DG C 3 4  ? 13.71977  -17.49673 -2.04466  1.000 582.39966 ? 103 DG C P     1 
ATOM 403 O OP1   . DG C 3 4  ? 12.85259  -17.48314 -0.84424  1.000 579.32699 ? 103 DG C OP1   1 
ATOM 404 O OP2   . DG C 3 4  ? 13.58986  -16.48037 -3.10963  1.000 581.47301 ? 103 DG C OP2   1 
ATOM 405 O "O5'" . DG C 3 4  ? 15.23697  -17.42245 -1.54475  1.000 592.19793 ? 103 DG C "O5'" 1 
ATOM 406 C "C5'" . DG C 3 4  ? 15.64092  -16.37591 -0.65720  1.000 597.55598 ? 103 DG C "C5'" 1 
ATOM 407 C "C4'" . DG C 3 4  ? 16.30343  -15.23340 -1.41307  1.000 601.77378 ? 103 DG C "C4'" 1 
ATOM 408 O "O4'" . DG C 3 4  ? 15.41102  -14.73987 -2.44018  1.000 595.55242 ? 103 DG C "O4'" 1 
ATOM 409 C "C3'" . DG C 3 4  ? 16.63150  -14.01511 -0.57208  1.000 607.04635 ? 103 DG C "C3'" 1 
ATOM 410 O "O3'" . DG C 3 4  ? 17.69540  -13.28624 -1.17688  1.000 613.34670 ? 103 DG C "O3'" 1 
ATOM 411 C "C2'" . DG C 3 4  ? 15.31676  -13.23721 -0.60637  1.000 600.42527 ? 103 DG C "C2'" 1 
ATOM 412 C "C1'" . DG C 3 4  ? 14.79088  -13.53786 -2.01192  1.000 594.33557 ? 103 DG C "C1'" 1 
ATOM 413 N N9    . DG C 3 4  ? 13.34090  -13.72576 -2.05887  1.000 585.47477 ? 103 DG C N9    1 
ATOM 414 C C8    . DG C 3 4  ? 12.59185  -14.54602 -1.25164  1.000 581.28246 ? 103 DG C C8    1 
ATOM 415 N N7    . DG C 3 4  ? 11.31880  -14.52453 -1.52172  1.000 573.44310 ? 103 DG C N7    1 
ATOM 416 C C5    . DG C 3 4  ? 11.20826  -13.61895 -2.56607  1.000 572.39624 ? 103 DG C C5    1 
ATOM 417 C C6    . DG C 3 4  ? 10.06348  -13.18289 -3.26919  1.000 565.34402 ? 103 DG C C6    1 
ATOM 418 O O6    . DG C 3 4  ? 8.88501   -13.52181 -3.09821  1.000 558.30704 ? 103 DG C O6    1 
ATOM 419 N N1    . DG C 3 4  ? 10.38636  -12.25675 -4.25590  1.000 567.22225 ? 103 DG C N1    1 
ATOM 420 C C2    . DG C 3 4  ? 11.65793  -11.80995 -4.53150  1.000 574.92729 ? 103 DG C C2    1 
ATOM 421 N N2    . DG C 3 4  ? 11.77005  -10.91438 -5.52391  1.000 575.77907 ? 103 DG C N2    1 
ATOM 422 N N3    . DG C 3 4  ? 12.74387  -12.21152 -3.87815  1.000 581.51068 ? 103 DG C N3    1 
ATOM 423 C C4    . DG C 3 4  ? 12.44381  -13.11524 -2.91170  1.000 579.79323 ? 103 DG C C4    1 
ATOM 424 P P     . DA C 3 5  ? 18.10192  -11.82969 -0.63298  1.000 666.60873 ? 104 DA C P     1 
ATOM 425 O OP1   . DA C 3 5  ? 19.50889  -11.58928 -1.02237  1.000 674.65478 ? 104 DA C OP1   1 
ATOM 426 O OP2   . DA C 3 5  ? 17.71399  -11.73897 0.79238   1.000 667.47525 ? 104 DA C OP2   1 
ATOM 427 O "O5'" . DA C 3 5  ? 17.16455  -10.84173 -1.46955  1.000 661.04460 ? 104 DA C "O5'" 1 
ATOM 428 C "C5'" . DA C 3 5  ? 17.13129  -9.45941  -1.16176  1.000 663.73802 ? 104 DA C "C5'" 1 
ATOM 429 C "C4'" . DA C 3 5  ? 16.48869  -8.67815  -2.29202  1.000 659.15777 ? 104 DA C "C4'" 1 
ATOM 430 O "O4'" . DA C 3 5  ? 15.26727  -9.34612  -2.71165  1.000 650.10147 ? 104 DA C "O4'" 1 
ATOM 431 C "C3'" . DA C 3 5  ? 16.09115  -7.24948  -1.93912  1.000 659.94391 ? 104 DA C "C3'" 1 
ATOM 432 O "O3'" . DA C 3 5  ? 16.31284  -6.39425  -3.05259  1.000 660.78224 ? 104 DA C "O3'" 1 
ATOM 433 C "C2'" . DA C 3 5  ? 14.60627  -7.38055  -1.61331  1.000 651.61328 ? 104 DA C "C2'" 1 
ATOM 434 C "C1'" . DA C 3 5  ? 14.16802  -8.46824  -2.58457  1.000 645.33193 ? 104 DA C "C1'" 1 
ATOM 435 N N9    . DA C 3 5  ? 13.01488  -9.23581  -2.11497  1.000 638.12695 ? 104 DA C N9    1 
ATOM 436 C C8    . DA C 3 5  ? 13.01530  -10.22433 -1.17038  1.000 638.26062 ? 104 DA C C8    1 
ATOM 437 N N7    . DA C 3 5  ? 11.83091  -10.74162 -0.94293  1.000 630.98219 ? 104 DA C N7    1 
ATOM 438 C C5    . DA C 3 5  ? 10.99273  -10.04488 -1.79781  1.000 625.63219 ? 104 DA C C5    1 
ATOM 439 C C6    . DA C 3 5  ? 9.60463   -10.12190 -2.03756  1.000 617.06952 ? 104 DA C C6    1 
ATOM 440 N N6    . DA C 3 5  ? 8.79580   -10.97688 -1.40393  1.000 612.23281 ? 104 DA C N6    1 
ATOM 441 N N1    . DA C 3 5  ? 9.08009   -9.28428  -2.95786  1.000 613.82226 ? 104 DA C N1    1 
ATOM 442 C C2    . DA C 3 5  ? 9.89608   -8.42954  -3.58861  1.000 618.90820 ? 104 DA C C2    1 
ATOM 443 N N3    . DA C 3 5  ? 11.21313  -8.26532  -3.44754  1.000 627.01812 ? 104 DA C N3    1 
ATOM 444 C C4    . DA C 3 5  ? 11.70449  -9.11241  -2.52835  1.000 629.98096 ? 104 DA C C4    1 
ATOM 445 P P     . DC C 3 6  ? 16.52491  -4.81652  -2.83279  1.000 732.42471 ? 105 DC C P     1 
ATOM 446 O OP1   . DC C 3 6  ? 17.91886  -4.49234  -3.20848  1.000 742.70951 ? 105 DC C OP1   1 
ATOM 447 O OP2   . DC C 3 6  ? 16.03053  -4.47434  -1.48039  1.000 732.81052 ? 105 DC C OP2   1 
ATOM 448 O "O5'" . DC C 3 6  ? 15.53477  -4.15410  -3.89758  1.000 725.99803 ? 105 DC C "O5'" 1 
ATOM 449 C "C5'" . DC C 3 6  ? 14.28069  -4.76500  -4.16369  1.000 717.06165 ? 105 DC C "C5'" 1 
ATOM 450 C "C4'" . DC C 3 6  ? 13.21716  -3.72072  -4.43584  1.000 712.35863 ? 105 DC C "C4'" 1 
ATOM 451 O "O4'" . DC C 3 6  ? 11.91138  -4.29404  -4.16982  1.000 704.10115 ? 105 DC C "O4'" 1 
ATOM 452 C "C3'" . DC C 3 6  ? 13.30045  -2.48203  -3.55736  1.000 716.73104 ? 105 DC C "C3'" 1 
ATOM 453 O "O3'" . DC C 3 6  ? 12.74544  -1.36244  -4.23814  1.000 716.43467 ? 105 DC C "O3'" 1 
ATOM 454 C "C2'" . DC C 3 6  ? 12.45888  -2.88288  -2.35380  1.000 713.36981 ? 105 DC C "C2'" 1 
ATOM 455 C "C1'" . DC C 3 6  ? 11.35900  -3.72137  -2.99834  1.000 704.07051 ? 105 DC C "C1'" 1 
ATOM 456 N N1    . DC C 3 6  ? 10.86779  -4.81935  -2.11502  1.000 700.84592 ? 105 DC C N1    1 
ATOM 457 C C2    . DC C 3 6  ? 9.51297   -5.16540  -2.12317  1.000 692.41811 ? 105 DC C C2    1 
ATOM 458 O O2    . DC C 3 6  ? 8.74179   -4.55913  -2.87505  1.000 687.70697 ? 105 DC C O2    1 
ATOM 459 N N3    . DC C 3 6  ? 9.08489   -6.16258  -1.30716  1.000 689.80299 ? 105 DC C N3    1 
ATOM 460 C C4    . DC C 3 6  ? 9.95184   -6.79244  -0.51072  1.000 695.32727 ? 105 DC C C4    1 
ATOM 461 N N4    . DC C 3 6  ? 9.48713   -7.76832  0.27776   1.000 692.72120 ? 105 DC C N4    1 
ATOM 462 C C5    . DC C 3 6  ? 11.33453  -6.44831  -0.48601  1.000 703.93771 ? 105 DC C C5    1 
ATOM 463 C C6    . DC C 3 6  ? 11.74343  -5.46682  -1.29561  1.000 706.35183 ? 105 DC C C6    1 
ATOM 464 P P     . DT C 3 7  ? 12.80556  0.10509   -3.58297  1.000 701.96051 ? 106 DT C P     1 
ATOM 465 O OP1   . DT C 3 7  ? 13.26045  1.03633   -4.63848  1.000 707.19146 ? 106 DT C OP1   1 
ATOM 466 O OP2   . DT C 3 7  ? 13.55451  0.03057   -2.30879  1.000 707.26916 ? 106 DT C OP2   1 
ATOM 467 O "O5'" . DT C 3 7  ? 11.27633  0.42768   -3.24692  1.000 697.62449 ? 106 DT C "O5'" 1 
ATOM 468 C "C5'" . DT C 3 7  ? 10.32265  0.46668   -4.29896  1.000 692.00939 ? 106 DT C "C5'" 1 
ATOM 469 C "C4'" . DT C 3 7  ? 8.92157   0.19006   -3.78404  1.000 685.72263 ? 106 DT C "C4'" 1 
ATOM 470 O "O4'" . DT C 3 7  ? 8.89923   -1.06292  -3.03913  1.000 680.29947 ? 106 DT C "O4'" 1 
ATOM 471 C "C3'" . DT C 3 7  ? 8.34871   1.24778   -2.82693  1.000 691.20329 ? 106 DT C "C3'" 1 
ATOM 472 O "O3'" . DT C 3 7  ? 6.97065   1.42483   -3.10161  1.000 687.16810 ? 106 DT C "O3'" 1 
ATOM 473 C "C2'" . DT C 3 7  ? 8.52734   0.57597   -1.47217  1.000 690.94730 ? 106 DT C "C2'" 1 
ATOM 474 C "C1'" . DT C 3 7  ? 8.15937   -0.83691  -1.86804  1.000 680.95357 ? 106 DT C "C1'" 1 
ATOM 475 N N1    . DT C 3 7  ? 8.46541   -1.87739  -0.84444  1.000 678.88080 ? 106 DT C N1    1 
ATOM 476 C C2    . DT C 3 7  ? 7.44454   -2.68637  -0.41107  1.000 671.69754 ? 106 DT C C2    1 
ATOM 477 O O2    . DT C 3 7  ? 6.30614   -2.60459  -0.83540  1.000 666.85837 ? 106 DT C O2    1 
ATOM 478 N N3    . DT C 3 7  ? 7.79837   -3.60752  0.53185   1.000 670.60263 ? 106 DT C N3    1 
ATOM 479 C C4    . DT C 3 7  ? 9.05053   -3.79468  1.08425   1.000 677.19340 ? 106 DT C C4    1 
ATOM 480 O O4    . DT C 3 7  ? 9.26757   -4.65591  1.93039   1.000 678.98744 ? 106 DT C O4    1 
ATOM 481 C C5    . DT C 3 7  ? 10.08316  -2.90892  0.59164   1.000 683.54111 ? 106 DT C C5    1 
ATOM 482 C C7    . DT C 3 7  ? 11.48384  -3.01696  1.11911   1.000 692.66415 ? 106 DT C C7    1 
ATOM 483 C C6    . DT C 3 7  ? 9.74275   -1.99772  -0.33732  1.000 684.54281 ? 106 DT C C6    1 
ATOM 484 P P     . DG C 3 8  ? 6.41859   2.77354   -3.77498  1.000 601.99282 ? 107 DG C P     1 
ATOM 485 O OP1   . DG C 3 8  ? 6.84569   2.77438   -5.19188  1.000 601.03373 ? 107 DG C OP1   1 
ATOM 486 O OP2   . DG C 3 8  ? 6.77715   3.90872   -2.89640  1.000 611.68457 ? 107 DG C OP2   1 
ATOM 487 O "O5'" . DG C 3 8  ? 4.83126   2.58249   -3.71027  1.000 595.52882 ? 107 DG C "O5'" 1 
ATOM 488 C "C5'" . DG C 3 8  ? 4.27248   1.28067   -3.88572  1.000 585.80622 ? 107 DG C "C5'" 1 
ATOM 489 C "C4'" . DG C 3 8  ? 2.93293   1.15494   -3.17779  1.000 582.12917 ? 107 DG C "C4'" 1 
ATOM 490 O "O4'" . DG C 3 8  ? 3.00625   0.11394   -2.16939  1.000 578.56647 ? 107 DG C "O4'" 1 
ATOM 491 C "C3'" . DG C 3 8  ? 2.45979   2.40479   -2.45351  1.000 589.54775 ? 107 DG C "C3'" 1 
ATOM 492 O "O3'" . DG C 3 8  ? 1.04193   2.48570   -2.51040  1.000 585.72678 ? 107 DG C "O3'" 1 
ATOM 493 C "C2'" . DG C 3 8  ? 2.96252   2.19027   -1.02585  1.000 593.21417 ? 107 DG C "C2'" 1 
ATOM 494 C "C1'" . DG C 3 8  ? 2.91066   0.67054   -0.86959  1.000 584.53146 ? 107 DG C "C1'" 1 
ATOM 495 N N9    . DG C 3 8  ? 4.01362   0.14043   -0.07061  1.000 587.06032 ? 107 DG C N9    1 
ATOM 496 C C8    . DG C 3 8  ? 5.33450   0.50076   -0.16299  1.000 593.28645 ? 107 DG C C8    1 
ATOM 497 N N7    . DG C 3 8  ? 6.10730   -0.13224  0.67184   1.000 594.60497 ? 107 DG C N7    1 
ATOM 498 C C5    . DG C 3 8  ? 5.24862   -0.97754  1.36038   1.000 588.80901 ? 107 DG C C5    1 
ATOM 499 C C6    . DG C 3 8  ? 5.52562   -1.91202  2.38525   1.000 587.60656 ? 107 DG C C6    1 
ATOM 500 O O6    . DG C 3 8  ? 6.61859   -2.17839  2.90237   1.000 591.60960 ? 107 DG C O6    1 
ATOM 501 N N1    . DG C 3 8  ? 4.37429   -2.56640  2.81350   1.000 581.40204 ? 107 DG C N1    1 
ATOM 502 C C2    . DG C 3 8  ? 3.11281   -2.34981  2.30923   1.000 576.91084 ? 107 DG C C2    1 
ATOM 503 N N2    . DG C 3 8  ? 2.12280   -3.07684  2.84983   1.000 571.46539 ? 107 DG C N2    1 
ATOM 504 N N3    . DG C 3 8  ? 2.83804   -1.47382  1.34395   1.000 578.05549 ? 107 DG C N3    1 
ATOM 505 C C4    . DG C 3 8  ? 3.95309   -0.82724  0.91649   1.000 584.05505 ? 107 DG C C4    1 
ATOM 506 P P     . DT C 3 9  ? 0.26589   3.69709   -1.79586  1.000 491.91486 ? 108 DT C P     1 
ATOM 507 O OP1   . DT C 3 9  ? -0.98315  3.93386   -2.55304  1.000 488.28880 ? 108 DT C OP1   1 
ATOM 508 O OP2   . DT C 3 9  ? 1.22430   4.80777   -1.59939  1.000 501.96290 ? 108 DT C OP2   1 
ATOM 509 O "O5'" . DT C 3 9  ? -0.10909  3.10416   -0.36033  1.000 490.99030 ? 108 DT C "O5'" 1 
ATOM 510 C "C5'" . DT C 3 9  ? -0.74770  1.83621   -0.26526  1.000 481.79735 ? 108 DT C "C5'" 1 
ATOM 511 C "C4'" . DT C 3 9  ? -0.85399  1.39459   1.18183   1.000 483.01388 ? 108 DT C "C4'" 1 
ATOM 512 O "O4'" . DT C 3 9  ? 0.40645   0.84797   1.61509   1.000 484.39299 ? 108 DT C "O4'" 1 
ATOM 513 C "C3'" . DT C 3 9  ? -1.18531  2.51568   2.16904   1.000 492.18942 ? 108 DT C "C3'" 1 
ATOM 514 O "O3'" . DT C 3 9  ? -2.53524  2.39470   2.66040   1.000 489.85239 ? 108 DT C "O3'" 1 
ATOM 515 C "C2'" . DT C 3 9  ? -0.14313  2.37517   3.29391   1.000 497.72396 ? 108 DT C "C2'" 1 
ATOM 516 C "C1'" . DT C 3 9  ? 0.51699   1.03166   2.99971   1.000 490.23712 ? 108 DT C "C1'" 1 
ATOM 517 N N1    . DT C 3 9  ? 1.96262   0.97389   3.36873   1.000 495.19143 ? 108 DT C N1    1 
ATOM 518 C C2    . DT C 3 9  ? 2.37980   0.07909   4.32985   1.000 494.42663 ? 108 DT C C2    1 
ATOM 519 O O2    . DT C 3 9  ? 1.62288   -0.67396  4.91597   1.000 489.89749 ? 108 DT C O2    1 
ATOM 520 N N3    . DT C 3 9  ? 3.72550   0.10615   4.59015   1.000 499.60392 ? 108 DT C N3    1 
ATOM 521 C C4    . DT C 3 9  ? 4.67440   0.91730   3.99294   1.000 505.28441 ? 108 DT C C4    1 
ATOM 522 O O4    . DT C 3 9  ? 5.86216   0.86741   4.29229   1.000 509.94228 ? 108 DT C O4    1 
ATOM 523 C C5    . DT C 3 9  ? 4.16994   1.82637   2.99184   1.000 505.70395 ? 108 DT C C5    1 
ATOM 524 C C7    . DT C 3 9  ? 5.10579   2.75630   2.27817   1.000 511.98288 ? 108 DT C C7    1 
ATOM 525 C C6    . DT C 3 9  ? 2.85461   1.81037   2.73069   1.000 500.71741 ? 108 DT C C6    1 
ATOM 526 P P     . DG C 3 10 ? -3.24987  0.96167   2.83650   1.000 519.55615 ? 109 DG C P     1 
ATOM 527 O OP1   . DG C 3 10 ? -2.38010  0.06995   3.63174   1.000 518.86412 ? 109 DG C OP1   1 
ATOM 528 O OP2   . DG C 3 10 ? -3.76861  0.52807   1.52009   1.000 511.43100 ? 109 DG C OP2   1 
ATOM 529 O "O5'" . DG C 3 10 ? -4.53398  1.29411   3.72399   1.000 521.96785 ? 109 DG C "O5'" 1 
ATOM 530 C "C5'" . DG C 3 10 ? -5.63913  1.96802   3.14172   1.000 521.96273 ? 109 DG C "C5'" 1 
ATOM 531 C "C4'" . DG C 3 10 ? -5.77920  3.37158   3.70211   1.000 532.82711 ? 109 DG C "C4'" 1 
ATOM 532 O "O4'" . DG C 3 10 ? -4.85654  4.25632   3.02776   1.000 537.93346 ? 109 DG C "O4'" 1 
ATOM 533 C "C3'" . DG C 3 10 ? -7.14826  3.99103   3.50064   1.000 533.82391 ? 109 DG C "C3'" 1 
ATOM 534 O "O3'" . DG C 3 10 ? -7.98584  3.65388   4.59849   1.000 534.44613 ? 109 DG C "O3'" 1 
ATOM 535 C "C2'" . DG C 3 10 ? -6.84779  5.48762   3.47090   1.000 544.32817 ? 109 DG C "C2'" 1 
ATOM 536 C "C1'" . DG C 3 10 ? -5.42212  5.55033   2.90722   1.000 545.11580 ? 109 DG C "C1'" 1 
ATOM 537 N N9    . DG C 3 10 ? -5.32545  5.96601   1.50054   1.000 543.23626 ? 109 DG C N9    1 
ATOM 538 C C8    . DG C 3 10 ? -4.42041  5.49886   0.57821   1.000 538.84969 ? 109 DG C C8    1 
ATOM 539 N N7    . DG C 3 10 ? -4.54524  6.04004   -0.59950  1.000 538.68255 ? 109 DG C N7    1 
ATOM 540 C C5    . DG C 3 10 ? -5.59598  6.93398   -0.45713  1.000 543.16972 ? 109 DG C C5    1 
ATOM 541 C C6    . DG C 3 10 ? -6.17948  7.80651   -1.40638  1.000 545.40354 ? 109 DG C C6    1 
ATOM 542 O O6    . DG C 3 10 ? -5.86944  7.96209   -2.59573  1.000 543.80558 ? 109 DG C O6    1 
ATOM 543 N N1    . DG C 3 10 ? -7.22254  8.54471   -0.85755  1.000 550.46964 ? 109 DG C N1    1 
ATOM 544 C C2    . DG C 3 10 ? -7.65170  8.45402   0.44516   1.000 553.23668 ? 109 DG C C2    1 
ATOM 545 N N2    . DG C 3 10 ? -8.67473  9.24867   0.79293   1.000 558.69269 ? 109 DG C N2    1 
ATOM 546 N N3    . DG C 3 10 ? -7.11284  7.64164   1.34797   1.000 551.29006 ? 109 DG C N3    1 
ATOM 547 C C4    . DG C 3 10 ? -6.09222  6.90976   0.83047   1.000 546.13352 ? 109 DG C C4    1 
ATOM 548 P P     . DG C 3 11 ? -9.28467  2.73522   4.37633   1.000 580.92422 ? 110 DG C P     1 
ATOM 549 O OP1   . DG C 3 11 ? -9.66280  2.16887   5.69036   1.000 581.92731 ? 110 DG C OP1   1 
ATOM 550 O OP2   . DG C 3 11 ? -9.00854  1.83183   3.23715   1.000 571.08272 ? 110 DG C OP2   1 
ATOM 551 O "O5'" . DG C 3 11 ? -10.40988 3.77341   3.91879   1.000 584.66853 ? 110 DG C "O5'" 1 
ATOM 552 C "C5'" . DG C 3 11 ? -10.70189 4.90425   4.72947   1.000 595.33009 ? 110 DG C "C5'" 1 
ATOM 553 C "C4'" . DG C 3 11 ? -11.51922 5.92647   3.95989   1.000 598.56608 ? 110 DG C "C4'" 1 
ATOM 554 O "O4'" . DG C 3 11 ? -10.73222 6.45096   2.85674   1.000 598.86309 ? 110 DG C "O4'" 1 
ATOM 555 C "C3'" . DG C 3 11 ? -12.80867 5.39056   3.33844   1.000 591.14179 ? 110 DG C "C3'" 1 
ATOM 556 O "O3'" . DG C 3 11 ? -13.83099 6.37300   3.43430   1.000 597.73132 ? 110 DG C "O3'" 1 
ATOM 557 C "C2'" . DG C 3 11 ? -12.40650 5.14512   1.88672   1.000 584.41893 ? 110 DG C "C2'" 1 
ATOM 558 C "C1'" . DG C 3 11 ? -11.45428 6.30475   1.65358   1.000 592.69478 ? 110 DG C "C1'" 1 
ATOM 559 N N9    . DG C 3 11 ? -10.50303 6.09183   0.56434   1.000 588.57390 ? 110 DG C N9    1 
ATOM 560 C C8    . DG C 3 11 ? -9.39019  5.28509   0.57848   1.000 584.47417 ? 110 DG C C8    1 
ATOM 561 N N7    . DG C 3 11 ? -8.71969  5.30562   -0.54128  1.000 582.09668 ? 110 DG C N7    1 
ATOM 562 C C5    . DG C 3 11 ? -9.43029  6.18686   -1.34735  1.000 584.75185 ? 110 DG C C5    1 
ATOM 563 C C6    . DG C 3 11 ? -9.18394  6.61088   -2.67643  1.000 584.38166 ? 110 DG C C6    1 
ATOM 564 O O6    . DG C 3 11 ? -8.25700  6.27922   -3.42877  1.000 581.60435 ? 110 DG C O6    1 
ATOM 565 N N1    . DG C 3 11 ? -10.15067 7.51257   -3.11719  1.000 588.20868 ? 110 DG C N1    1 
ATOM 566 C C2    . DG C 3 11 ? -11.22011 7.94691   -2.36801  1.000 592.00347 ? 110 DG C C2    1 
ATOM 567 N N2    . DG C 3 11 ? -12.05144 8.81841   -2.95511  1.000 595.80450 ? 110 DG C N2    1 
ATOM 568 N N3    . DG C 3 11 ? -11.45907 7.55792   -1.12298  1.000 592.55180 ? 110 DG C N3    1 
ATOM 569 C C4    . DG C 3 11 ? -10.52818 6.68103   -0.67949  1.000 588.74292 ? 110 DG C C4    1 
ATOM 570 P P     . DT C 3 12 ? -15.34538 5.94019   3.75068   1.000 618.89385 ? 111 DT C P     1 
ATOM 571 O OP1   . DT C 3 12 ? -15.60738 6.24525   5.17479   1.000 626.91142 ? 111 DT C OP1   1 
ATOM 572 O OP2   . DT C 3 12 ? -15.53402 4.56140   3.24792   1.000 606.93853 ? 111 DT C OP2   1 
ATOM 573 O "O5'" . DT C 3 12 ? -16.22093 6.92615   2.84316   1.000 622.11665 ? 111 DT C "O5'" 1 
ATOM 574 C "C5'" . DT C 3 12 ? -15.61642 7.60631   1.74669   1.000 623.25558 ? 111 DT C "C5'" 1 
ATOM 575 C "C4'" . DT C 3 12 ? -16.19913 7.13568   0.42538   1.000 614.86764 ? 111 DT C "C4'" 1 
ATOM 576 O "O4'" . DT C 3 12 ? -15.13886 7.01154   -0.54059  1.000 611.34185 ? 111 DT C "O4'" 1 
ATOM 577 C "C3'" . DT C 3 12 ? -16.87284 5.76493   0.47369   1.000 604.80951 ? 111 DT C "C3'" 1 
ATOM 578 O "O3'" . DT C 3 12 ? -18.31571 5.90520   0.51632   1.000 605.51065 ? 111 DT C "O3'" 1 
ATOM 579 C "C2'" . DT C 3 12 ? -16.37519 5.02669   -0.78320  1.000 595.71892 ? 111 DT C "C2'" 1 
ATOM 580 C "C1'" . DT C 3 12 ? -15.50795 6.05931   -1.50289  1.000 601.33848 ? 111 DT C "C1'" 1 
ATOM 581 N N1    . DT C 3 12 ? -14.26463 5.48189   -2.09192  1.000 596.46069 ? 111 DT C N1    1 
ATOM 582 C C2    . DT C 3 12 ? -13.87420 5.86313   -3.35537  1.000 596.06179 ? 111 DT C C2    1 
ATOM 583 O O2    . DT C 3 12 ? -14.49541 6.66094   -4.03436  1.000 599.44178 ? 111 DT C O2    1 
ATOM 584 N N3    . DT C 3 12 ? -12.71911 5.27396   -3.79844  1.000 592.00473 ? 111 DT C N3    1 
ATOM 585 C C4    . DT C 3 12 ? -11.93355 4.35961   -3.11934  1.000 588.35128 ? 111 DT C C4    1 
ATOM 586 O O4    . DT C 3 12 ? -10.91101 3.88471   -3.60161  1.000 585.28254 ? 111 DT C O4    1 
ATOM 587 C C5    . DT C 3 12 ? -12.40056 4.00332   -1.80172  1.000 588.90512 ? 111 DT C C5    1 
ATOM 588 C C7    . DT C 3 12 ? -11.63112 3.01957   -0.97059  1.000 585.57254 ? 111 DT C C7    1 
ATOM 589 C C6    . DT C 3 12 ? -13.53043 4.57333   -1.35818  1.000 592.90366 ? 111 DT C C6    1 
ATOM 590 P P     . DG C 3 13 ? -19.20095 6.11605   -0.81536  1.000 580.69881 ? 112 DG C P     1 
ATOM 591 O OP1   . DG C 3 13 ? -18.52417 7.07067   -1.72061  1.000 584.97423 ? 112 DG C OP1   1 
ATOM 592 O OP2   . DG C 3 13 ? -20.56940 6.43134   -0.35213  1.000 584.46773 ? 112 DG C OP2   1 
ATOM 593 O "O5'" . DG C 3 13 ? -19.26637 4.66185   -1.48500  1.000 568.16022 ? 112 DG C "O5'" 1 
ATOM 594 C "C5'" . DG C 3 13 ? -20.13241 4.41519   -2.59208  1.000 563.05191 ? 112 DG C "C5'" 1 
ATOM 595 C "C4'" . DG C 3 13 ? -19.51249 4.90247   -3.89138  1.000 563.12359 ? 112 DG C "C4'" 1 
ATOM 596 O "O4'" . DG C 3 13 ? -18.08989 5.05340   -3.71961  1.000 565.04869 ? 112 DG C "O4'" 1 
ATOM 597 C "C3'" . DG C 3 13 ? -19.67551 3.95862   -5.06974  1.000 553.63888 ? 112 DG C "C3'" 1 
ATOM 598 O "O3'" . DG C 3 13 ? -20.90550 4.24457   -5.73913  1.000 553.90497 ? 112 DG C "O3'" 1 
ATOM 599 C "C2'" . DG C 3 13 ? -18.46065 4.28314   -5.94568  1.000 554.37273 ? 112 DG C "C2'" 1 
ATOM 600 C "C1'" . DG C 3 13 ? -17.42514 4.80568   -4.94372  1.000 560.65389 ? 112 DG C "C1'" 1 
ATOM 601 N N9    . DG C 3 13 ? -16.31301 3.89203   -4.68060  1.000 555.63732 ? 112 DG C N9    1 
ATOM 602 C C8    . DG C 3 13 ? -16.10205 3.16771   -3.53320  1.000 553.61768 ? 112 DG C C8    1 
ATOM 603 N N7    . DG C 3 13 ? -15.01575 2.45078   -3.56031  1.000 549.61653 ? 112 DG C N7    1 
ATOM 604 C C5    . DG C 3 13 ? -14.46221 2.71829   -4.80392  1.000 549.01599 ? 112 DG C C5    1 
ATOM 605 C C6    . DG C 3 13 ? -13.27731 2.22323   -5.39440  1.000 545.78388 ? 112 DG C C6    1 
ATOM 606 O O6    . DG C 3 13 ? -12.46084 1.42390   -4.91639  1.000 542.61689 ? 112 DG C O6    1 
ATOM 607 N N1    . DG C 3 13 ? -13.07937 2.74432   -6.66966  1.000 546.96147 ? 112 DG C N1    1 
ATOM 608 C C2    . DG C 3 13 ? -13.92148 3.63449   -7.29580  1.000 550.75806 ? 112 DG C C2    1 
ATOM 609 N N2    . DG C 3 13 ? -13.56582 4.02804   -8.52792  1.000 551.78855 ? 112 DG C N2    1 
ATOM 610 N N3    . DG C 3 13 ? -15.03824 4.10893   -6.75108  1.000 553.80924 ? 112 DG C N3    1 
ATOM 611 C C4    . DG C 3 13 ? -15.24462 3.60842   -5.50755  1.000 552.72450 ? 112 DG C C4    1 
ATOM 612 P P     . DC C 3 14 ? -21.24329 3.58957   -7.16854  1.000 544.74682 ? 113 DC C P     1 
ATOM 613 O OP1   . DC C 3 14 ? -20.76028 4.52372   -8.21029  1.000 549.40183 ? 113 DC C OP1   1 
ATOM 614 O OP2   . DC C 3 14 ? -22.67032 3.19983   -7.14559  1.000 542.04547 ? 113 DC C OP2   1 
ATOM 615 O "O5'" . DC C 3 14 ? -20.38383 2.23923   -7.19808  1.000 535.70247 ? 113 DC C "O5'" 1 
ATOM 616 C "C5'" . DC C 3 14 ? -20.34952 1.43614   -8.37359  1.000 528.39599 ? 113 DC C "C5'" 1 
ATOM 617 C "C4'" . DC C 3 14 ? -19.31877 1.95902   -9.36155  1.000 530.80932 ? 113 DC C "C4'" 1 
ATOM 618 O "O4'" . DC C 3 14 ? -18.24182 2.61801   -8.64010  1.000 536.74556 ? 113 DC C "O4'" 1 
ATOM 619 C "C3'" . DC C 3 14 ? -18.65627 0.88735   -10.21559 1.000 523.17554 ? 113 DC C "C3'" 1 
ATOM 620 O "O3'" . DC C 3 14 ? -19.35185 0.75312   -11.44828 1.000 520.64063 ? 113 DC C "O3'" 1 
ATOM 621 C "C2'" . DC C 3 14 ? -17.25182 1.44118   -10.42763 1.000 527.46488 ? 113 DC C "C2'" 1 
ATOM 622 C "C1'" . DC C 3 14 ? -16.98583 2.16073   -9.10709  1.000 533.91840 ? 113 DC C "C1'" 1 
ATOM 623 N N1    . DC C 3 14 ? -16.37217 1.29053   -8.04331  1.000 530.34220 ? 113 DC C N1    1 
ATOM 624 C C2    . DC C 3 14 ? -15.10468 0.71614   -8.24053  1.000 527.59617 ? 113 DC C C2    1 
ATOM 625 O O2    . DC C 3 14 ? -14.49915 0.93276   -9.29782  1.000 528.18927 ? 113 DC C O2    1 
ATOM 626 N N3    . DC C 3 14 ? -14.58045 -0.06311  -7.25918  1.000 524.79456 ? 113 DC C N3    1 
ATOM 627 C C4    . DC C 3 14 ? -15.26384 -0.26989  -6.13056  1.000 524.73711 ? 113 DC C C4    1 
ATOM 628 N N4    . DC C 3 14 ? -14.71000 -1.04412  -5.19079  1.000 522.32036 ? 113 DC C N4    1 
ATOM 629 C C5    . DC C 3 14 ? -16.54603 0.30925   -5.91290  1.000 527.63220 ? 113 DC C C5    1 
ATOM 630 C C6    . DC C 3 14 ? -17.05422 1.07421   -6.88244  1.000 530.33357 ? 113 DC C C6    1 
ATOM 631 P P     . DC D 4 1  ? 8.07102   9.46226   14.95455  1.000 475.59088 ? 113 DC D P     1 
ATOM 632 O OP1   . DC D 4 1  ? 7.88304   10.34515  16.12699  1.000 473.95671 ? 113 DC D OP1   1 
ATOM 633 O OP2   . DC D 4 1  ? 8.85746   9.93502   13.79351  1.000 471.27252 ? 113 DC D OP2   1 
ATOM 634 O "O5'" . DC D 4 1  ? 6.63608   9.00055   14.42023  1.000 477.16515 ? 113 DC D "O5'" 1 
ATOM 635 C "C5'" . DC D 4 1  ? 6.02714   7.81981   14.93256  1.000 483.84525 ? 113 DC D "C5'" 1 
ATOM 636 C "C4'" . DC D 4 1  ? 6.38731   6.61478   14.08356  1.000 488.37180 ? 113 DC D "C4'" 1 
ATOM 637 O "O4'" . DC D 4 1  ? 5.28362   5.67282   14.09764  1.000 493.43456 ? 113 DC D "O4'" 1 
ATOM 638 C "C3'" . DC D 4 1  ? 6.63488   6.91944   12.61320  1.000 484.78486 ? 113 DC D "C3'" 1 
ATOM 639 O "O3'" . DC D 4 1  ? 7.50913   5.94703   12.05588  1.000 489.22405 ? 113 DC D "O3'" 1 
ATOM 640 C "C2'" . DC D 4 1  ? 5.23495   6.79935   12.02846  1.000 485.05809 ? 113 DC D "C2'" 1 
ATOM 641 C "C1'" . DC D 4 1  ? 4.68631   5.61292   12.81474  1.000 492.09730 ? 113 DC D "C1'" 1 
ATOM 642 N N1    . DC D 4 1  ? 3.20221   5.63898   12.97766  1.000 492.54183 ? 113 DC D N1    1 
ATOM 643 C C2    . DC D 4 1  ? 2.57157   4.67248   13.77106  1.000 498.77332 ? 113 DC D C2    1 
ATOM 644 O O2    . DC D 4 1  ? 3.26001   3.81032   14.32981  1.000 504.08346 ? 113 DC D O2    1 
ATOM 645 N N3    . DC D 4 1  ? 1.22167   4.71342   13.90577  1.000 499.21758 ? 113 DC D N3    1 
ATOM 646 C C4    . DC D 4 1  ? 0.51708   5.66256   13.28518  1.000 493.95922 ? 113 DC D C4    1 
ATOM 647 N N4    . DC D 4 1  ? -0.81101  5.66584   13.44443  1.000 494.93576 ? 113 DC D N4    1 
ATOM 648 C C5    . DC D 4 1  ? 1.14299   6.65218   12.47207  1.000 487.92170 ? 113 DC D C5    1 
ATOM 649 C C6    . DC D 4 1  ? 2.47211   6.60281   12.34764  1.000 487.33823 ? 113 DC D C6    1 
ATOM 650 P P     . DG D 4 2  ? 9.05734   5.90232   12.48414  1.000 462.38307 ? 114 DG D P     1 
ATOM 651 O OP1   . DG D 4 2  ? 9.41345   7.22448   13.04347  1.000 455.97568 ? 114 DG D OP1   1 
ATOM 652 O OP2   . DG D 4 2  ? 9.82478   5.36727   11.33862  1.000 464.41105 ? 114 DG D OP2   1 
ATOM 653 O "O5'" . DG D 4 2  ? 9.09454   4.81939   13.66125  1.000 470.00402 ? 114 DG D "O5'" 1 
ATOM 654 C "C5'" . DG D 4 2  ? 10.20415  3.94039   13.78632  1.000 475.70056 ? 114 DG D "C5'" 1 
ATOM 655 C "C4'" . DG D 4 2  ? 9.80623   2.51790   13.43477  1.000 483.74372 ? 114 DG D "C4'" 1 
ATOM 656 O "O4'" . DG D 4 2  ? 8.42019   2.49418   12.99481  1.000 482.72822 ? 114 DG D "O4'" 1 
ATOM 657 C "C3'" . DG D 4 2  ? 10.60791  1.88695   12.29956  1.000 486.78210 ? 114 DG D "C3'" 1 
ATOM 658 O "O3'" . DG D 4 2  ? 10.71156  0.48444   12.50710  1.000 496.35781 ? 114 DG D "O3'" 1 
ATOM 659 C "C2'" . DG D 4 2  ? 9.73782   2.19912   11.08955  1.000 483.24126 ? 114 DG D "C2'" 1 
ATOM 660 C "C1'" . DG D 4 2  ? 8.35541   1.97795   11.68178  1.000 484.51670 ? 114 DG D "C1'" 1 
ATOM 661 N N9    . DG D 4 2  ? 7.28147   2.65937   10.96286  1.000 479.44035 ? 114 DG D N9    1 
ATOM 662 C C8    . DG D 4 2  ? 7.41136   3.61384   9.98299   1.000 473.27395 ? 114 DG D C8    1 
ATOM 663 N N7    . DG D 4 2  ? 6.26797   4.04131   9.52041   1.000 470.56152 ? 114 DG D N7    1 
ATOM 664 C C5    . DG D 4 2  ? 5.31981   3.32463   10.24075  1.000 474.88523 ? 114 DG D C5    1 
ATOM 665 C C6    . DG D 4 2  ? 3.90544   3.35958   10.17886  1.000 474.73115 ? 114 DG D C6    1 
ATOM 666 O O6    . DG D 4 2  ? 3.18268   4.05556   9.45238   1.000 470.79139 ? 114 DG D O6    1 
ATOM 667 N N1    . DG D 4 2  ? 3.32796   2.47169   11.08367  1.000 480.32132 ? 114 DG D N1    1 
ATOM 668 C C2    . DG D 4 2  ? 4.02807   1.65419   11.93965  1.000 485.78422 ? 114 DG D C2    1 
ATOM 669 N N2    . DG D 4 2  ? 3.30152   0.86232   12.74059  1.000 491.33406 ? 114 DG D N2    1 
ATOM 670 N N3    . DG D 4 2  ? 5.35137   1.61205   12.00577  1.000 486.24752 ? 114 DG D N3    1 
ATOM 671 C C4    . DG D 4 2  ? 5.92957   2.47032   11.13222  1.000 480.44140 ? 114 DG D C4    1 
ATOM 672 P P     . DG D 4 3  ? 11.93039  -0.12738  13.35733  1.000 474.48327 ? 115 DG D P     1 
ATOM 673 O OP1   . DG D 4 3  ? 12.59697  0.98494   14.06952  1.000 468.44187 ? 115 DG D OP1   1 
ATOM 674 O OP2   . DG D 4 3  ? 12.71551  -0.99208  12.44914  1.000 480.21438 ? 115 DG D OP2   1 
ATOM 675 O "O5'" . DG D 4 3  ? 11.20988  -1.07501  14.42883  1.000 482.04328 ? 115 DG D "O5'" 1 
ATOM 676 C "C5'" . DG D 4 3  ? 11.36911  -2.49041  14.35362  1.000 486.02280 ? 115 DG D "C5'" 1 
ATOM 677 C "C4'" . DG D 4 3  ? 10.25886  -3.12434  13.53164  1.000 488.72730 ? 115 DG D "C4'" 1 
ATOM 678 O "O4'" . DG D 4 3  ? 9.58970   -2.10986  12.76354  1.000 485.82674 ? 115 DG D "O4'" 1 
ATOM 679 C "C3'" . DG D 4 3  ? 10.73199  -4.15691  12.50967  1.000 493.01869 ? 115 DG D "C3'" 1 
ATOM 680 O "O3'" . DG D 4 3  ? 10.57185  -5.52038  12.99982  1.000 496.99657 ? 115 DG D "O3'" 1 
ATOM 681 C "C2'" . DG D 4 3  ? 9.89619   -3.87990  11.24558  1.000 493.85197 ? 115 DG D "C2'" 1 
ATOM 682 C "C1'" . DG D 4 3  ? 8.98565   -2.71962  11.65526  1.000 488.63069 ? 115 DG D "C1'" 1 
ATOM 683 N N9    . DG D 4 3  ? 8.81695   -1.71946  10.60604  1.000 480.57772 ? 115 DG D N9    1 
ATOM 684 C C8    . DG D 4 3  ? 9.81046   -1.06488  9.91962   1.000 476.35674 ? 115 DG D C8    1 
ATOM 685 N N7    . DG D 4 3  ? 9.35993   -0.22896  9.02608   1.000 470.05650 ? 115 DG D N7    1 
ATOM 686 C C5    . DG D 4 3  ? 7.97905   -0.33280  9.12933   1.000 469.99714 ? 115 DG D C5    1 
ATOM 687 C C6    . DG D 4 3  ? 6.95932   0.33736   8.41531   1.000 465.10365 ? 115 DG D C6    1 
ATOM 688 O O6    . DG D 4 3  ? 7.07791   1.18423   7.52002   1.000 459.89220 ? 115 DG D O6    1 
ATOM 689 N N1    . DG D 4 3  ? 5.69181   -0.06304  8.82994   1.000 467.27221 ? 115 DG D N1    1 
ATOM 690 C C2    . DG D 4 3  ? 5.44048   -0.99059  9.81311   1.000 473.43897 ? 115 DG D C2    1 
ATOM 691 N N2    . DG D 4 3  ? 4.15134   -1.25010  10.07721  1.000 474.83420 ? 115 DG D N2    1 
ATOM 692 N N3    . DG D 4 3  ? 6.38827   -1.62641  10.48915  1.000 478.40999 ? 115 DG D N3    1 
ATOM 693 C C4    . DG D 4 3  ? 7.62879   -1.24616  10.09813  1.000 476.27884 ? 115 DG D C4    1 
ATOM 694 P P     . DA D 4 4  ? 9.25769   -6.02359  13.79246  1.000 535.07583 ? 116 DA D P     1 
ATOM 695 O OP1   . DA D 4 4  ? 9.22820   -5.44335  15.15358  1.000 531.98081 ? 116 DA D OP1   1 
ATOM 696 O OP2   . DA D 4 4  ? 9.25364   -7.49625  13.65938  1.000 540.45515 ? 116 DA D OP2   1 
ATOM 697 O "O5'" . DA D 4 4  ? 8.01758   -5.49054  12.93323  1.000 534.15277 ? 116 DA D "O5'" 1 
ATOM 698 C "C5'" . DA D 4 4  ? 6.68865   -5.67802  13.41157  1.000 534.21247 ? 116 DA D "C5'" 1 
ATOM 699 C "C4'" . DA D 4 4  ? 5.73036   -5.97860  12.26895  1.000 536.51555 ? 116 DA D "C4'" 1 
ATOM 700 O "O4'" . DA D 4 4  ? 5.76831   -4.90593  11.30678  1.000 534.45710 ? 116 DA D "O4'" 1 
ATOM 701 C "C3'" . DA D 4 4  ? 6.02489   -7.26432  11.49159  1.000 541.96735 ? 116 DA D "C3'" 1 
ATOM 702 O "O3'" . DA D 4 4  ? 4.98358   -8.21394  11.72936  1.000 544.85961 ? 116 DA D "O3'" 1 
ATOM 703 C "C2'" . DA D 4 4  ? 6.09004   -6.82799  10.01419  1.000 542.89108 ? 116 DA D "C2'" 1 
ATOM 704 C "C1'" . DA D 4 4  ? 5.50391   -5.42212  10.02835  1.000 538.13999 ? 116 DA D "C1'" 1 
ATOM 705 N N9    . DA D 4 4  ? 6.11969   -4.52600  9.05381   1.000 535.90322 ? 116 DA D N9    1 
ATOM 706 C C8    . DA D 4 4  ? 7.45542   -4.29331  8.88698   1.000 535.13720 ? 116 DA D C8    1 
ATOM 707 N N7    . DA D 4 4  ? 7.72960   -3.42698  7.94259   1.000 529.00048 ? 116 DA D N7    1 
ATOM 708 C C5    . DA D 4 4  ? 6.48687   -3.05816  7.45861   1.000 525.65593 ? 116 DA D C5    1 
ATOM 709 C C6    . DA D 4 4  ? 6.09443   -2.16552  6.44332   1.000 519.67367 ? 116 DA D C6    1 
ATOM 710 N N6    . DA D 4 4  ? 6.96261   -1.45881  5.71406   1.000 515.75625 ? 116 DA D N6    1 
ATOM 711 N N1    . DA D 4 4  ? 4.77311   -2.02651  6.20683   1.000 518.34100 ? 116 DA D N1    1 
ATOM 712 C C2    . DA D 4 4  ? 3.90824   -2.73745  6.94260   1.000 522.44047 ? 116 DA D C2    1 
ATOM 713 N N3    . DA D 4 4  ? 4.15845   -3.60880  7.92268   1.000 528.23485 ? 116 DA D N3    1 
ATOM 714 C C4    . DA D 4 4  ? 5.48029   -3.72388  8.13248   1.000 529.67642 ? 116 DA D C4    1 
ATOM 715 P P     . DC D 4 5  ? 4.85380   -9.54751  10.84016  1.000 652.17423 ? 117 DC D P     1 
ATOM 716 O OP1   . DC D 4 5  ? 4.13380   -10.54446 11.66272  1.000 654.55376 ? 117 DC D OP1   1 
ATOM 717 O OP2   . DC D 4 5  ? 6.18230   -9.89291  10.28677  1.000 654.87351 ? 117 DC D OP2   1 
ATOM 718 O "O5'" . DC D 4 5  ? 3.89578   -9.10380  9.63951   1.000 652.45213 ? 117 DC D "O5'" 1 
ATOM 719 C "C5'" . DC D 4 5  ? 2.69904   -8.38702  9.92480   1.000 649.07277 ? 117 DC D "C5'" 1 
ATOM 720 C "C4'" . DC D 4 5  ? 1.96576   -8.01853  8.64830   1.000 650.17950 ? 117 DC D "C4'" 1 
ATOM 721 O "O4'" . DC D 4 5  ? 2.64833   -6.92221  7.98677   1.000 647.91385 ? 117 DC D "O4'" 1 
ATOM 722 C "C3'" . DC D 4 5  ? 1.85400   -9.14576  7.61894   1.000 656.49934 ? 117 DC D "C3'" 1 
ATOM 723 O "O3'" . DC D 4 5  ? 0.49841   -9.29508  7.21357   1.000 657.72495 ? 117 DC D "O3'" 1 
ATOM 724 C "C2'" . DC D 4 5  ? 2.74890   -8.68054  6.46598   1.000 657.78357 ? 117 DC D "C2'" 1 
ATOM 725 C "C1'" . DC D 4 5  ? 2.68945   -7.16845  6.60299   1.000 651.99935 ? 117 DC D "C1'" 1 
ATOM 726 N N1    . DC D 4 5  ? 3.88432   -6.47040  6.03673   1.000 651.17552 ? 117 DC D N1    1 
ATOM 727 C C2    . DC D 4 5  ? 3.72107   -5.49896  5.03678   1.000 644.77176 ? 117 DC D C2    1 
ATOM 728 O O2    . DC D 4 5  ? 2.58175   -5.23267  4.63302   1.000 642.74497 ? 117 DC D O2    1 
ATOM 729 N N3    . DC D 4 5  ? 4.82290   -4.87785  4.54089   1.000 641.33289 ? 117 DC D N3    1 
ATOM 730 C C4    . DC D 4 5  ? 6.03437   -5.19593  5.00553   1.000 643.93826 ? 117 DC D C4    1 
ATOM 731 N N4    . DC D 4 5  ? 7.09238   -4.56160  4.48999   1.000 640.48993 ? 117 DC D N4    1 
ATOM 732 C C5    . DC D 4 5  ? 6.21632   -6.18087  6.01987   1.000 650.43893 ? 117 DC D C5    1 
ATOM 733 C C6    . DC D 4 5  ? 5.12659   -6.78459  6.50145   1.000 651.20029 ? 117 DC D C6    1 
ATOM 734 P P     . DA D 4 6  ? 0.08791   -10.39585 6.11693   1.000 640.59370 ? 118 DA D P     1 
ATOM 735 O OP1   . DA D 4 6  ? -1.25769  -10.89510 6.47507   1.000 641.20288 ? 118 DA D OP1   1 
ATOM 736 O OP2   . DA D 4 6  ? 1.20468   -11.35564 5.96975   1.000 645.21637 ? 118 DA D OP2   1 
ATOM 737 O "O5'" . DA D 4 6  ? -0.02607  -9.55143  4.76541   1.000 641.07272 ? 118 DA D "O5'" 1 
ATOM 738 C "C5'" . DA D 4 6  ? -0.82233  -8.37144  4.73540   1.000 636.66347 ? 118 DA D "C5'" 1 
ATOM 739 C "C4'" . DA D 4 6  ? -0.73977  -7.69092  3.38030   1.000 637.72313 ? 118 DA D "C4'" 1 
ATOM 740 O "O4'" . DA D 4 6  ? 0.54858   -7.03432  3.23732   1.000 633.44132 ? 118 DA D "O4'" 1 
ATOM 741 C "C3'" . DA D 4 6  ? -0.87369  -8.62270  2.17931   1.000 645.48878 ? 118 DA D "C3'" 1 
ATOM 742 O "O3'" . DA D 4 6  ? -1.60025  -7.97380  1.15117   1.000 644.05782 ? 118 DA D "O3'" 1 
ATOM 743 C "C2'" . DA D 4 6  ? 0.57763   -8.85843  1.77210   1.000 648.20704 ? 118 DA D "C2'" 1 
ATOM 744 C "C1'" . DA D 4 6  ? 1.19505   -7.50054  2.07140   1.000 639.42490 ? 118 DA D "C1'" 1 
ATOM 745 N N9    . DA D 4 6  ? 2.63153   -7.55045  2.33452   1.000 640.03059 ? 118 DA D N9    1 
ATOM 746 C C8    . DA D 4 6  ? 3.27559   -8.36171  3.22337   1.000 642.18650 ? 118 DA D C8    1 
ATOM 747 N N7    . DA D 4 6  ? 4.57501   -8.18601  3.25915   1.000 641.73024 ? 118 DA D N7    1 
ATOM 748 C C5    . DA D 4 6  ? 4.80091   -7.18844  2.32713   1.000 638.60390 ? 118 DA D C5    1 
ATOM 749 C C6    . DA D 4 6  ? 5.97702   -6.54628  1.88923   1.000 635.26109 ? 118 DA D C6    1 
ATOM 750 N N6    . DA D 4 6  ? 7.19541   -6.83525  2.36079   1.000 637.65728 ? 118 DA D N6    1 
ATOM 751 N N1    . DA D 4 6  ? 5.85189   -5.59174  0.94522   1.000 629.77025 ? 118 DA D N1    1 
ATOM 752 C C2    . DA D 4 6  ? 4.63166   -5.30490  0.47515   1.000 627.96026 ? 118 DA D C2    1 
ATOM 753 N N3    . DA D 4 6  ? 3.45721   -5.83804  0.80829   1.000 630.57569 ? 118 DA D N3    1 
ATOM 754 C C4    . DA D 4 6  ? 3.61298   -6.78239  1.74818   1.000 635.79615 ? 118 DA D C4    1 
ATOM 755 P P     . DG D 4 7  ? -2.61305  -8.80575  0.22342   1.000 564.66720 ? 119 DG D P     1 
ATOM 756 O OP1   . DG D 4 7  ? -3.97694  -8.63262  0.77065   1.000 561.63528 ? 119 DG D OP1   1 
ATOM 757 O OP2   . DG D 4 7  ? -2.05417  -10.16491 0.05153   1.000 570.76104 ? 119 DG D OP2   1 
ATOM 758 O "O5'" . DG D 4 7  ? -2.52279  -8.06116  -1.18621  1.000 562.96840 ? 119 DG D "O5'" 1 
ATOM 759 C "C5'" . DG D 4 7  ? -1.87310  -6.79958  -1.27808  1.000 553.95484 ? 119 DG D "C5'" 1 
ATOM 760 C "C4'" . DG D 4 7  ? -0.76122  -6.84589  -2.30834  1.000 557.71904 ? 119 DG D "C4'" 1 
ATOM 761 O "O4'" . DG D 4 7  ? 0.51509   -6.91597  -1.64687  1.000 556.44622 ? 119 DG D "O4'" 1 
ATOM 762 C "C3'" . DG D 4 7  ? -0.79634  -8.06158  -3.23401  1.000 570.08152 ? 119 DG D "C3'" 1 
ATOM 763 O "O3'" . DG D 4 7  ? -1.39387  -7.71505  -4.50629  1.000 572.08744 ? 119 DG D "O3'" 1 
ATOM 764 C "C2'" . DG D 4 7  ? 0.67710   -8.50567  -3.35579  1.000 574.49902 ? 119 DG D "C2'" 1 
ATOM 765 C "C1'" . DG D 4 7  ? 1.43691   -7.44524  -2.56008  1.000 563.77078 ? 119 DG D "C1'" 1 
ATOM 766 N N9    . DG D 4 7  ? 2.58614   -7.97292  -1.82989  1.000 566.09630 ? 119 DG D N9    1 
ATOM 767 C C8    . DG D 4 7  ? 2.57907   -8.94604  -0.86168  1.000 571.00312 ? 119 DG D C8    1 
ATOM 768 N N7    . DG D 4 7  ? 3.76396   -9.21829  -0.38900  1.000 571.18393 ? 119 DG D N7    1 
ATOM 769 C C5    . DG D 4 7  ? 4.61162   -8.37111  -1.09023  1.000 568.41656 ? 119 DG D C5    1 
ATOM 770 C C6    . DG D 4 7  ? 6.01546   -8.21285  -1.00947  1.000 568.03507 ? 119 DG D C6    1 
ATOM 771 O O6    . DG D 4 7  ? 6.81537   -8.80927  -0.27649  1.000 570.19809 ? 119 DG D O6    1 
ATOM 772 N N1    . DG D 4 7  ? 6.47648   -7.24450  -1.89738  1.000 563.16519 ? 119 DG D N1    1 
ATOM 773 C C2    . DG D 4 7  ? 5.68141   -6.52060  -2.75391  1.000 559.55562 ? 119 DG D C2    1 
ATOM 774 N N2    . DG D 4 7  ? 6.30631   -5.63094  -3.53755  1.000 555.74592 ? 119 DG D N2    1 
ATOM 775 N N3    . DG D 4 7  ? 4.36573   -6.66030  -2.84014  1.000 560.09910 ? 119 DG D N3    1 
ATOM 776 C C4    . DG D 4 7  ? 3.90125   -7.59891  -1.98143  1.000 564.39176 ? 119 DG D C4    1 
ATOM 777 P P     . DT D 4 8  ? -0.54378  -7.03839  -5.69674  1.000 549.56656 ? 120 DT D P     1 
ATOM 778 O OP1   . DT D 4 8  ? 0.33491   -5.98649  -5.13749  1.000 539.57336 ? 120 DT D OP1   1 
ATOM 779 O OP2   . DT D 4 8  ? -1.51742  -6.65296  -6.73994  1.000 551.20742 ? 120 DT D OP2   1 
ATOM 780 O "O5'" . DT D 4 8  ? 0.31713   -8.24708  -6.29968  1.000 561.69331 ? 120 DT D "O5'" 1 
ATOM 781 C "C5'" . DT D 4 8  ? 1.02787   -8.08475  -7.51905  1.000 566.31933 ? 120 DT D "C5'" 1 
ATOM 782 C "C4'" . DT D 4 8  ? 2.21522   -7.15804  -7.33789  1.000 558.69563 ? 120 DT D "C4'" 1 
ATOM 783 O "O4'" . DT D 4 8  ? 2.89643   -7.47350  -6.08788  1.000 555.79083 ? 120 DT D "O4'" 1 
ATOM 784 C "C3'" . DT D 4 8  ? 3.28641   -7.27471  -8.41800  1.000 565.35834 ? 120 DT D "C3'" 1 
ATOM 785 O "O3'" . DT D 4 8  ? 3.94243   -6.01879  -8.57913  1.000 556.72797 ? 120 DT D "O3'" 1 
ATOM 786 C "C2'" . DT D 4 8  ? 4.21968   -8.30152  -7.80022  1.000 571.07282 ? 120 DT D "C2'" 1 
ATOM 787 C "C1'" . DT D 4 8  ? 4.24262   -7.78695  -6.37685  1.000 560.32040 ? 120 DT D "C1'" 1 
ATOM 788 N N1    . DT D 4 8  ? 4.75854   -8.76026  -5.36366  1.000 564.28619 ? 120 DT D N1    1 
ATOM 789 C C2    . DT D 4 8  ? 6.11072   -8.80084  -5.10317  1.000 564.67359 ? 120 DT D C2    1 
ATOM 790 O O2    . DT D 4 8  ? 6.92164   -8.09264  -5.67224  1.000 561.81923 ? 120 DT D O2    1 
ATOM 791 N N3    . DT D 4 8  ? 6.48504   -9.71061  -4.14927  1.000 569.03369 ? 120 DT D N3    1 
ATOM 792 C C4    . DT D 4 8  ? 5.65718   -10.56412 -3.44212  1.000 569.01373 ? 120 DT D C4    1 
ATOM 793 O O4    . DT D 4 8  ? 6.08758   -11.34926 -2.60371  1.000 568.91650 ? 120 DT D O4    1 
ATOM 794 C C5    . DT D 4 8  ? 4.25061   -10.46594 -3.75842  1.000 569.28935 ? 120 DT D C5    1 
ATOM 795 C C7    . DT D 4 8  ? 3.25752   -11.34390 -3.05578  1.000 569.32870 ? 120 DT D C7    1 
ATOM 796 C C6    . DT D 4 8  ? 3.87300   -9.57675  -4.69126  1.000 567.68861 ? 120 DT D C6    1 
ATOM 797 P P     . DC D 4 9  ? 4.51247   -5.57563  -10.01476 1.000 548.34041 ? 121 DC D P     1 
ATOM 798 O OP1   . DC D 4 9  ? 3.95904   -4.23531  -10.30897 1.000 539.76164 ? 121 DC D OP1   1 
ATOM 799 O OP2   . DC D 4 9  ? 4.25810   -6.68568  -10.95880 1.000 562.09442 ? 121 DC D OP2   1 
ATOM 800 O "O5'" . DC D 4 9  ? 6.09659   -5.43470  -9.78704  1.000 546.81977 ? 121 DC D "O5'" 1 
ATOM 801 C "C5'" . DC D 4 9  ? 6.77224   -6.26178  -8.83168  1.000 548.70683 ? 121 DC D "C5'" 1 
ATOM 802 C "C4'" . DC D 4 9  ? 7.72560   -7.22259  -9.52230  1.000 560.79472 ? 121 DC D "C4'" 1 
ATOM 803 O "O4'" . DC D 4 9  ? 8.15634   -8.25262  -8.58602  1.000 564.93919 ? 121 DC D "O4'" 1 
ATOM 804 C "C3'" . DC D 4 9  ? 7.13072   -7.96576  -10.71642 1.000 572.98302 ? 121 DC D "C3'" 1 
ATOM 805 O "O3'" . DC D 4 9  ? 8.10315   -8.09129  -11.73821 1.000 580.81533 ? 121 DC D "O3'" 1 
ATOM 806 C "C2'" . DC D 4 9  ? 6.77126   -9.32114  -10.11940 1.000 580.79606 ? 121 DC D "C2'" 1 
ATOM 807 C "C1'" . DC D 4 9  ? 7.92360   -9.52513  -9.15180  1.000 578.52313 ? 121 DC D "C1'" 1 
ATOM 808 N N1    . DC D 4 9  ? 7.61784   -10.49070 -8.05175  1.000 581.13477 ? 121 DC D N1    1 
ATOM 809 C C2    . DC D 4 9  ? 8.65532   -11.01322 -7.27120  1.000 580.40494 ? 121 DC D C2    1 
ATOM 810 O O2    . DC D 4 9  ? 9.81843   -10.66507 -7.49984  1.000 580.74672 ? 121 DC D O2    1 
ATOM 811 N N3    . DC D 4 9  ? 8.35233   -11.88605 -6.27645  1.000 578.91701 ? 121 DC D N3    1 
ATOM 812 C C4    . DC D 4 9  ? 7.08239   -12.23534 -6.05942  1.000 578.60069 ? 121 DC D C4    1 
ATOM 813 N N4    . DC D 4 9  ? 6.82706   -13.09834 -5.07170  1.000 577.47871 ? 121 DC D N4    1 
ATOM 814 C C5    . DC D 4 9  ? 6.01695   -11.71584 -6.84666  1.000 579.60847 ? 121 DC D C5    1 
ATOM 815 C C6    . DC D 4 9  ? 6.32847   -10.86113 -7.82293  1.000 581.23409 ? 121 DC D C6    1 
ATOM 816 P P     . DA D 4 10 ? 8.24087   -6.96240  -12.87352 1.000 603.68888 ? 122 DA D P     1 
ATOM 817 O OP1   . DA D 4 10 ? 7.83945   -5.66005  -12.29722 1.000 589.31674 ? 122 DA D OP1   1 
ATOM 818 O OP2   . DA D 4 10 ? 7.55604   -7.46823  -14.08365 1.000 615.09751 ? 122 DA D OP2   1 
ATOM 819 O "O5'" . DA D 4 10 ? 9.81088   -6.93184  -13.17882 1.000 606.75667 ? 122 DA D "O5'" 1 
ATOM 820 C "C5'" . DA D 4 10 ? 10.71773  -7.63166  -12.32505 1.000 608.29449 ? 122 DA D "C5'" 1 
ATOM 821 C "C4'" . DA D 4 10 ? 10.99926  -9.02636  -12.86050 1.000 624.06582 ? 122 DA D "C4'" 1 
ATOM 822 O "O4'" . DA D 4 10 ? 10.41585  -10.01777 -11.97651 1.000 626.80358 ? 122 DA D "O4'" 1 
ATOM 823 C "C3'" . DA D 4 10 ? 10.43099  -9.30564  -14.25692 1.000 634.85996 ? 122 DA D "C3'" 1 
ATOM 824 O "O3'" . DA D 4 10 ? 11.46468  -9.72394  -15.13991 1.000 645.86997 ? 122 DA D "O3'" 1 
ATOM 825 C "C2'" . DA D 4 10 ? 9.39307   -10.40978 -14.02687 1.000 641.99782 ? 122 DA D "C2'" 1 
ATOM 826 C "C1'" . DA D 4 10 ? 9.89512   -11.06670 -12.75154 1.000 640.43114 ? 122 DA D "C1'" 1 
ATOM 827 N N9    . DA D 4 10 ? 8.83947   -11.73639 -11.99217 1.000 639.14011 ? 122 DA D N9    1 
ATOM 828 C C8    . DA D 4 10 ? 7.49568   -11.67843 -12.23382 1.000 639.19141 ? 122 DA D C8    1 
ATOM 829 N N7    . DA D 4 10 ? 6.77390   -12.37953 -11.39217 1.000 636.51539 ? 122 DA D N7    1 
ATOM 830 C C5    . DA D 4 10 ? 7.70886   -12.94790 -10.54384 1.000 634.88724 ? 122 DA D C5    1 
ATOM 831 C C6    . DA D 4 10 ? 7.58373   -13.80827 -9.43467  1.000 632.32729 ? 122 DA D C6    1 
ATOM 832 N N6    . DA D 4 10 ? 6.40874   -14.25721 -8.98080  1.000 630.86760 ? 122 DA D N6    1 
ATOM 833 N N1    . DA D 4 10 ? 8.71581   -14.19054 -8.80819  1.000 631.49204 ? 122 DA D N1    1 
ATOM 834 C C2    . DA D 4 10 ? 9.89079   -13.73864 -9.26620  1.000 632.82485 ? 122 DA D C2    1 
ATOM 835 N N3    . DA D 4 10 ? 10.13380  -12.92759 -10.29750 1.000 635.22596 ? 122 DA D N3    1 
ATOM 836 C C4    . DA D 4 10 ? 8.98930   -12.56487 -10.89984 1.000 636.31274 ? 122 DA D C4    1 
ATOM 837 P P     . DG D 4 11 ? 11.59478  -9.05144  -16.59393 1.000 698.94253 ? 123 DG D P     1 
ATOM 838 O OP1   . DG D 4 11 ? 11.67713  -7.58644  -16.40259 1.000 684.77444 ? 123 DG D OP1   1 
ATOM 839 O OP2   . DG D 4 11 ? 10.52683  -9.62270  -17.44428 1.000 709.09605 ? 123 DG D OP2   1 
ATOM 840 O "O5'" . DG D 4 11 ? 12.99919  -9.58169  -17.14904 1.000 709.67654 ? 123 DG D "O5'" 1 
ATOM 841 C "C5'" . DG D 4 11 ? 13.05357  -10.77191 -17.92875 1.000 726.71329 ? 123 DG D "C5'" 1 
ATOM 842 C "C4'" . DG D 4 11 ? 13.65161  -11.91751 -17.13194 1.000 731.31220 ? 123 DG D "C4'" 1 
ATOM 843 O "O4'" . DG D 4 11 ? 13.07524  -11.93271 -15.80161 1.000 720.31422 ? 123 DG D "O4'" 1 
ATOM 844 C "C3'" . DG D 4 11 ? 13.38731  -13.30113 -17.70819 1.000 743.72248 ? 123 DG D "C3'" 1 
ATOM 845 O "O3'" . DG D 4 11 ? 14.43197  -13.66352 -18.60127 1.000 753.92887 ? 123 DG D "O3'" 1 
ATOM 846 C "C2'" . DG D 4 11 ? 13.38475  -14.18115 -16.46361 1.000 738.58238 ? 123 DG D "C2'" 1 
ATOM 847 C "C1'" . DG D 4 11 ? 12.74769  -13.25802 -15.42776 1.000 724.56498 ? 123 DG D "C1'" 1 
ATOM 848 N N9    . DG D 4 11 ? 11.29305  -13.37176 -15.35334 1.000 723.42959 ? 123 DG D N9    1 
ATOM 849 C C8    . DG D 4 11 ? 10.37202  -12.77686 -16.18227 1.000 725.55679 ? 123 DG D C8    1 
ATOM 850 N N7    . DG D 4 11 ? 9.13686   -13.05831 -15.87392 1.000 723.27793 ? 123 DG D N7    1 
ATOM 851 C C5    . DG D 4 11 ? 9.24369   -13.88870 -14.76598 1.000 719.78883 ? 123 DG D C5    1 
ATOM 852 C C6    . DG D 4 11 ? 8.23469   -14.50803 -13.99137 1.000 716.46863 ? 123 DG D C6    1 
ATOM 853 O O6    . DG D 4 11 ? 7.00592   -14.44535 -14.13739 1.000 715.60996 ? 123 DG D O6    1 
ATOM 854 N N1    . DG D 4 11 ? 8.77327   -15.26902 -12.95843 1.000 714.05966 ? 123 DG D N1    1 
ATOM 855 C C2    . DG D 4 11 ? 10.11644  -15.41255 -12.70223 1.000 714.41922 ? 123 DG D C2    1 
ATOM 856 N N2    . DG D 4 11 ? 10.44129  -16.19014 -11.65937 1.000 711.97795 ? 123 DG D N2    1 
ATOM 857 N N3    . DG D 4 11 ? 11.07364  -14.83621 -13.41942 1.000 717.10300 ? 123 DG D N3    1 
ATOM 858 C C4    . DG D 4 11 ? 10.56479  -14.09071 -14.43172 1.000 719.83254 ? 123 DG D C4    1 
# 
loop_
_atom_site_anisotrop.id 
_atom_site_anisotrop.type_symbol 
_atom_site_anisotrop.pdbx_label_atom_id 
_atom_site_anisotrop.pdbx_label_alt_id 
_atom_site_anisotrop.pdbx_label_comp_id 
_atom_site_anisotrop.pdbx_label_asym_id 
_atom_site_anisotrop.pdbx_label_seq_id 
_atom_site_anisotrop.pdbx_PDB_ins_code 
_atom_site_anisotrop.U[1][1] 
_atom_site_anisotrop.U[2][2] 
_atom_site_anisotrop.U[3][3] 
_atom_site_anisotrop.U[1][2] 
_atom_site_anisotrop.U[1][3] 
_atom_site_anisotrop.U[2][3] 
_atom_site_anisotrop.pdbx_auth_seq_id 
_atom_site_anisotrop.pdbx_auth_comp_id 
_atom_site_anisotrop.pdbx_auth_asym_id 
_atom_site_anisotrop.pdbx_auth_atom_id 
1   P P     . DA A 1  ? 11.19533 5.46078  5.56209 -1.52502 1.45993  -1.08953 103 DA A P     
2   O OP1   . DA A 1  ? 11.20327 5.42056  5.56342 -1.50858 1.47320  -1.06880 103 DA A OP1   
3   O OP2   . DA A 1  ? 11.20801 5.48786  5.55592 -1.52310 1.43233  -1.10063 103 DA A OP2   
4   O "O5'" . DA A 1  ? 11.19190 5.44663  5.55238 -1.53055 1.46727  -1.07740 103 DA A "O5'" 
5   C "C5'" . DA A 1  ? 11.18096 5.48344  5.55230 -1.54530 1.46153  -1.09668 103 DA A "C5'" 
6   C "C4'" . DA A 1  ? 11.19400 5.47751  5.53528 -1.54227 1.44695  -1.08531 103 DA A "C4'" 
7   O "O4'" . DA A 1  ? 11.21377 5.47535  5.52715 -1.53041 1.42534  -1.08007 103 DA A "O4'" 
8   C "C3'" . DA A 1  ? 11.20707 5.44006  5.53818 -1.53590 1.45907  -1.05877 103 DA A "C3'" 
9   O "O3'" . DA A 1  ? 11.21018 5.45440  5.53509 -1.54268 1.45440  -1.06005 103 DA A "O3'" 
10  C "C2'" . DA A 1  ? 11.23963 5.41779  5.54220 -1.51649 1.44664  -1.03897 103 DA A "C2'" 
11  C "C1'" . DA A 1  ? 11.24116 5.44391  5.52836 -1.51769 1.42269  -1.05288 103 DA A "C1'" 
12  N N9    . DA A 1  ? 11.26227 5.43137  5.53064 -1.50145 1.41001  -1.04400 103 DA A N9    
13  C C8    . DA A 1  ? 11.26772 5.40737  5.53982 -1.48887 1.42024  -1.03420 103 DA A C8    
14  N N7    . DA A 1  ? 11.28864 5.40324  5.54121 -1.47376 1.40416  -1.02923 103 DA A N7    
15  C C5    . DA A 1  ? 11.29764 5.42589  5.53261 -1.47748 1.38129  -1.03606 103 DA A C5    
16  C C6    . DA A 1  ? 11.31994 5.43553  5.53104 -1.46638 1.35570  -1.03650 103 DA A C6    
17  N N6    . DA A 1  ? 11.33738 5.42205  5.53910 -1.44895 1.34927  -1.02967 103 DA A N6    
18  N N1    . DA A 1  ? 11.32487 5.46235  5.52193 -1.47200 1.33635  -1.04544 103 DA A N1    
19  C C2    . DA A 1  ? 11.30842 5.47873  5.51440 -1.48679 1.34295  -1.05357 103 DA A C2    
20  N N3    . DA A 1  ? 11.28632 5.47139  5.51572 -1.49854 1.36646  -1.05444 103 DA A N3    
21  C C4    . DA A 1  ? 11.28192 5.44402  5.52530 -1.49369 1.38470  -1.04517 103 DA A C4    
22  P P     . DG A 2  ? 10.24211 4.48178  4.58576 -1.54881 1.47489  -1.05384 104 DG A P     
23  O OP1   . DG A 2  ? 10.22138 4.52284  4.59174 -1.56495 1.48239  -1.07861 104 DG A OP1   
24  O OP2   . DG A 2  ? 10.24624 4.44196  4.59591 -1.53650 1.48862  -1.03703 104 DG A OP2   
25  O "O5'" . DG A 2  ? 10.25375 4.46931  4.57601 -1.54488 1.46370  -1.04233 104 DG A "O5'" 
26  C "C5'" . DG A 2  ? 10.27617 4.43964  4.57221 -1.52844 1.44826  -1.02419 104 DG A "C5'" 
27  C "C4'" . DG A 2  ? 10.28751 4.46420  4.55690 -1.52797 1.42419  -1.03018 104 DG A "C4'" 
28  O "O4'" . DG A 2  ? 10.29949 4.46578  4.55528 -1.51854 1.41097  -1.03022 104 DG A "O4'" 
29  C "C3'" . DG A 2  ? 10.30337 4.44272  4.55227 -1.51904 1.41038  -1.01605 104 DG A "C3'" 
30  O "O3'" . DG A 2  ? 10.30376 4.47942  4.53697 -1.52520 1.39655  -1.02851 104 DG A "O3'" 
31  C "C2'" . DG A 2  ? 10.32509 4.41755  4.55478 -1.50050 1.39384  -1.00315 104 DG A "C2'" 
32  C "C1'" . DG A 2  ? 10.32120 4.44838  4.54897 -1.50464 1.38985  -1.01756 104 DG A "C1'" 
33  N N9    . DG A 2  ? 10.33469 4.42686  4.55486 -1.48885 1.38429  -1.00862 104 DG A N9    
34  C C8    . DG A 2  ? 10.33133 4.40681  4.56653 -1.48202 1.40052  -1.00325 104 DG A C8    
35  N N7    . DG A 2  ? 10.34689 4.39315  4.56935 -1.46493 1.39041  -0.99697 104 DG A N7    
36  C C5    . DG A 2  ? 10.36096 4.40391  4.55981 -1.46139 1.36545  -0.99824 104 DG A C5    
37  C C6    . DG A 2  ? 10.38067 4.39804  4.55939 -1.44449 1.34468  -0.99464 104 DG A C6    
38  O O6    . DG A 2  ? 10.38992 4.38185  4.56734 -1.42817 1.34497  -0.98947 104 DG A O6    
39  N N1    . DG A 2  ? 10.39032 4.41521  4.54894 -1.44592 1.32130  -0.99889 104 DG A N1    
40  C C2    . DG A 2  ? 10.38257 4.43680  4.53891 -1.46020 1.31880  -1.00582 104 DG A C2    
41  N N2    . DG A 2  ? 10.39515 4.45419  4.52885 -1.45660 1.29407  -1.01008 104 DG A N2    
42  N N3    . DG A 2  ? 10.36424 4.44306  4.53906 -1.47520 1.33877  -1.00949 104 DG A N3    
43  C C4    . DG A 2  ? 10.35397 4.42510  4.55032 -1.47565 1.36123  -1.00531 104 DG A C4    
44  P P     . DC A 3  ? 10.08883 4.24196  4.30725 -1.52121 1.38767  -1.01872 105 DC A P     
45  O OP1   . DC A 3  ? 10.07826 4.29046  4.29378 -1.53088 1.38763  -1.03793 105 DC A OP1   
46  O OP2   . DC A 3  ? 10.08983 4.19438  4.32764 -1.51566 1.40012  -1.00206 105 DC A OP2   
47  O "O5'" . DC A 3  ? 10.11271 4.23573  4.29952 -1.50665 1.35951  -1.01133 105 DC A "O5'" 
48  C "C5'" . DC A 3  ? 10.16104 4.21856  4.30741 -1.50600 1.35453  -0.99580 105 DC A "C5'" 
49  C "C4'" . DC A 3  ? 10.24905 4.24345  4.30886 -1.51149 1.34237  -0.99035 105 DC A "C4'" 
50  O "O4'" . DC A 3  ? 10.15724 4.21626  4.29584 -1.47939 1.31317  -0.99738 105 DC A "O4'" 
51  C "C3'" . DC A 3  ? 10.36347 4.22706  4.33669 -1.52059 1.34764  -0.96675 105 DC A "C3'" 
52  O "O3'" . DC A 3  ? 10.48587 4.27623  4.33801 -1.54202 1.34822  -0.96335 105 DC A "O3'" 
53  C "C2'" . DC A 3  ? 10.27935 4.16969  4.34121 -1.48097 1.31893  -0.96354 105 DC A "C2'" 
54  C "C1'" . DC A 3  ? 10.19710 4.18297  4.31201 -1.46566 1.30020  -0.98069 105 DC A "C1'" 
55  N N1    . DC A 3  ? 10.17740 4.15536  4.32351 -1.45067 1.30296  -0.97681 105 DC A N1    
56  C C2    . DC A 3  ? 10.19635 4.14442  4.32871 -1.43271 1.28361  -0.97267 105 DC A C2    
57  O O2    . DC A 3  ? 10.21045 4.15247  4.32152 -1.42645 1.25942  -0.97355 105 DC A O2    
58  N N3    . DC A 3  ? 10.19918 4.12715  4.34177 -1.42095 1.29155  -0.96892 105 DC A N3    
59  C C4    . DC A 3  ? 10.18416 4.12079  4.34913 -1.42693 1.31699  -0.96900 105 DC A C4    
60  N N4    . DC A 3  ? 10.18866 4.10603  4.36111 -1.41232 1.32362  -0.96610 105 DC A N4    
61  C C5    . DC A 3  ? 10.16429 4.13088  4.34512 -1.44643 1.33623  -0.97320 105 DC A C5    
62  C C6    . DC A 3  ? 10.16151 4.14796  4.33249 -1.45758 1.32869  -0.97709 105 DC A C6    
63  P P     . DA A 4  ? 11.43465 5.06866  5.15545 -1.56607 1.36285  -0.93995 106 DA A P     
64  O OP1   . DA A 4  ? 11.55535 5.14166  5.15058 -1.60197 1.38471  -0.94289 106 DA A OP1   
65  O OP2   . DA A 4  ? 11.41882 5.01887  5.18584 -1.55918 1.37234  -0.92865 106 DA A OP2   
66  O "O5'" . DA A 4  ? 11.45649 5.05264  5.16127 -1.54605 1.33177  -0.93370 106 DA A "O5'" 
67  C "C5'" . DA A 4  ? 11.60599 5.08786  5.17507 -1.56716 1.33276  -0.92205 106 DA A "C5'" 
68  C "C4'" . DA A 4  ? 11.60570 5.05926  5.18645 -1.54108 1.30006  -0.91673 106 DA A "C4'" 
69  O "O4'" . DA A 4  ? 11.45065 5.01817  5.17077 -1.50308 1.27784  -0.92932 106 DA A "O4'" 
70  C "C3'" . DA A 4  ? 11.67793 5.02150  5.23399 -1.53535 1.29441  -0.89821 106 DA A "C3'" 
71  O "O3'" . DA A 4  ? 11.75089 5.02796  5.24638 -1.52829 1.26996  -0.89231 106 DA A "O3'" 
72  C "C2'" . DA A 4  ? 11.53547 4.96242  5.24365 -1.49574 1.27779  -0.90571 106 DA A "C2'" 
73  C "C1'" . DA A 4  ? 11.42282 4.96382  5.20132 -1.47409 1.26034  -0.92138 106 DA A "C1'" 
74  N N9    . DA A 4  ? 11.27123 4.92347  5.18975 -1.44379 1.25370  -0.93267 106 DA A N9    
75  C C8    . DA A 4  ? 11.20574 4.91692  5.18034 -1.44982 1.27305  -0.93804 106 DA A C8    
76  N N7    . DA A 4  ? 11.07127 4.87849  5.17111 -1.41610 1.25911  -0.94827 106 DA A N7    
77  C C5    . DA A 4  ? 11.04932 4.85990  5.17468 -1.38628 1.23065  -0.94983 106 DA A C5    
78  C C6    . DA A 4  ? 11.04105 4.84650  5.18550 -1.36712 1.23141  -0.95079 106 DA A C6    
79  N N6    . DA A 4  ? 11.02799 4.84329  5.19074 -1.37024 1.25643  -0.95190 106 DA A N6    
80  N N1    . DA A 4  ? 11.06109 4.84083  5.19345 -1.34608 1.20820  -0.95038 106 DA A N1    
81  C C2    . DA A 4  ? 11.07415 4.84460  5.18972 -1.34261 1.18202  -0.95015 106 DA A C2    
82  N N3    . DA A 4  ? 11.18643 4.87996  5.19470 -1.38184 1.20104  -0.94044 106 DA A N3    
83  C C4    . DA A 4  ? 11.16941 4.88667  5.18661 -1.40263 1.22645  -0.94068 106 DA A C4    
84  P P     . DC A 5  ? 11.96038 5.08784  5.37659 -1.53563 1.26422  -0.87299 107 DC A P     
85  O OP1   . DC A 5  ? 11.98959 5.08695  5.38333 -1.51653 1.23014  -0.87264 107 DC A OP1   
86  O OP2   . DC A 5  ? 12.09813 5.12901  5.38458 -1.58110 1.30014  -0.86045 107 DC A OP2   
87  O "O5'" . DC A 5  ? 11.87934 5.02919  5.42391 -1.50594 1.25404  -0.87484 107 DC A "O5'" 
88  C "C5'" . DC A 5  ? 11.87250 4.99185  5.47773 -1.47055 1.21632  -0.87538 107 DC A "C5'" 
89  C "C4'" . DC A 5  ? 11.73988 4.96788  5.44830 -1.42768 1.18662  -0.89122 107 DC A "C4'" 
90  O "O4'" . DC A 5  ? 11.60654 4.95625  5.40678 -1.41889 1.20017  -0.90322 107 DC A "O4'" 
91  C "C3'" . DC A 5  ? 11.69848 4.92484  5.50841 -1.38100 1.14577  -0.89924 107 DC A "C3'" 
92  O "O3'" . DC A 5  ? 11.72229 4.92928  5.50505 -1.36344 1.11784  -0.90041 107 DC A "O3'" 
93  C "C2'" . DC A 5  ? 11.53820 4.89212  5.49055 -1.34678 1.13991  -0.91656 107 DC A "C2'" 
94  C "C1'" . DC A 5  ? 11.48811 4.91683  5.41346 -1.37098 1.17012  -0.91686 107 DC A "C1'" 
95  N N1    . DC A 5  ? 11.36449 4.89503  5.39577 -1.35892 1.18106  -0.92745 107 DC A N1    
96  C C2    . DC A 5  ? 11.23431 4.86181  5.38680 -1.31474 1.15789  -0.94210 107 DC A C2    
97  O O2    . DC A 5  ? 11.22550 4.85236  5.39362 -1.28695 1.13083  -0.94639 107 DC A O2    
98  N N3    . DC A 5  ? 11.16161 4.85087  5.37681 -1.31080 1.17404  -0.94870 107 DC A N3    
99  C C4    . DC A 5  ? 11.14214 4.85519  5.36689 -1.33404 1.19555  -0.94748 107 DC A C4    
100 N N4    . DC A 5  ? 11.12660 4.85786  5.36677 -1.34057 1.22255  -0.95061 107 DC A N4    
101 C C5    . DC A 5  ? 11.27497 4.89016  5.37604 -1.37942 1.22158  -0.93316 107 DC A C5    
102 C C6    . DC A 5  ? 11.38395 4.90908  5.39004 -1.39045 1.21345  -0.92315 107 DC A C6    
103 P P     . DC A 6  ? 11.38072 4.54904  5.23259 -1.32065 1.07165  -0.90734 108 DC A P     
104 O OP1   . DC A 6  ? 11.44849 4.56801  5.22296 -1.31948 1.05310  -0.90308 108 DC A OP1   
105 O OP2   . DC A 6  ? 11.44083 4.53500  5.31781 -1.32631 1.06822  -0.90233 108 DC A OP2   
106 O "O5'" . DC A 6  ? 11.22097 4.51419  5.22125 -1.27131 1.05246  -0.92889 108 DC A "O5'" 
107 C "C5'" . DC A 6  ? 11.18523 4.48198  5.29335 -1.22430 1.01171  -0.94431 108 DC A "C5'" 
108 C "C4'" . DC A 6  ? 11.03684 4.45569  5.26980 -1.18342 1.00183  -0.96421 108 DC A "C4'" 
109 O "O4'" . DC A 6  ? 10.97353 4.45893  5.21484 -1.20607 1.03729  -0.96108 108 DC A "O4'" 
110 C "C3'" . DC A 6  ? 10.98624 4.42379  5.35342 -1.13910 0.96641  -0.98517 108 DC A "C3'" 
111 O "O3'" . DC A 6  ? 10.98457 4.41515  5.38945 -1.09695 0.92700  -0.99892 108 DC A "O3'" 
112 C "C2'" . DC A 6  ? 10.94452 4.42786  5.32347 -1.13905 0.99684  -0.99047 108 DC A "C2'" 
113 C "C1'" . DC A 6  ? 10.91676 4.44486  5.22979 -1.17951 1.03761  -0.97455 108 DC A "C1'" 
114 N N1    . DC A 6  ? 10.89438 4.44627  5.21975 -1.20471 1.06914  -0.97179 108 DC A N1    
115 C C2    . DC A 6  ? 10.88590 4.45135  5.21793 -1.20003 1.09253  -0.97769 108 DC A C2    
116 O O2    . DC A 6  ? 10.89777 4.45398  5.22478 -1.17405 1.08686  -0.98460 108 DC A O2    
117 N N3    . DC A 6  ? 10.86497 4.45350  5.20988 -1.22306 1.12044  -0.97615 108 DC A N3    
118 C C4    . DC A 6  ? 10.85283 4.45106  5.20270 -1.24879 1.12613  -0.96910 108 DC A C4    
119 N N4    . DC A 6  ? 10.83203 4.45422  5.19589 -1.26954 1.15392  -0.96902 108 DC A N4    
120 C C5    . DC A 6  ? 10.88486 4.45099  5.20637 -1.25756 1.10816  -0.96057 108 DC A C5    
121 C C6    . DC A 6  ? 10.91047 4.44987  5.21575 -1.23658 1.08098  -0.96172 108 DC A C6    
122 P P     . DT A 7  ? 10.60792 3.95995  5.06581 -1.07313 0.88204  -1.00908 109 DT A P     
123 O OP1   . DT A 7  ? 10.58951 3.95517  5.08385 -1.02692 0.84610  -1.02638 109 DT A OP1   
124 O OP2   . DT A 7  ? 10.74240 3.98018  5.08850 -1.11983 0.89727  -0.98429 109 DT A OP2   
125 O "O5'" . DT A 7  ? 10.56856 3.94123  5.14414 -1.05566 0.87206  -1.02700 109 DT A "O5'" 
126 C "C5'" . DT A 7  ? 10.58873 3.94274  5.21564 -1.01272 0.84703  -1.05183 109 DT A "C5'" 
127 C "C4'" . DT A 7  ? 10.57833 3.96016  5.15443 -1.00949 0.88213  -1.05520 109 DT A "C4'" 
128 O "O4'" . DT A 7  ? 10.54926 3.96518  5.07905 -1.05278 0.92873  -1.03671 109 DT A "O4'" 
129 C "C3'" . DT A 7  ? 10.59046 3.96080  5.23800 -0.97700 0.86711  -1.08152 109 DT A "C3'" 
130 O "O3'" . DT A 7  ? 10.61499 3.96727  5.27628 -0.92983 0.83539  -1.10179 109 DT A "O3'" 
131 C "C2'" . DT A 7  ? 10.56758 3.97304  5.16354 -0.99790 0.91633  -1.07343 109 DT A "C2'" 
132 C "C1'" . DT A 7  ? 10.54082 3.97435  5.06821 -1.04812 0.95380  -1.04442 109 DT A "C1'" 
133 N N1    . DT A 7  ? 10.51884 3.97085  5.06590 -1.08121 0.98041  -1.03810 109 DT A N1    
134 C C2    . DT A 7  ? 10.50709 3.97845  5.05946 -1.08299 1.00649  -1.04480 109 DT A C2    
135 O O2    . DT A 7  ? 10.51424 3.98722  5.05696 -1.05834 1.00893  -1.05515 109 DT A O2    
136 N N3    . DT A 7  ? 10.48658 3.97540  5.05826 -1.11372 1.02931  -1.03919 109 DT A N3    
137 C C4    . DT A 7  ? 10.47696 3.96544  5.06190 -1.14140 1.02956  -1.02703 109 DT A C4    
138 O O4    . DT A 7  ? 10.45819 3.96390  5.06121 -1.16625 1.05163  -1.02330 109 DT A O4    
139 C C5    . DT A 7  ? 10.49063 3.95691  5.06857 -1.13779 1.00160  -1.01921 109 DT A C5    
140 C C7    . DT A 7  ? 10.48273 3.94452  5.07573 -1.16473 0.99850  -1.00456 109 DT A C7    
141 C C6    . DT A 7  ? 10.51044 3.96027  5.07009 -1.10876 0.97851  -1.02541 109 DT A C6    
142 P P     . DG A 8  ? 10.26716 3.57990  5.04035 -0.88776 0.77331  -1.13058 110 DG A P     
143 O OP1   . DG A 8  ? 10.28742 3.59422  5.06316 -0.83752 0.75210  -1.15521 110 DG A OP1   
144 O OP2   . DG A 8  ? 10.27028 3.56501  5.05692 -0.90282 0.75228  -1.11663 110 DG A OP2   
145 O "O5'" . DG A 8  ? 10.26527 3.57162  5.13880 -0.89069 0.76569  -1.14633 110 DG A "O5'" 
146 C "C5'" . DG A 8  ? 10.27942 3.58148  5.21591 -0.85195 0.74689  -1.17948 110 DG A "C5'" 
147 C "C4'" . DG A 8  ? 10.26069 3.59463  5.13565 -0.86665 0.79412  -1.17338 110 DG A "C4'" 
148 O "O4'" . DG A 8  ? 10.23173 3.58864  5.04859 -0.92100 0.83940  -1.14114 110 DG A "O4'" 
149 C "C3'" . DG A 8  ? 10.26652 3.59913  5.23023 -0.84668 0.78154  -1.20351 110 DG A "C3'" 
150 O "O3'" . DG A 8  ? 10.28265 3.61698  5.24109 -0.80103 0.76912  -1.22834 110 DG A "O3'" 
151 C "C2'" . DG A 8  ? 10.23640 3.59897  5.15763 -0.89244 0.83385  -1.18245 110 DG A "C2'" 
152 C "C1'" . DG A 8  ? 10.21536 3.59566  5.02885 -0.93461 0.87171  -1.14316 110 DG A "C1'" 
153 N N9    . DG A 8  ? 10.19123 3.58574  5.00265 -0.98216 0.89904  -1.12220 110 DG A N9    
154 C C8    . DG A 8  ? 10.18440 3.57321  4.98352 -1.01011 0.89819  -1.10084 110 DG A C8    
155 N N7    . DG A 8  ? 10.16197 3.56774  4.96224 -1.04806 0.92563  -1.08611 110 DG A N7    
156 C C5    . DG A 8  ? 10.15270 3.57696  4.96828 -1.04637 0.94624  -1.09867 110 DG A C5    
157 C C6    . DG A 8  ? 10.12866 3.57725  4.95394 -1.07726 0.97890  -1.09289 110 DG A C6    
158 O O6    . DG A 8  ? 10.11040 3.56945  4.93134 -1.11231 0.99691  -1.07495 110 DG A O6    
159 N N1    . DG A 8  ? 10.12708 3.58865  4.96981 -1.06246 0.98953  -1.11132 110 DG A N1    
160 C C2    . DG A 8  ? 10.14708 3.59875  4.99595 -1.02153 0.97054  -1.13253 110 DG A C2    
161 N N2    . DG A 8  ? 10.14277 3.60940  5.00952 -1.01182 0.98367  -1.14854 110 DG A N2    
162 N N3    . DG A 8  ? 10.16977 3.59921  5.00844 -0.99084 0.94023  -1.13838 110 DG A N3    
163 C C4    . DG A 8  ? 10.17088 3.58790  4.99365 -1.00608 0.92986  -1.12075 110 DG A C4    
164 P P     . DT A 9  ? 10.57361 3.88989  5.66119 -0.74917 0.71700  -1.27824 111 DT A P     
165 O OP1   . DT A 9  ? 10.59425 3.90754  5.66124 -0.69711 0.69447  -1.29949 111 DT A OP1   
166 O OP2   . DT A 9  ? 10.58215 3.87237  5.78806 -0.75301 0.67766  -1.28931 111 DT A OP2   
167 O "O5'" . DT A 9  ? 10.55962 3.89763  5.65850 -0.76102 0.74569  -1.28543 111 DT A "O5'" 
168 C "C5'" . DT A 9  ? 10.57513 3.90394  5.79792 -0.72935 0.70861  -1.32815 111 DT A "C5'" 
169 C "C4'" . DT A 9  ? 10.55429 3.89999  5.80066 -0.76446 0.73891  -1.32266 111 DT A "C4'" 
170 O "O4'" . DT A 9  ? 10.52780 3.88300  5.71352 -0.82205 0.77890  -1.27946 111 DT A "O4'" 
171 C "C3'" . DT A 9  ? 10.56678 3.89580  5.97548 -0.74891 0.69600  -1.36019 111 DT A "C3'" 
172 O "O3'" . DT A 9  ? 10.56017 3.90847  5.99229 -0.74617 0.71081  -1.37858 111 DT A "O3'" 
173 C "C2'" . DT A 9  ? 10.55074 3.87082  5.98814 -0.79622 0.70608  -1.33103 111 DT A "C2'" 
174 C "C1'" . DT A 9  ? 10.52067 3.87049  5.80537 -0.84278 0.77155  -1.28553 111 DT A "C1'" 
175 N N1    . DT A 9  ? 10.50401 3.85040  5.76414 -0.88759 0.78861  -1.24907 111 DT A N1    
176 C C2    . DT A 9  ? 10.47832 3.84227  5.73958 -0.93081 0.82300  -1.23014 111 DT A C2    
177 O O2    . DT A 9  ? 10.46749 3.85049  5.74611 -0.93598 0.84188  -1.24105 111 DT A O2    
178 N N3    . DT A 9  ? 10.46531 3.82523  5.70502 -0.96695 0.83473  -1.19821 111 DT A N3    
179 C C4    . DT A 9  ? 10.47604 3.81494  5.69755 -0.96457 0.81418  -1.18392 111 DT A C4    
180 O O4    . DT A 9  ? 10.46375 3.80028  5.66850 -0.99740 0.82534  -1.15552 111 DT A O4    
181 C C5    . DT A 9  ? 10.50268 3.82367  5.72670 -0.91916 0.77807  -1.20552 111 DT A C5    
182 C C7    . DT A 9  ? 10.51568 3.81439  5.72285 -0.91199 0.75289  -1.19376 111 DT A C7    
183 C C6    . DT A 9  ? 10.51514 3.84104  5.75833 -0.88267 0.76723  -1.23695 111 DT A C6    
184 P P     . DA A 10 ? 10.72249 4.06674  6.28980 -0.76159 0.69756  -1.39698 112 DA A P     
185 O OP1   . DA A 10 ? 10.74649 4.05738  6.46913 -0.73434 0.63454  -1.42754 112 DA A OP1   
186 O OP2   . DA A 10 ? 10.68949 4.05268  6.18772 -0.82174 0.75184  -1.35333 112 DA A OP2   
187 O "O5'" . DA A 10 ? 10.72827 4.08996  6.32759 -0.73209 0.69470  -1.43408 112 DA A "O5'" 
188 C "C5'" . DA A 10 ? 10.70260 4.09349  6.24732 -0.76523 0.74443  -1.41752 112 DA A "C5'" 
189 C "C4'" . DA A 10 ? 10.69251 4.08149  6.35319 -0.78969 0.73887  -1.42630 112 DA A "C4'" 
190 O "O4'" . DA A 10 ? 10.66587 4.06057  6.27240 -0.84463 0.77730  -1.37969 112 DA A "O4'" 
191 C "C3'" . DA A 10 ? 10.71793 4.07466  6.55985 -0.75990 0.67264  -1.46586 112 DA A "C3'" 
192 O "O3'" . DA A 10 ? 10.73708 4.09571  6.67623 -0.71583 0.63718  -1.51931 112 DA A "O3'" 
193 C "C2'" . DA A 10 ? 10.69798 4.05140  6.60861 -0.80584 0.68581  -1.44392 112 DA A "C2'" 
194 C "C1'" . DA A 10 ? 10.66826 4.04193  6.41408 -0.85546 0.74816  -1.38690 112 DA A "C1'" 
195 N N9    . DA A 10 ? 10.67004 4.02197  6.40422 -0.87072 0.73914  -1.35849 112 DA A N9    
196 C C8    . DA A 10 ? 10.69667 4.01493  6.51322 -0.83967 0.68591  -1.37509 112 DA A C8    
197 N N7    . DA A 10 ? 10.69136 3.99605  6.47566 -0.86378 0.69040  -1.34051 112 DA A N7    
198 C C5    . DA A 10 ? 10.65940 3.99186  6.33182 -0.91292 0.75006  -1.30058 112 DA A C5    
199 C C6    . DA A 10 ? 10.63988 3.97666  6.23230 -0.95493 0.78137  -1.25557 112 DA A C6    
200 N N6    . DA A 10 ? 10.65075 3.96045  6.26330 -0.95485 0.75601  -1.24007 112 DA A N6    
201 N N1    . DA A 10 ? 10.60880 3.98003  6.10370 -0.99581 0.83829  -1.22881 112 DA A N1    
202 C C2    . DA A 10 ? 10.59748 3.99575  6.07764 -0.99592 0.86289  -1.24366 112 DA A C2    
203 N N3    . DA A 10 ? 10.61376 4.00972  6.16124 -0.95960 0.83836  -1.28299 112 DA A N3    
204 C C4    . DA A 10 ? 10.64527 4.00757  6.28736 -0.91814 0.78101  -1.31113 112 DA A C4    
205 P P     . DA B 1  ? 9.43369  4.01671  4.83156 -1.66788 -0.91197 0.07273  105 DA B P     
206 O OP1   . DA B 1  ? 9.44134  4.00620  4.78361 -1.64353 -0.94323 0.07311  105 DA B OP1   
207 O OP2   . DA B 1  ? 9.43512  4.02140  4.95498 -1.66797 -0.92047 0.05631  105 DA B OP2   
208 O "O5'" . DA B 1  ? 9.42968  4.02643  4.84437 -1.68968 -0.87215 0.06859  105 DA B "O5'" 
209 C "C5'" . DA B 1  ? 9.42556  4.03319  4.76342 -1.71166 -0.83781 0.08599  105 DA B "C5'" 
210 C "C4'" . DA B 1  ? 9.42317  4.04628  4.84014 -1.73552 -0.80476 0.08108  105 DA B "C4'" 
211 O "O4'" . DA B 1  ? 9.42805  4.05346  4.90852 -1.74377 -0.78585 0.06558  105 DA B "O4'" 
212 C "C3'" . DA B 1  ? 9.42206  4.04726  4.94514 -1.73282 -0.81777 0.07188  105 DA B "C3'" 
213 O "O3'" . DA B 1  ? 9.41844  4.05596  4.94199 -1.75336 -0.79146 0.08393  105 DA B "O3'" 
214 C "C2'" . DA B 1  ? 9.42638  4.05266  5.07247 -1.73396 -0.81480 0.04849  105 DA B "C2'" 
215 C "C1'" . DA B 1  ? 9.42901  4.06051  5.03650 -1.75125 -0.77965 0.05154  105 DA B "C1'" 
216 N N9    . DA B 1  ? 9.43611  4.06378  5.12204 -1.74933 -0.77768 0.03113  105 DA B N9    
217 C C8    . DA B 1  ? 9.43943  4.05613  5.15170 -1.72783 -0.80743 0.01561  105 DA B C8    
218 N N7    . DA B 1  ? 9.44705  4.06234  5.23368 -1.73193 -0.79740 -0.00189 105 DA B N7    
219 C C5    . DA B 1  ? 9.45016  4.07481  5.26025 -1.75787 -0.75831 0.00331  105 DA B C5    
220 C C6    . DA B 1  ? 9.46134  4.08662  5.34124 -1.77420 -0.73049 -0.00744 105 DA B C6    
221 N N6    . DA B 1  ? 9.47027  4.08726  5.41261 -1.76636 -0.73869 -0.02734 105 DA B N6    
222 N N1    . DA B 1  ? 9.46550  4.09862  5.34602 -1.79894 -0.69368 0.00354  105 DA B N1    
223 C C2    . DA B 1  ? 9.45721  4.09879  5.27537 -1.80657 -0.68591 0.02280  105 DA B C2    
224 N N3    . DA B 1  ? 9.44571  4.08813  5.19577 -1.79321 -0.70964 0.03376  105 DA B N3    
225 C C4    . DA B 1  ? 9.44329  4.07618  5.19261 -1.76879 -0.74570 0.02347  105 DA B C4    
226 P P     . DC B 2  ? 8.92731  3.56644  4.53551 -1.75259 -0.80295 0.08145  106 DC B P     
227 O OP1   . DC B 2  ? 8.92458  3.56354  4.43890 -1.75357 -0.80487 0.10192  106 DC B OP1   
228 O OP2   . DC B 2  ? 8.93250  3.56026  4.62620 -1.73155 -0.83904 0.06139  106 DC B OP2   
229 O "O5'" . DC B 2  ? 8.92761  3.58139  4.62797 -1.77852 -0.76469 0.07837  106 DC B "O5'" 
230 C "C5'" . DC B 2  ? 8.92552  3.59124  4.57049 -1.80111 -0.72849 0.09590  106 DC B "C5'" 
231 C "C4'" . DC B 2  ? 8.93105  3.60578  4.64943 -1.82330 -0.69158 0.09084  106 DC B "C4'" 
232 O "O4'" . DC B 2  ? 8.93668  3.60457  4.69425 -1.81688 -0.69621 0.07349  106 DC B "O4'" 
233 C "C3'" . DC B 2  ? 8.93310  3.61378  4.78095 -1.83362 -0.68293 0.08699  106 DC B "C3'" 
234 O "O3'" . DC B 2  ? 8.93834  3.62942  4.79641 -1.85947 -0.63993 0.09667  106 DC B "O3'" 
235 C "C2'" . DC B 2  ? 8.93806  3.61137  4.89517 -1.82275 -0.70185 0.06367  106 DC B "C2'" 
236 C "C1'" . DC B 2  ? 8.94211  3.61156  4.83819 -1.82300 -0.69115 0.05925  106 DC B "C1'" 
237 N N1    . DC B 2  ? 8.94547  3.60476  4.89371 -1.80494 -0.71783 0.03767  106 DC B N1    
238 C C2    . DC B 2  ? 8.95526  3.61331  4.99137 -1.81358 -0.70279 0.02290  106 DC B C2    
239 O O2    . DC B 2  ? 8.96230  3.62636  5.03143 -1.83607 -0.66734 0.02894  106 DC B O2    
240 N N3    . DC B 2  ? 8.95892  3.60790  5.03925 -1.79695 -0.72737 0.00271  106 DC B N3    
241 C C4    . DC B 2  ? 8.95372  3.59507  4.99403 -1.77250 -0.76515 -0.00232 106 DC B C4    
242 N N4    . DC B 2  ? 8.95892  3.59151  5.04511 -1.75658 -0.78832 -0.02260 106 DC B N4    
243 C C5    . DC B 2  ? 8.94537  3.58624  4.89525 -1.76328 -0.78081 0.01371  106 DC B C5    
244 C C6    . DC B 2  ? 8.94126  3.59122  4.84785 -1.78013 -0.75638 0.03302  106 DC B C6    
245 P P     . DA B 3  ? 9.54906  4.25004  5.48810 -1.87602 -0.62022 0.10700  107 DA B P     
246 O OP1   . DA B 3  ? 9.55302  4.26404  5.42495 -1.89864 -0.57935 0.12429  107 DA B OP1   
247 O OP2   . DA B 3  ? 9.54222  4.23986  5.49242 -1.86095 -0.65148 0.10876  107 DA B OP2   
248 O "O5'" . DA B 3  ? 9.55807  4.25749  5.64769 -1.88229 -0.61397 0.09185  107 DA B "O5'" 
249 C "C5'" . DA B 3  ? 9.56935  4.26761  5.67289 -1.89538 -0.58698 0.08694  107 DA B "C5'" 
250 C "C4'" . DA B 3  ? 9.57786  4.27233  5.82898 -1.89712 -0.59020 0.07089  107 DA B "C4'" 
251 O "O4'" . DA B 3  ? 9.57809  4.26216  5.83847 -1.87811 -0.61913 0.04960  107 DA B "O4'" 
252 C "C3'" . DA B 3  ? 9.57476  4.27201  5.93930 -1.89472 -0.60647 0.06929  107 DA B "C3'" 
253 O "O3'" . DA B 3  ? 9.58637  4.28704  6.06827 -1.91403 -0.58011 0.07125  107 DA B "O3'" 
254 C "C2'" . DA B 3  ? 9.57194  4.25913  5.97637 -1.87011 -0.65133 0.04606  107 DA B "C2'" 
255 C "C1'" . DA B 3  ? 9.57870  4.25981  5.96295 -1.86886 -0.64498 0.03391  107 DA B "C1'" 
256 N N9    . DA B 3  ? 9.57542  4.24691  5.94456 -1.84393 -0.68391 0.01484  107 DA B N9    
257 C C8    . DA B 3  ? 9.56615  4.23316  5.85868 -1.82265 -0.71686 0.01498  107 DA B C8    
258 N N7    . DA B 3  ? 9.56755  4.22514  5.86591 -1.80248 -0.74742 -0.00340 107 DA B N7    
259 C C5    . DA B 3  ? 9.57755  4.23394  5.96300 -1.81133 -0.73376 -0.01759 107 DA B C5    
260 C C6    . DA B 3  ? 9.58453  4.23254  6.01805 -1.79928 -0.75181 -0.04003 107 DA B C6    
261 N N6    . DA B 3  ? 9.58198  4.22159  5.98069 -1.77432 -0.78903 -0.05208 107 DA B N6    
262 N N1    . DA B 3  ? 9.59641  4.24377  6.11416 -1.81394 -0.72977 -0.04882 107 DA B N1    
263 C C2    . DA B 3  ? 9.60177  4.25579  6.15234 -1.83874 -0.69219 -0.03483 107 DA B C2    
264 N N3    . DA B 3  ? 9.59613  4.25894  6.10830 -1.85184 -0.67188 -0.01314 107 DA B N3    
265 C C4    . DA B 3  ? 9.58326  4.24726  6.01263 -1.83693 -0.69471 -0.00612 107 DA B C4    
266 P P     . DC B 4  ? 8.43939  3.15061  4.91151 -1.94034 -0.53370 0.09668  111 DC B P     
267 O OP1   . DC B 4  ? 8.45517  3.16291  4.91454 -1.95559 -0.50107 0.09708  111 DC B OP1   
268 O OP2   . DC B 4  ? 8.42795  3.14578  4.78700 -1.93781 -0.53398 0.11288  111 DC B OP2   
269 O "O5'" . DC B 4  ? 8.44405  3.15926  5.07029 -1.94959 -0.53066 0.10001  111 DC B "O5'" 
270 C "C5'" . DC B 4  ? 8.43785  3.14926  5.13727 -1.93339 -0.56906 0.08688  111 DC B "C5'" 
271 C "C4'" . DC B 4  ? 8.43372  3.15226  5.15883 -1.93898 -0.56495 0.10429  111 DC B "C4'" 
272 O "O4'" . DC B 4  ? 8.42156  3.13974  5.02291 -1.92509 -0.58283 0.10999  111 DC B "O4'" 
273 C "C3'" . DC B 4  ? 8.44028  3.17025  5.18123 -1.96474 -0.51761 0.13056  111 DC B "C3'" 
274 O "O3'" . DC B 4  ? 8.44348  3.17714  5.30171 -1.97180 -0.51587 0.13904  111 DC B "O3'" 
275 C "C2'" . DC B 4  ? 8.43090  3.16706  5.02011 -1.96439 -0.50730 0.14669  111 DC B "C2'" 
276 C "C1'" . DC B 4  ? 8.41940  3.14837  4.96726 -1.94028 -0.55189 0.13546  111 DC B "C1'" 
277 N N1    . DC B 4  ? 8.40980  3.13902  4.79655 -1.93121 -0.55801 0.14134  111 DC B N1    
278 C C2    . DC B 4  ? 8.40560  3.14430  4.71641 -1.94058 -0.53778 0.16343  111 DC B C2    
279 O O2    . DC B 4  ? 8.40954  3.15679  4.78768 -1.95588 -0.51377 0.17880  111 DC B O2    
280 N N3    . DC B 4  ? 8.39806  3.13658  4.56458 -1.93282 -0.54477 0.16796  111 DC B N3    
281 C C4    . DC B 4  ? 8.39480  3.12384  4.49545 -1.91627 -0.57015 0.15339  111 DC B C4    
282 N N4    . DC B 4  ? 8.38858  3.11744  4.34967 -1.90994 -0.57596 0.16011  111 DC B N4    
283 C C5    . DC B 4  ? 8.39854  3.11811  4.57521 -1.90562 -0.59058 0.13177  111 DC B C5    
284 C C6    . DC B 4  ? 8.40592  3.12612  4.72321 -1.91367 -0.58396 0.12556  111 DC B C6    
285 P P     . DC B 5  ? 9.17088  3.90445  6.19466 -1.98750 -0.49959 0.13809  112 DC B P     
286 O OP1   . DC B 5  ? 9.17183  3.90538  6.30506 -1.98624 -0.51481 0.13960  112 DC B OP1   
287 O OP2   . DC B 5  ? 9.17692  3.90100  6.22424 -1.98087 -0.51311 0.11437  112 DC B OP2   
288 O "O5'" . DC B 5  ? 9.18050  3.92465  6.19004 -2.01333 -0.44550 0.16674  112 DC B "O5'" 
289 C "C5'" . DC B 5  ? 9.18015  3.93564  6.21105 -2.02612 -0.42160 0.19360  112 DC B "C5'" 
290 C "C4'" . DC B 5  ? 9.18609  3.95126  6.12887 -2.04380 -0.37632 0.21750  112 DC B "C4'" 
291 O "O4'" . DC B 5  ? 9.17594  3.94004  5.95591 -2.03328 -0.38498 0.21149  112 DC B "O4'" 
292 C "C3'" . DC B 5  ? 9.20589  3.96809  6.18409 -2.06068 -0.34385 0.22091  112 DC B "C3'" 
293 O "O3'" . DC B 5  ? 9.21689  3.99035  6.18111 -2.08167 -0.29732 0.25100  112 DC B "O3'" 
294 C "C2'" . DC B 5  ? 9.20424  3.95733  6.05590 -2.05046 -0.35446 0.20211  112 DC B "C2'" 
295 C "C1'" . DC B 5  ? 9.18804  3.94832  5.90722 -2.04212 -0.36181 0.20907  112 DC B "C1'" 
296 N N1    . DC B 5  ? 9.17837  3.93058  5.77652 -2.02426 -0.38901 0.18940  112 DC B N1    
297 C C2    . DC B 5  ? 9.16689  3.92454  5.62899 -2.01884 -0.39184 0.19656  112 DC B C2    
298 O O2    . DC B 5  ? 9.16475  3.93402  5.60893 -2.02872 -0.37185 0.21759  112 DC B O2    
299 N N3    . DC B 5  ? 9.15910  3.90943  5.51491 -2.00303 -0.41609 0.18120  112 DC B N3    
300 C C4    . DC B 5  ? 9.16186  3.90049  5.54352 -1.99210 -0.43645 0.15958  112 DC B C4    
301 N N4    . DC B 5  ? 9.15427  3.88651  5.43063 -1.97627 -0.45919 0.14746  112 DC B N4    
302 C C5    . DC B 5  ? 9.17327  3.90646  5.69175 -1.99705 -0.43417 0.15031  112 DC B C5    
303 C C6    . DC B 5  ? 9.18143  3.92139  5.80411 -2.01348 -0.41055 0.16571  112 DC B C6    
304 P P     . DG B 6  ? 9.68439  4.46560  6.80127 -2.10066 -0.26818 0.27565  113 DG B P     
305 O OP1   . DG B 6  ? 9.67409  4.45450  6.90326 -2.09046 -0.30057 0.26792  113 DG B OP1   
306 O OP2   . DG B 6  ? 9.70779  4.48152  6.87242 -2.11498 -0.24234 0.27697  113 DG B OP2   
307 O "O5'" . DG B 6  ? 9.68501  4.48305  6.73847 -2.11401 -0.23016 0.30860  113 DG B "O5'" 
308 C "C5'" . DG B 6  ? 9.66586  4.47208  6.65259 -2.10359 -0.24558 0.31290  113 DG B "C5'" 
309 C "C4'" . DG B 6  ? 9.66875  4.48991  6.55735 -2.11604 -0.20721 0.33893  113 DG B "C4'" 
310 O "O4'" . DG B 6  ? 9.66581  4.48268  6.39503 -2.11046 -0.21083 0.32525  113 DG B "O4'" 
311 C "C3'" . DG B 6  ? 9.69174  4.52118  6.62902 -2.13923 -0.15635 0.36601  113 DG B "C3'" 
312 O "O3'" . DG B 6  ? 9.68977  4.53824  6.59418 -2.14804 -0.12716 0.39539  113 DG B "O3'" 
313 C "C2'" . DG B 6  ? 9.70707  4.52563  6.54203 -2.14369 -0.14309 0.35282  113 DG B "C2'" 
314 C "C1'" . DG B 6  ? 9.68811  4.50068  6.38754 -2.12513 -0.17803 0.32818  113 DG B "C1'" 
315 N N9    . DG B 6  ? 9.69026  4.48462  6.36941 -2.11456 -0.20366 0.29854  113 DG B N9    
316 C C8    . DG B 6  ? 9.70569  4.48789  6.47828 -2.11854 -0.20253 0.28887  113 DG B C8    
317 N N7    . DG B 6  ? 9.70332  4.47110  6.43150 -2.10552 -0.22921 0.26144  113 DG B N7    
318 C C5    . DG B 6  ? 9.68524  4.45596  6.28313 -2.09228 -0.24916 0.25380  113 DG B C5    
319 C C6    . DG B 6  ? 9.67547  4.43601  6.17764 -2.07494 -0.28006 0.22962  113 DG B C6    
320 O O6    . DG B 6  ? 9.68013  4.42710  6.19505 -2.06676 -0.29685 0.20859  113 DG B O6    
321 N N1    . DG B 6  ? 9.65901  4.42702  6.04341 -2.06662 -0.29133 0.23263  113 DG B N1    
322 C C2    . DG B 6  ? 9.65286  4.43603  6.01333 -2.07401 -0.27486 0.25450  113 DG B C2    
323 N N2    . DG B 6  ? 9.63793  4.42577  5.87898 -2.06450 -0.28966 0.25371  113 DG B N2    
324 N N3    . DG B 6  ? 9.66126  4.45473  6.11082 -2.08950 -0.24562 0.27682  113 DG B N3    
325 C C4    . DG B 6  ? 9.67738  4.46388  6.24322 -2.09799 -0.23410 0.27580  113 DG B C4    
326 P P     . DT B 7  ? 9.97226  4.83357  6.87193 -2.17079 -0.06937 0.42709  114 DT B P     
327 O OP1   . DT B 7  ? 9.96523  4.84810  6.89929 -2.17571 -0.04966 0.45841  114 DT B OP1   
328 O OP2   . DT B 7  ? 9.99548  4.84684  6.99494 -2.18231 -0.05287 0.42910  114 DT B OP2   
329 O "O5'" . DT B 7  ? 9.97674  4.83544  6.69582 -2.17123 -0.05966 0.41584  114 DT B "O5'" 
330 C "C5'" . DT B 7  ? 9.95648  4.82242  6.55740 -2.16042 -0.07665 0.40989  114 DT B "C5'" 
331 C "C4'" . DT B 7  ? 9.96353  4.82151  6.40701 -2.16054 -0.07384 0.39253  114 DT B "C4'" 
332 O "O4'" . DT B 7  ? 9.95723  4.79522  6.37732 -2.14620 -0.11207 0.36064  114 DT B "O4'" 
333 C "C3'" . DT B 7  ? 9.99570  4.85030  6.41288 -2.17936 -0.03025 0.40168  114 DT B "C3'" 
334 O "O3'" . DT B 7  ? 10.00281 4.87727  6.36936 -2.19148 0.00710  0.42700  114 DT B "O3'" 
335 C "C2'" . DT B 7  ? 10.00137 4.83664  6.29519 -2.17339 -0.04710 0.37149  114 DT B "C2'" 
336 C "C1'" . DT B 7  ? 9.97298  4.80066  6.27456 -2.15099 -0.10059 0.34780  114 DT B "C1'" 
337 N N1    . DT B 7  ? 9.97943  4.78562  6.30800 -2.14348 -0.12253 0.32262  114 DT B N1    
338 C C2    . DT B 7  ? 9.96512  4.76096  6.20893 -2.12633 -0.15933 0.29709  114 DT B C2    
339 O O2    . DT B 7  ? 9.94797  4.75045  6.09418 -2.11744 -0.17547 0.29427  114 DT B O2    
340 N N3    . DT B 7  ? 9.97220  4.75004  6.25139 -2.11966 -0.17635 0.27605  114 DT B N3    
341 C C4    . DT B 7  ? 9.99242  4.76072  6.37992 -2.12885 -0.16105 0.27669  114 DT B C4    
342 O O4    . DT B 7  ? 9.99746  4.74988  6.40957 -2.12131 -0.17881 0.25603  114 DT B O4    
343 C C5    . DT B 7  ? 10.00782 4.78671  6.47912 -2.14766 -0.12228 0.30479  114 DT B C5    
344 C C7    . DT B 7  ? 10.03210 4.80166  6.62465 -2.15968 -0.10210 0.31042  114 DT B C7    
345 C C6    . DT B 7  ? 10.00040 4.79807  6.43882 -2.15369 -0.10476 0.32676  114 DT B C6    
346 O "O5'" . DT C 1  ? 9.35339  7.86646  4.79332 -0.27433 -1.17403 -0.10633 100 DT C "O5'" 
347 C "C5'" . DT C 1  ? 9.30883  7.82508  4.77525 -0.19404 -1.16895 -0.10993 100 DT C "C5'" 
348 C "C4'" . DT C 1  ? 9.29101  8.09405  4.76335 -0.15421 -1.15572 -0.13894 100 DT C "C4'" 
349 O "O4'" . DT C 1  ? 9.29958  8.31513  4.77210 -0.16330 -1.16732 -0.13112 100 DT C "O4'" 
350 C "C3'" . DT C 1  ? 9.31343  8.21733  4.76044 -0.17769 -1.13468 -0.17757 100 DT C "C3'" 
351 O "O3'" . DT C 1  ? 9.28488  8.32450  4.74588 -0.12402 -1.12232 -0.19883 100 DT C "O3'" 
352 C "C2'" . DT C 1  ? 9.34718  8.44616  4.77558 -0.21777 -1.14175 -0.18446 100 DT C "C2'" 
353 C "C1'" . DT C 1  ? 9.32083  8.55273  4.77390 -0.18050 -1.15662 -0.16182 100 DT C "C1'" 
354 N N1    . DT C 1  ? 9.35999  8.68315  4.79397 -0.21794 -1.17198 -0.14918 100 DT C N1    
355 C C2    . DT C 1  ? 9.37288  8.96493  4.79683 -0.19298 -1.17189 -0.16845 100 DT C C2    
356 O O2    . DT C 1  ? 9.34712  9.12220  4.78235 -0.14639 -1.16009 -0.19496 100 DT C O2    
357 N N3    . DT C 1  ? 9.42385  9.05266  4.82073 -0.22531 -1.18869 -0.15353 100 DT C N3    
358 C C4    . DT C 1  ? 9.45675  8.89775  4.84257 -0.29315 -1.20541 -0.11805 100 DT C C4    
359 O O4    . DT C 1  ? 9.50813  8.99396  4.86820 -0.32833 -1.22140 -0.10198 100 DT C O4    
360 C C5    . DT C 1  ? 9.43331  8.61033  4.83702 -0.32012 -1.20535 -0.09894 100 DT C C5    
361 C C7    . DT C 1  ? 9.46434  8.42289  4.86163 -0.39500 -1.22664 -0.05808 100 DT C C7    
362 C C6    . DT C 1  ? 9.38923  8.51546  4.81294 -0.27596 -1.18855 -0.11685 100 DT C C6    
363 P P     . DC C 2  ? 9.14182  8.30926  4.57730 -0.13765 -1.10326 -0.23979 101 DC C P     
364 O OP1   . DC C 2  ? 9.11244  8.29427  4.56427 -0.08518 -1.09421 -0.24780 101 DC C OP1   
365 O OP2   . DC C 2  ? 9.19271  8.19418  4.58981 -0.19865 -1.09552 -0.25063 101 DC C OP2   
366 O "O5'" . DC C 2  ? 9.15126  8.62579  4.58435 -0.14147 -1.10992 -0.25406 101 DC C "O5'" 
367 C "C5'" . DC C 2  ? 9.19491  8.79893  4.59564 -0.16073 -1.10374 -0.28959 101 DC C "C5'" 
368 C "C4'" . DC C 2  ? 9.19495  9.09338  4.59988 -0.12961 -1.11404 -0.30128 101 DC C "C4'" 
369 O "O4'" . DC C 2  ? 9.20584  9.11674  4.60960 -0.13683 -1.13006 -0.27828 101 DC C "O4'" 
370 C "C3'" . DC C 2  ? 9.26200  9.27152  4.62098 -0.13309 -1.11782 -0.33900 101 DC C "C3'" 
371 O "O3'" . DC C 2  ? 9.25030  9.51847  4.62707 -0.07204 -1.12326 -0.35346 101 DC C "O3'" 
372 C "C2'" . DC C 2  ? 9.32599  9.24366  4.64787 -0.18126 -1.13311 -0.32894 101 DC C "C2'" 
373 C "C1'" . DC C 2  ? 9.28138  9.24478  4.63703 -0.15671 -1.14252 -0.29527 101 DC C "C1'" 
374 N N1    . DC C 2  ? 9.31368  9.10875  4.65509 -0.21993 -1.15434 -0.26477 101 DC C N1    
375 C C2    . DC C 2  ? 9.37435  9.24090  4.68203 -0.23385 -1.17417 -0.25716 101 DC C C2    
376 O O2    . DC C 2  ? 9.41285  9.45385  4.69147 -0.18115 -1.18360 -0.27907 101 DC C O2    
377 N N3    . DC C 2  ? 9.40071  9.12099  4.70129 -0.30577 -1.18593 -0.22329 101 DC C N3    
378 C C4    . DC C 2  ? 9.37068  8.87683  4.69363 -0.35071 -1.18104 -0.20040 101 DC C C4    
379 N N4    . DC C 2  ? 9.39951  8.76873  4.71598 -0.42241 -1.19706 -0.16489 101 DC C N4    
380 C C5    . DC C 2  ? 9.31861  8.72575  4.66678 -0.32403 -1.16254 -0.21042 101 DC C C5    
381 C C6    . DC C 2  ? 9.29202  8.84941  4.64890 -0.26311 -1.14893 -0.24128 101 DC C C6    
382 P P     . DT C 3  ? 7.72268  8.08948  3.10345 -0.04792 -1.11546 -0.38594 102 DT C P     
383 O OP1   . DT C 3  ? 7.63913  8.15472  3.11225 -0.03144 -1.09680 -0.37027 102 DT C OP1   
384 O OP2   . DT C 3  ? 7.77411  7.97836  3.07931 -0.09588 -1.11430 -0.40853 102 DT C OP2   
385 O "O5'" . DT C 3  ? 7.82724  8.26026  3.16123 -0.00184 -1.14055 -0.40398 102 DT C "O5'" 
386 C "C5'" . DT C 3  ? 7.90451  8.38830  3.20646 0.04412  -1.15202 -0.43203 102 DT C "C5'" 
387 C "C4'" . DT C 3  ? 8.05801  8.42264  3.22607 0.00117  -1.18506 -0.44851 102 DT C "C4'" 
388 O "O4'" . DT C 3  ? 8.05856  8.33115  3.19340 -0.07380 -1.18985 -0.43222 102 DT C "O4'" 
389 C "C3'" . DT C 3  ? 8.11589  8.42309  3.22534 -0.04554 -1.18429 -0.47800 102 DT C "C3'" 
390 O "O3'" . DT C 3  ? 8.26590  8.55471  3.27267 -0.05018 -1.21982 -0.49235 102 DT C "O3'" 
391 C "C2'" . DT C 3  ? 8.10340  8.26537  3.19498 -0.14795 -1.16999 -0.47410 102 DT C "C2'" 
392 C "C1'" . DT C 3  ? 8.10580  8.24658  3.20270 -0.17114 -1.18261 -0.44392 102 DT C "C1'" 
393 N N1    . DT C 3  ? 8.04387  8.04045  3.18675 -0.24123 -1.16217 -0.41768 102 DT C N1    
394 C C2    . DT C 3  ? 8.06947  8.00729  3.20599 -0.29780 -1.17419 -0.39024 102 DT C C2    
395 O O2    . DT C 3  ? 8.13886  8.14185  3.23639 -0.30272 -1.19746 -0.38500 102 DT C O2    
396 N N3    . DT C 3  ? 8.02099  7.80147  3.19263 -0.35403 -1.16056 -0.36504 102 DT C N3    
397 C C4    . DT C 3  ? 7.96126  7.61366  3.16455 -0.35739 -1.13737 -0.36402 102 DT C C4    
398 O O4    . DT C 3  ? 7.93720  7.41663  3.15884 -0.40417 -1.13224 -0.33826 102 DT C O4    
399 C C5    . DT C 3  ? 7.93884  7.65867  3.14638 -0.30296 -1.12288 -0.39203 102 DT C C5    
400 C C7    . DT C 3  ? 7.88878  7.45668  3.12056 -0.30528 -1.09846 -0.38925 102 DT C C7    
401 C C6    . DT C 3  ? 7.97477  7.87574  3.15722 -0.24996 -1.13539 -0.41712 102 DT C C6    
402 P P     . DG C 4  ? 9.00414  9.19876  3.92564 -0.16844 -1.22923 -0.50785 103 DG C P     
403 O OP1   . DG C 4  ? 8.98141  9.11401  3.91637 -0.20576 -1.20056 -0.53046 103 DG C OP1   
404 O OP2   . DG C 4  ? 9.00521  9.14793  3.94019 -0.24524 -1.22958 -0.48038 103 DG C OP2   
405 O "O5'" . DG C 4  ? 9.14838  9.37497  3.97749 -0.16370 -1.26866 -0.51641 103 DG C "O5'" 
406 C "C5'" . DG C 4  ? 9.24496  9.42980  4.02965 -0.27249 -1.27210 -0.52877 103 DG C "C5'" 
407 C "C4'" . DG C 4  ? 9.30161  9.48889  4.07416 -0.36836 -1.28622 -0.50508 103 DG C "C4'" 
408 O "O4'" . DG C 4  ? 9.21938  9.35973  4.04917 -0.39982 -1.26669 -0.48388 103 DG C "O4'" 
409 C "C3'" . DG C 4  ? 9.39029  9.54418  4.13053 -0.49501 -1.28706 -0.51799 103 DG C "C3'" 
410 O "O3'" . DG C 4  ? 9.45419  9.67048  4.17971 -0.56342 -1.31074 -0.49400 103 DG C "O3'" 
411 C "C2'" . DG C 4  ? 9.33241  9.36850  4.11251 -0.56275 -1.25386 -0.52231 103 DG C "C2'" 
412 C "C1'" . DG C 4  ? 9.23463  9.27642  4.07099 -0.51742 -1.24861 -0.49076 103 DG C "C1'" 
413 N N9    . DG C 4  ? 9.13837  9.08244  4.02455 -0.50698 -1.21690 -0.49280 103 DG C N9    
414 C C8    . DG C 4  ? 9.08987  9.00653  3.98968 -0.45251 -1.19525 -0.51462 103 DG C C8    
415 N N7    . DG C 4  ? 9.00990  8.82169  3.95665 -0.46833 -1.16879 -0.50540 103 DG C N7    
416 C C5    . DG C 4  ? 9.00796  8.77038  3.97010 -0.53345 -1.17579 -0.47683 103 DG C C5    
417 C C6    . DG C 4  ? 8.94905  8.57966  3.95179 -0.57829 -1.16118 -0.45280 103 DG C C6    
418 O O6    . DG C 4  ? 8.88829  8.40490  3.91994 -0.56988 -1.13785 -0.45173 103 DG C O6    
419 N N1    . DG C 4  ? 8.97390  8.59941  3.97856 -0.64310 -1.17892 -0.42411 103 DG C N1    
420 C C2    . DG C 4  ? 9.04465  8.78131  4.01866 -0.66663 -1.20448 -0.41820 103 DG C C2    
421 N N2    . DG C 4  ? 9.05759  8.77680  4.04260 -0.73855 -1.21786 -0.38511 103 DG C N2    
422 N N3    . DG C 4  ? 9.10394  8.95302  4.03780 -0.62787 -1.21797 -0.43948 103 DG C N3    
423 C C4    . DG C 4  ? 9.08290  8.93528  4.01132 -0.55922 -1.20391 -0.46875 103 DG C C4    
424 P P     . DA C 5  ? 10.14063 10.34112 4.84635 -0.71024 -1.31467 -0.49977 104 DA C P     
425 O OP1   . DA C 5  ? 10.20867 10.52747 4.89767 -0.74700 -1.34544 -0.47615 104 DA C OP1   
426 O OP2   . DA C 5  ? 10.18570 10.31891 4.85642 -0.73343 -1.30230 -0.53886 104 DA C OP2   
427 O "O5'" . DA C 5  ? 10.08308 10.19805 4.83556 -0.78316 -1.29506 -0.48286 104 DA C "O5'" 
428 C "C5'" . DA C 5  ? 10.13876 10.19698 4.88328 -0.91493 -1.29331 -0.48795 104 DA C "C5'" 
429 C "C4'" . DA C 5  ? 10.08496 10.08469 4.87534 -0.97130 -1.28621 -0.45770 104 DA C "C4'" 
430 O "O4'" . DA C 5  ? 9.98539  9.90368  4.81182 -0.89851 -1.26345 -0.45464 104 DA C "O4'" 
431 C "C3'" . DA C 5  ? 10.13236 10.02554 4.91696 -1.10430 -1.28043 -0.46746 104 DA C "C3'" 
432 O "O3'" . DA C 5  ? 10.12464 10.04127 4.94080 -1.17679 -1.29457 -0.42779 104 DA C "O3'" 
433 C "C2'" . DA C 5  ? 10.07667 9.80785  4.87382 -1.08658 -1.24876 -0.48735 104 DA C "C2'" 
434 C "C1'" . DA C 5  ? 9.97160  9.73602  4.81205 -0.97731 -1.24402 -0.46073 104 DA C "C1'" 
435 N N9    . DA C 5  ? 9.90804  9.57715  4.76073 -0.91075 -1.21618 -0.48066 104 DA C N9    
436 C C8    . DA C 5  ? 9.90755  9.60434  4.73910 -0.83126 -1.20644 -0.51014 104 DA C C8    
437 N N7    . DA C 5  ? 9.84037  9.43875  4.69533 -0.79205 -1.17931 -0.51903 104 DA C N7    
438 C C5    . DA C 5  ? 9.79773  9.28525  4.68821 -0.84832 -1.17237 -0.49373 104 DA C C5    
439 C C6    . DA C 5  ? 9.72787  9.06531  4.65265 -0.84810 -1.14911 -0.48506 104 DA C C6    
440 N N6    . DA C 5  ? 9.68350  8.96288  4.61567 -0.78896 -1.12447 -0.50195 104 DA C N6    
441 N N1    . DA C 5  ? 9.70957  8.95280  4.66008 -0.91528 -1.15441 -0.45469 104 DA C N1    
442 C C2    . DA C 5  ? 9.75405  9.06181  4.69984 -0.98018 -1.17937 -0.43450 104 DA C C2    
443 N N3    . DA C 5  ? 9.81804  9.26993  4.73586 -0.99063 -1.20004 -0.43932 104 DA C N3    
444 C C4    . DA C 5  ? 9.83856  9.37000  4.72784 -0.92081 -1.19575 -0.46997 104 DA C C4    
445 P P     . DC C 6  ? 11.05036 10.92080 5.85763 -1.32692 -1.30542 -0.42902 105 DC C P     
446 O OP1   . DC C 6  ? 11.12816 11.15744 5.93397 -1.36886 -1.33451 -0.40311 105 DC C OP1   
447 O OP2   . DC C 6  ? 11.10777 10.86198 5.87369 -1.36358 -1.28879 -0.47982 105 DC C OP2   
448 O "O5'" . DC C 6  ? 10.98930 10.75300 5.84232 -1.37464 -1.30038 -0.39668 105 DC C "O5'" 
449 C "C5'" . DC C 6  ? 10.90570 10.55739 5.78199 -1.30890 -1.27776 -0.39657 105 DC C "C5'" 
450 C "C4'" . DC C 6  ? 10.89581 10.37829 5.79228 -1.39910 -1.27204 -0.38869 105 DC C "C4'" 
451 O "O4'" . DC C 6  ? 10.83560 10.17622 5.74083 -1.34327 -1.24435 -0.40529 105 DC C "O4'" 
452 C "C3'" . DC C 6  ? 10.98809 10.39074 5.85369 -1.51575 -1.27452 -0.42057 105 DC C "C3'" 
453 O "O3'" . DC C 6  ? 11.02250 10.30514 5.89362 -1.63878 -1.28730 -0.38905 105 DC C "O3'" 
454 C "C2'" . DC C 6  ? 10.99862 10.27465 5.83153 -1.47975 -1.24241 -0.47328 105 DC C "C2'" 
455 C "C1'" . DC C 6  ? 10.89260 10.09527 5.76360 -1.39760 -1.22534 -0.45243 105 DC C "C1'" 
456 N N1    . DC C 6  ? 10.86792 10.04117 5.71987 -1.30317 -1.19733 -0.48684 105 DC C N1    
457 C C2    . DC C 6  ? 10.80577 9.82553  5.67743 -1.27159 -1.17186 -0.48947 105 DC C C2    
458 O O2    . DC C 6  ? 10.77421 9.67866  5.67686 -1.32065 -1.17510 -0.46311 105 DC C O2    
459 N N3    . DC C 6  ? 10.78421 9.78401  5.64115 -1.19056 -1.14659 -0.51776 105 DC C N3    
460 C C4    . DC C 6  ? 10.82376 9.94895  5.64655 -1.14162 -1.14864 -0.54274 105 DC C C4    
461 N N4    . DC C 6  ? 10.80154 9.90606  5.61264 -1.06588 -1.12547 -0.56703 105 DC C N4    
462 C C5    . DC C 6  ? 10.89112 10.16485 5.69045 -1.17176 -1.17684 -0.54072 105 DC C C5    
463 C C6    . DC C 6  ? 10.90991 10.20259 5.72565 -1.25266 -1.19906 -0.51264 105 DC C C6    
464 P P     . DT C 7  ? 10.90704 10.06167 5.70259 -1.83279 -1.29985 -0.40256 106 DT C P     
465 O OP1   . DT C 7  ? 10.95845 10.14944 5.76216 -1.95526 -1.33563 -0.34298 106 DT C OP1   
466 O OP2   . DT C 7  ? 10.96235 10.18751 5.72315 -1.81460 -1.29223 -0.45729 106 DT C OP2   
467 O "O5'" . DT C 7  ? 10.95837 9.83772  5.71047 -1.89193 -1.27821 -0.41883 106 DT C "O5'" 
468 C "C5'" . DT C 7  ? 10.92102 9.67875  5.69343 -1.91203 -1.28605 -0.36970 106 DT C "C5'" 
469 C "C4'" . DT C 7  ? 10.92808 9.45653  5.66972 -1.89371 -1.25585 -0.39634 106 DT C "C4'" 
470 O "O4'" . DT C 7  ? 10.81892 9.43861  5.59074 -1.73113 -1.22188 -0.44020 106 DT C "O4'" 
471 C "C3'" . DT C 7  ? 11.10568 9.40085  5.75605 -2.03353 -1.24443 -0.43722 106 DT C "C3'" 
472 O "O3'" . DT C 7  ? 11.15061 9.18625  5.77239 -2.07502 -1.23806 -0.42197 106 DT C "O3'" 
473 C "C2'" . DT C 7  ? 11.09088 9.43746  5.72451 -1.94119 -1.20613 -0.50727 106 DT C "C2'" 
474 C "C1'" . DT C 7  ? 10.91068 9.34548  5.61699 -1.76918 -1.19113 -0.49284 106 DT C "C1'" 
475 N N1    . DT C 7  ? 10.83665 9.39593  5.56179 -1.63364 -1.16237 -0.54293 106 DT C N1    
476 C C2    . DT C 7  ? 10.77659 9.23562  5.50923 -1.55105 -1.12868 -0.56273 106 DT C C2    
477 O O2    . DT C 7  ? 10.78397 9.04850  5.50512 -1.58044 -1.12109 -0.54144 106 DT C O2    
478 N N3    . DT C 7  ? 10.71282 9.30160  5.46542 -1.43482 -1.10749 -0.60428 106 DT C N3    
479 C C4    . DT C 7  ? 10.73874 9.51229  5.47924 -1.40708 -1.12070 -0.62396 106 DT C C4    
480 O O4    . DT C 7  ? 10.75385 9.58160  5.46298 -1.34157 -1.10763 -0.64847 106 DT C O4    
481 C C5    . DT C 7  ? 10.78530 9.65733  5.52881 -1.48305 -1.15528 -0.60545 106 DT C C5    
482 C C7    . DT C 7  ? 10.85704 9.89769  5.56334 -1.48406 -1.17626 -0.61631 106 DT C C7    
483 C C6    . DT C 7  ? 10.83897 9.60018  5.57036 -1.59939 -1.17319 -0.56491 106 DT C C6    
484 P P     . DG C 8  ? 10.15832 7.97883  4.73584 -2.25596 -1.27392 -0.37938 107 DG C P     
485 O OP1   . DG C 8  ? 10.08276 8.03340  4.72038 -2.26250 -1.31779 -0.30042 107 DG C OP1   
486 O OP2   . DG C 8  ? 10.32589 8.07620  4.83914 -2.38723 -1.27142 -0.42566 107 DG C OP2   
487 O "O5'" . DG C 8  ? 10.18620 7.71221  4.72896 -2.24913 -1.25457 -0.38201 107 DG C "O5'" 
488 C "C5'" . DG C 8  ? 10.04001 7.59167  4.62628 -2.09693 -1.23347 -0.37448 107 DG C "C5'" 
489 C "C4'" . DG C 8  ? 10.10520 7.37745  4.63561 -2.09200 -1.19748 -0.40950 107 DG C "C4'" 
490 O "O4'" . DG C 8  ? 10.02243 7.39400  4.56646 -1.95978 -1.14925 -0.46490 107 DG C "O4'" 
491 C "C3'" . DG C 8  ? 10.30901 7.33555  4.75558 -2.23826 -1.18553 -0.45171 107 DG C "C3'" 
492 O "O3'" . DG C 8  ? 10.37240 7.09709  4.78546 -2.25738 -1.17460 -0.44627 107 DG C "O3'" 
493 C "C2'" . DG C 8  ? 10.33559 7.45015  4.75371 -2.19660 -1.13561 -0.53467 107 DG C "C2'" 
494 C "C1'" . DG C 8  ? 10.15931 7.41909  4.63113 -2.01829 -1.11141 -0.53650 107 DG C "C1'" 
495 N N9    . DG C 8  ? 10.09773 7.61341  4.59448 -1.93985 -1.09564 -0.57829 107 DG C N9    
496 C C8    . DG C 8  ? 10.09725 7.83094  4.61399 -1.96764 -1.12293 -0.57517 107 DG C C8    
497 N N7    . DG C 8  ? 10.04597 7.96677  4.57955 -1.87964 -1.10641 -0.61504 107 DG C N7    
498 C C5    . DG C 8  ? 10.00279 7.83742  4.53185 -1.78884 -1.06501 -0.64575 107 DG C C5    
499 C C6    . DG C 8  ? 9.94048  7.90133  4.48455 -1.67516 -1.03690 -0.68932 107 DG C C6    
500 O O6    . DG C 8  ? 9.91635  8.08536  4.47676 -1.62912 -1.04572 -0.71061 107 DG C O6    
501 N N1    . DG C 8  ? 9.91396  7.72703  4.44964 -1.61628 -0.99844 -0.70455 107 DG C N1    
502 C C2    . DG C 8  ? 9.94935  7.51026  4.46038 -1.65796 -0.98861 -0.68094 107 DG C C2    
503 N N2    . DG C 8  ? 9.92319  7.36341  4.42648 -1.58980 -0.94966 -0.69821 107 DG C N2    
504 N N3    . DG C 8  ? 10.01375 7.44284  4.50690 -1.76199 -1.01827 -0.63985 107 DG C N3    
505 C C4    . DG C 8  ? 10.03364 7.61823  4.53956 -1.82382 -1.05566 -0.62406 107 DG C C4    
506 P P     . DT C 9  ? 9.30262  5.73242  3.65548 -2.38685 -1.15015 -0.49850 108 DT C P     
507 O OP1   . DT C 9  ? 9.34101  5.50688  3.70488 -2.42046 -1.17378 -0.45133 108 DT C OP1   
508 O OP2   . DT C 9  ? 9.40329  5.92179  3.74724 -2.50689 -1.16798 -0.51915 108 DT C OP2   
509 O "O5'" . DT C 9  ? 9.32023  5.70069  3.63447 -2.30497 -1.07262 -0.58379 108 DT C "O5'" 
510 C "C5'" . DT C 9  ? 9.20279  5.57338  3.52994 -2.16712 -1.04710 -0.57556 108 DT C "C5'" 
511 C "C4'" . DT C 9  ? 9.22995  5.59993  3.52245 -2.10629 -0.97736 -0.65629 108 DT C "C4'" 
512 O "O4'" . DT C 9  ? 9.13594  5.81406  3.45473 -2.04067 -0.97985 -0.67387 108 DT C "O4'" 
513 C "C3'" . DT C 9  ? 9.42829  5.60669  3.66597 -2.21450 -0.93074 -0.73275 108 DT C "C3'" 
514 O "O3'" . DT C 9  ? 9.49108  5.40722  3.71386 -2.19042 -0.87475 -0.76385 108 DT C "O3'" 
515 C "C2'" . DT C 9  ? 9.43851  5.82170  3.65103 -2.19275 -0.90422 -0.79374 108 DT C "C2'" 
516 C "C1'" . DT C 9  ? 9.23368  5.89104  3.50206 -2.05142 -0.92753 -0.75364 108 DT C "C1'" 
517 N N1    . DT C 9  ? 9.19500  6.13885  3.48117 -2.03698 -0.94639 -0.76994 108 DT C N1    
518 C C2    . DT C 9  ? 9.12912  6.23198  3.42487 -1.93258 -0.91934 -0.80741 108 DT C C2    
519 O O2    . DT C 9  ? 9.09879  6.12663  3.38846 -1.85455 -0.87869 -0.82807 108 DT C O2    
520 N N3    . DT C 9  ? 9.10608  6.45687  3.41972 -1.92493 -0.94453 -0.81722 108 DT C N3    
521 C C4    . DT C 9  ? 9.14078  6.59527  3.46245 -2.01016 -0.98984 -0.79316 108 DT C C4    
522 O O4    . DT C 9  ? 9.12356  6.79260  3.45933 -1.99420 -1.01019 -0.80245 108 DT C O4    
523 C C5    . DT C 9  ? 9.20436  6.49276  3.51732 -2.12091 -1.01486 -0.75277 108 DT C C5    
524 C C7    . DT C 9  ? 9.24708  6.63475  3.57119 -2.22549 -1.06597 -0.71919 108 DT C C7    
525 C C6    . DT C 9  ? 9.22846  6.27157  3.52495 -2.12828 -0.99410 -0.74321 108 DT C C6    
526 P P     . DG C 10 ? 9.86858  5.77454  4.09765 -2.04236 -0.84741 -0.74761 109 DG C P     
527 O OP1   . DG C 10 ? 9.77403  5.93689  4.00356 -1.95027 -0.83075 -0.77587 109 DG C OP1   
528 O OP2   . DG C 10 ? 9.77081  5.62237  4.03888 -2.00799 -0.90106 -0.66126 109 DG C OP2   
529 O "O5'" . DG C 10 ? 10.00169 5.61997  4.21073 -2.05644 -0.76888 -0.80870 109 DG C "O5'" 
530 C "C5'" . DG C 10 ? 10.07215 5.43058  4.32948 -2.10803 -0.76744 -0.79026 109 DG C "C5'" 
531 C "C4'" . DG C 10 ? 10.24042 5.47107  4.53352 -2.22236 -0.72561 -0.85978 109 DG C "C4'" 
532 O "O4'" . DG C 10 ? 10.26793 5.59976  4.57133 -2.32646 -0.79021 -0.83477 109 DG C "O4'" 
533 C "C3'" . DG C 10 ? 10.29580 5.26946  4.71762 -2.23811 -0.68881 -0.86471 109 DG C "C3'" 
534 O "O3'" . DG C 10 ? 10.33651 5.19994  4.77007 -2.17477 -0.59456 -0.92842 109 DG C "O3'" 
535 C "C2'" . DG C 10 ? 10.41133 5.35289  4.91776 -2.36376 -0.69203 -0.89914 109 DG C "C2'" 
536 C "C1'" . DG C 10 ? 10.38103 5.53890  4.79198 -2.42156 -0.77536 -0.85878 109 DG C "C1'" 
537 N N9    . DG C 10 ? 10.33315 5.49741  4.80994 -2.47576 -0.86207 -0.77071 109 DG C N9    
538 C C8    . DG C 10 ? 10.23791 5.58662  4.64930 -2.47574 -0.94459 -0.69460 109 DG C C8    
539 N N7    . DG C 10 ? 10.22331 5.53465  4.70952 -2.53595 -1.01245 -0.62127 109 DG C N7    
540 C C5    . DG C 10 ? 10.29731 5.40103  4.93964 -2.56961 -0.97307 -0.64849 109 DG C C5    
541 C C6    . DG C 10 ? 10.29532 5.30488  5.12265 -2.62254 -1.01286 -0.59098 109 DG C C6    
542 O O6    . DG C 10 ? 10.24863 5.31807  5.09544 -2.66618 -1.09926 -0.50097 109 DG C O6    
543 N N1    . DG C 10 ? 10.34153 5.19703  5.37677 -2.61201 -0.93754 -0.64394 109 DG C N1    
544 C C2    . DG C 10 ? 10.40177 5.18416  5.43454 -2.56767 -0.83713 -0.74261 109 DG C C2    
545 N N2    . DG C 10 ? 10.42785 5.08712  5.71283 -2.55508 -0.76904 -0.78173 109 DG C N2    
546 N N3    . DG C 10 ? 10.42487 5.27301  5.24863 -2.53100 -0.80375 -0.79591 109 DG C N3    
547 C C4    . DG C 10 ? 10.36247 5.37761  5.01049 -2.53010 -0.87598 -0.74314 109 DG C C4    
548 P P     . DG C 11 ? 10.94967 5.67793  5.44487 -2.06250 -0.56906 -0.88874 110 DG C P     
549 O OP1   . DG C 11 ? 10.98765 5.68981  5.43313 -1.99859 -0.47932 -0.95584 110 DG C OP1   
550 O OP2   . DG C 11 ? 10.81556 5.62687  5.25612 -2.01265 -0.65876 -0.79199 110 DG C OP2   
551 O "O5'" . DG C 11 ? 10.97494 5.52927  5.71052 -2.09378 -0.54513 -0.88328 110 DG C "O5'" 
552 C "C5'" . DG C 11 ? 11.09118 5.57481  5.95384 -2.14985 -0.46911 -0.96664 110 DG C "C5'" 
553 C "C4'" . DG C 11 ? 11.06307 5.46218  6.21753 -2.17514 -0.47547 -0.93523 110 DG C "C4'" 
554 O "O4'" . DG C 11 ? 11.04450 5.51943  6.19014 -2.25605 -0.57446 -0.87230 110 DG C "O4'" 
555 C "C3'" . DG C 11 ? 10.92939 5.25500  6.27632 -2.07392 -0.47013 -0.86987 110 DG C "C3'" 
556 O "O3'" . DG C 11 ? 10.92224 5.18130  6.60752 -2.06787 -0.41157 -0.89184 110 DG C "O3'" 
557 C "C2'" . DG C 11 ? 10.83649 5.22000  6.14877 -2.08953 -0.58607 -0.76277 110 DG C "C2'" 
558 C "C1'" . DG C 11 ? 10.92174 5.36567  6.23229 -2.21431 -0.62668 -0.77700 110 DG C "C1'" 
559 N N9    . DG C 11 ? 10.88556 5.42755  6.05001 -2.26454 -0.73929 -0.69739 110 DG C N9    
560 C C8    . DG C 11 ? 10.88646 5.54601  5.77488 -2.27240 -0.78777 -0.68783 110 DG C C8    
561 N N7    . DG C 11 ? 10.84407 5.59195  5.68100 -2.31936 -0.88566 -0.60892 110 DG C N7    
562 C C5    . DG C 11 ? 10.82269 5.49530  5.89992 -2.34988 -0.90742 -0.56075 110 DG C C5    
563 C C6    . DG C 11 ? 10.78091 5.49987  5.92306 -2.40628 -1.00254 -0.46621 110 DG C C6    
564 O O6    . DG C 11 ? 10.76244 5.59235  5.74352 -2.44717 -1.08796 -0.40731 110 DG C O6    
565 N N1    . DG C 11 ? 10.74757 5.39741  6.20427 -2.40531 -0.98739 -0.43938 110 DG C N1    
566 C C2    . DG C 11 ? 10.74423 5.30550  6.44371 -2.35183 -0.88859 -0.49937 110 DG C C2    
567 N N2    . DG C 11 ? 10.68341 5.22933  6.72511 -2.34524 -0.88243 -0.46082 110 DG C N2    
568 N N3    . DG C 11 ? 10.79191 5.30081  6.42155 -2.30483 -0.79916 -0.58962 110 DG C N3    
569 C C4    . DG C 11 ? 10.83486 5.39623  6.13846 -2.30947 -0.81600 -0.61434 110 DG C C4    
570 P P     . DT C 12 ? 11.13330 5.32400  7.05784 -1.95087 -0.33512 -0.89036 111 DT C P     
571 O OP1   . DT C 12 ? 11.25152 5.38744  7.18082 -1.95104 -0.22850 -0.99742 111 DT C OP1   
572 O OP2   . DT C 12 ? 11.02278 5.22610  6.81202 -1.86569 -0.37727 -0.81943 111 DT C OP2   
573 O "O5'" . DT C 12 ? 11.03112 5.22919  7.37729 -1.94637 -0.34967 -0.83753 111 DT C "O5'" 
574 C "C5'" . DT C 12 ? 11.01278 5.26580  7.40229 -2.02085 -0.43693 -0.77695 111 DT C "C5'" 
575 C "C4'" . DT C 12 ? 10.84430 5.13719  7.38067 -1.96083 -0.50324 -0.66180 111 DT C "C4'" 
576 O "O4'" . DT C 12 ? 10.85586 5.20166  7.17068 -2.02820 -0.61227 -0.59651 111 DT C "O4'" 
577 C "C3'" . DT C 12 ? 10.74498 5.02111  7.21391 -1.84719 -0.49024 -0.63068 111 DT C "C3'" 
578 O "O3'" . DT C 12 ? 10.62338 4.89884  7.48443 -1.76007 -0.42629 -0.62007 111 DT C "O3'" 
579 C "C2'" . DT C 12 ? 10.67275 4.99439  6.96746 -1.84434 -0.60437 -0.52878 111 DT C "C2'" 
580 C "C1'" . DT C 12 ? 10.72896 5.09614  7.02302 -1.95804 -0.67353 -0.50276 111 DT C "C1'" 
581 N N1    . DT C 12 ? 10.77313 5.17950  6.71016 -2.01387 -0.77574 -0.45895 111 DT C N1    
582 C C2    . DT C 12 ? 10.73933 5.20240  6.70592 -2.06851 -0.87300 -0.37218 111 DT C C2    
583 O O2    . DT C 12 ? 10.67279 5.15818  6.94510 -2.07143 -0.87879 -0.32761 111 DT C O2    
584 N N3    . DT C 12 ? 10.78217 5.29071  6.42060 -2.11821 -0.96137 -0.33769 111 DT C N3    
585 C C4    . DT C 12 ? 10.83793 5.35992  6.15682 -2.11007 -0.95789 -0.38121 111 DT C C4    
586 O O4    . DT C 12 ? 10.85098 5.45134  5.93576 -2.14797 -1.03468 -0.34509 111 DT C O4    
587 C C5    . DT C 12 ? 10.86755 5.33193  6.17623 -2.04789 -0.85309 -0.47012 111 DT C C5    
588 C C7    . DT C 12 ? 10.91146 5.41633  5.92130 -2.02355 -0.83680 -0.51865 111 DT C C7    
589 C C6    . DT C 12 ? 10.84177 5.24298  6.44289 -2.00734 -0.76957 -0.50401 111 DT C C6    
590 P P     . DG C 13 ? 10.16538 4.51263  7.38590 -1.71379 -0.46685 -0.51644 112 DG C P     
591 O OP1   . DG C 13 ? 10.19374 4.58144  7.45117 -1.80585 -0.53610 -0.47529 112 DG C OP1   
592 O OP2   . DG C 13 ? 10.07334 4.42830  7.70547 -1.64032 -0.37718 -0.53888 112 DG C OP2   
593 O "O5'" . DG C 13 ? 10.06581 4.43256  7.08914 -1.63874 -0.52849 -0.43964 112 DG C "O5'" 
594 C "C5'" . DG C 13 ? 9.89276  4.32864  7.17201 -1.57307 -0.55976 -0.34658 112 DG C "C5'" 
595 C "C4'" . DG C 13 ? 9.88708  4.37083  7.13823 -1.64032 -0.65970 -0.26910 112 DG C "C4'" 
596 O "O4'" . DG C 13 ? 10.04557 4.49423  6.92947 -1.74105 -0.71753 -0.29724 112 DG C "O4'" 
597 C "C3'" . DG C 13 ? 9.77525  4.30599  6.95452 -1.58666 -0.74589 -0.16921 112 DG C "C3'" 
598 O "O3'" . DG C 13 ? 9.61525  4.22050  7.21012 -1.52521 -0.71041 -0.11621 112 DG C "O3'" 
599 C "C2'" . DG C 13 ? 9.86170  4.40388  6.79806 -1.68699 -0.86038 -0.12179 112 DG C "C2'" 
600 C "C1'" . DG C 13 ? 10.03233 4.52068  6.74927 -1.77848 -0.83583 -0.20959 112 DG C "C1'" 
601 N N9    . DG C 13 ? 10.12957 4.58351  6.39861 -1.80511 -0.89071 -0.22382 112 DG C N9    
602 C C8    . DG C 13 ? 10.19404 4.59445  6.24647 -1.77384 -0.83540 -0.29753 112 DG C C8    
603 N N7    . DG C 13 ? 10.26564 4.66630  5.95098 -1.80524 -0.89767 -0.29313 112 DG C N7    
604 C C5    . DG C 13 ? 10.25408 4.70521  5.90083 -1.86628 -1.00398 -0.21158 112 DG C C5    
605 C C6    . DG C 13 ? 10.30294 4.79417  5.64019 -1.92078 -1.10208 -0.17009 112 DG C C6    
606 O O6    . DG C 13 ? 10.35016 4.86042  5.40639 -1.91633 -1.10908 -0.19971 112 DG C O6    
607 N N1    . DG C 13 ? 10.27768 4.81750  5.68686 -1.97911 -1.19280 -0.08402 112 DG C N1    
608 C C2    . DG C 13 ? 10.20699 4.76450  5.95480 -1.97834 -1.18788 -0.04291 112 DG C C2    
609 N N2    . DG C 13 ? 10.19518 4.81044  5.95983 -2.03911 -1.28431 0.04378  112 DG C N2    
610 N N3    . DG C 13 ? 10.14584 4.68290  6.21348 -1.91985 -1.09015 -0.08296 112 DG C N3    
611 C C4    . DG C 13 ? 10.17571 4.65641  6.16891 -1.86845 -1.00301 -0.16702 112 DG C C4    
612 P P     . DC C 14 ? 9.46813  4.14548  7.08429 -1.47826 -0.79498 -0.00688 113 DC C P     
613 O OP1   . DC C 14 ? 9.49877  4.21452  7.16148 -1.56081 -0.86453 0.04877  113 DC C OP1   
614 O OP2   . DC C 14 ? 9.30294  4.03695  7.25537 -1.37223 -0.71154 0.00804  113 DC C OP2   
615 O "O5'" . DC C 14 ? 9.52411  4.15467  6.67548 -1.46389 -0.88726 0.00577  113 DC C "O5'" 
616 C "C5'" . DC C 14 ? 9.45514  4.12745  6.49405 -1.43176 -0.99041 0.09178  113 DC C "C5'" 
617 C "C4'" . DC C 14 ? 9.53941  4.22231  6.40661 -1.53285 -1.10472 0.14560  113 DC C "C4'" 
618 O "O4'" . DC C 14 ? 9.69747  4.32432  6.37210 -1.63330 -1.09756 0.08570  113 DC C "O4'" 
619 C "C3'" . DC C 14 ? 9.55558  4.23321  6.08950 -1.52769 -1.23360 0.20712  113 DC C "C3'" 
620 O "O3'" . DC C 14 ? 9.43521  4.19346  6.15329 -1.48750 -1.28587 0.28809  113 DC C "O3'" 
621 C "C2'" . DC C 14 ? 9.70859  4.36040  5.97226 -1.65552 -1.30992 0.21306  113 DC C "C2'" 
622 C "C1'" . DC C 14 ? 9.79832  4.40402  6.08413 -1.69937 -1.20922 0.11677  113 DC C "C1'" 
623 N N1    . DC C 14 ? 9.88524  4.41712  5.84823 -1.68403 -1.18372 0.04956  113 DC C N1    
624 C C2    . DC C 14 ? 9.98678  4.49968  5.55978 -1.74030 -1.26771 0.06381  113 DC C C2    
625 O O2    . DC C 14 ? 10.00825 4.56103  5.49951 -1.80772 -1.36620 0.13339  113 DC C O2    
626 N N3    . DC C 14 ? 10.05276 4.51987  5.36717 -1.71772 -1.23249 0.00238  113 DC C N3    
627 C C4    . DC C 14 ? 10.03456 4.46186  5.44120 -1.64897 -1.12712 -0.06870 113 DC C C4    
628 N N4    . DC C 14 ? 10.09799 4.49645  5.25136 -1.62604 -1.09452 -0.12483 113 DC C N4    
629 C C5    . DC C 14 ? 9.94063  4.37775  5.72924 -1.59846 -1.04452 -0.08325 113 DC C C5    
630 C C6    . DC C 14 ? 9.86311  4.35830  5.92884 -1.61592 -1.07290 -0.02386 113 DC C C6    
631 P P     . DC D 1  ? 8.79084  4.89041  4.38904 -0.21139 -2.54269 -0.23703 113 DC D P     
632 O OP1   . DC D 1  ? 8.76052  4.88397  4.36370 -0.23029 -2.52390 -0.22473 113 DC D OP1   
633 O OP2   . DC D 1  ? 8.64843  4.88409  4.37369 -0.15028 -2.53692 -0.26192 113 DC D OP2   
634 O "O5'" . DC D 1  ? 8.81584  4.94516  4.36911 -0.28953 -2.51802 -0.22436 113 DC D "O5'" 
635 C "C5'" . DC D 1  ? 9.01104  4.95932  4.41356 -0.34113 -2.54263 -0.20795 113 DC D "C5'" 
636 C "C4'" . DC D 1  ? 9.11785  4.96892  4.46915 -0.32229 -2.58137 -0.22544 113 DC D "C4'" 
637 O "O4'" . DC D 1  ? 9.25117  5.00643  4.49067 -0.39439 -2.58549 -0.21040 113 DC D "O4'" 
638 C "C3'" . DC D 1  ? 8.97621  5.00099  4.44242 -0.29181 -2.56210 -0.25491 113 DC D "C3'" 
639 O "O3'" . DC D 1  ? 9.08092  4.99899  4.50837 -0.24757 -2.60923 -0.28312 113 DC D "O3'" 
640 C "C2'" . DC D 1  ? 8.95405  5.06598  4.40997 -0.36799 -2.52777 -0.24521 113 DC D "C2'" 
641 C "C1'" . DC D 1  ? 9.17138  5.06108  4.46499 -0.41634 -2.55939 -0.22738 113 DC D "C1'" 
642 N N1    . DC D 1  ? 9.18031  5.09965  4.43439 -0.50179 -2.52600 -0.20272 113 DC D N1    
643 C C2    . DC D 1  ? 9.37264  5.09960  4.47886 -0.55599 -2.54939 -0.18022 113 DC D C2    
644 O O2    . DC D 1  ? 9.53662  5.07000  4.54626 -0.53272 -2.60205 -0.17798 113 DC D O2    
645 N N3    . DC D 1  ? 9.38101  5.13428  4.45270 -0.63460 -2.51816 -0.15869 113 DC D N3    
646 C C4    . DC D 1  ? 9.21126  5.16657  4.39037 -0.65824 -2.47087 -0.15818 113 DC D C4    
647 N N4    . DC D 1  ? 9.23325  5.19840  4.37365 -0.73698 -2.44579 -0.13602 113 DC D N4    
648 C C5    . DC D 1  ? 9.01948  5.17052  4.34880 -0.60472 -2.45209 -0.17696 113 DC D C5    
649 C C6    . DC D 1  ? 9.00927  5.13730  4.37006 -0.52838 -2.47809 -0.19927 113 DC D C6    
650 P P     . DG D 2  ? 8.77436  4.58370  4.21039 -0.16257 -2.65747 -0.29699 114 DG D P     
651 O OP1   . DG D 2  ? 8.62190  4.54694  4.15615 -0.13531 -2.62682 -0.28610 114 DG D OP1   
652 O OP2   . DG D 2  ? 8.78718  4.60705  4.25129 -0.11644 -2.68306 -0.33881 114 DG D OP2   
653 O "O5'" . DG D 2  ? 9.01504  4.55250  4.29048 -0.18052 -2.71720 -0.27295 114 DG D "O5'" 
654 C "C5'" . DG D 2  ? 9.17033  4.51805  4.38607 -0.12556 -2.79168 -0.28658 114 DG D "C5'" 
655 C "C4'" . DG D 2  ? 9.36687  4.54967  4.46352 -0.15762 -2.83871 -0.29345 114 DG D "C4'" 
656 O "O4'" . DG D 2  ? 9.32383  4.60851  4.40912 -0.23462 -2.78654 -0.28676 114 DG D "O4'" 
657 C "C3'" . DG D 2  ? 9.40276  4.56793  4.52481 -0.10522 -2.87588 -0.34433 114 DG D "C3'" 
658 O "O3'" . DG D 2  ? 9.65075  4.56844  4.64014 -0.11274 -2.95543 -0.34593 114 DG D "O3'" 
659 C "C2'" . DG D 2  ? 9.26085  4.64705  4.45306 -0.14717 -2.80875 -0.36918 114 DG D "C2'" 
660 C "C1'" . DG D 2  ? 9.31722  4.66608  4.42612 -0.23346 -2.78508 -0.32953 114 DG D "C1'" 
661 N N9    . DG D 2  ? 9.15251  4.72813  4.33593 -0.28624 -2.71118 -0.33018 114 DG D N9    
662 C C8    . DG D 2  ? 8.94687  4.76733  4.26806 -0.26747 -2.66226 -0.35207 114 DG D C8    
663 N N7    . DG D 2  ? 8.84743  4.82646  4.20530 -0.32869 -2.61063 -0.34096 114 DG D N7    
664 C C5    . DG D 2  ? 8.99214  4.82110  4.23024 -0.39053 -2.62174 -0.31342 114 DG D C5    
665 C C6    . DG D 2  ? 8.97766  4.86713  4.19282 -0.47075 -2.58502 -0.29148 114 DG D C6    
666 O O6    . DG D 2  ? 8.83166  4.92462  4.13164 -0.50353 -2.53799 -0.29004 114 DG D O6    
667 N N1    . DG D 2  ? 9.16505  4.84470  4.24028 -0.51635 -2.61336 -0.26557 114 DG D N1    
668 C C2    . DG D 2  ? 9.34882  4.79114  4.31761 -0.48997 -2.67466 -0.25732 114 DG D C2    
669 N N2    . DG D 2  ? 9.52360  4.78647  4.35839 -0.54755 -2.69843 -0.22591 114 DG D N2    
670 N N3    . DG D 2  ? 9.36811  4.74876  4.35833 -0.41427 -2.71495 -0.27562 114 DG D N3    
671 C C4    . DG D 2  ? 9.18150  4.76369  4.30940 -0.36697 -2.68295 -0.30526 114 DG D C4    
672 P P     . DG D 3  ? 9.48019  4.14680  4.40120 -0.05262 -3.05530 -0.33468 115 DG D P     
673 O OP1   . DG D 3  ? 9.35344  4.09444  4.35079 -0.01209 -3.03392 -0.31594 115 DG D OP1   
674 O OP2   . DG D 3  ? 9.58090  4.16366  4.50140 -0.00166 -3.11627 -0.38796 115 DG D OP2   
675 O "O5'" . DG D 3  ? 9.70627  4.14561  4.46357 -0.11957 -3.10530 -0.28390 115 DG D "O5'" 
676 C "C5'" . DG D 3  ? 9.78884  4.15100  4.52682 -0.12744 -3.14202 -0.30149 115 DG D "C5'" 
677 C "C4'" . DG D 3  ? 9.82621  4.21948  4.52373 -0.18949 -3.11592 -0.32417 115 DG D "C4'" 
678 O "O4'" . DG D 3  ? 9.73848  4.26352  4.45720 -0.20737 -3.06196 -0.33198 115 DG D "O4'" 
679 C "C3'" . DG D 3  ? 9.87315  4.25568  4.60364 -0.16356 -3.14715 -0.39304 115 DG D "C3'" 
680 O "O3'" . DG D 3  ? 9.96923  4.25046  4.66391 -0.19888 -3.17938 -0.39138 115 DG D "O3'" 
681 C "C2'" . DG D 3  ? 9.84420  4.34473  4.57519 -0.19868 -3.10173 -0.43211 115 DG D "C2'" 
682 C "C1'" . DG D 3  ? 9.75488  4.33973  4.47113 -0.24157 -3.04472 -0.37698 115 DG D "C1'" 
683 N N9    . DG D 3  ? 9.50756  4.38821  4.36398 -0.23702 -2.95762 -0.41185 115 DG D N9    
684 C C8    . DG D 3  ? 9.36832  4.38848  4.34260 -0.16918 -2.94328 -0.45110 115 DG D C8    
685 N N7    . DG D 3  ? 9.16579  4.44886  4.24536 -0.18937 -2.86554 -0.46981 115 DG D N7    
686 C C5    . DG D 3  ? 9.16884  4.48734  4.20157 -0.27273 -2.82709 -0.44262 115 DG D C5    
687 C C6    . DG D 3  ? 9.00457  4.55974  4.10752 -0.32792 -2.75160 -0.44256 115 DG D C6    
688 O O6    . DG D 3  ? 8.82075  4.61134  4.04172 -0.31658 -2.70381 -0.46399 115 DG D O6    
689 N N1    . DG D 3  ? 9.07942  4.57525  4.09955 -0.40511 -2.73923 -0.41011 115 DG D N1    
690 C C2    . DG D 3  ? 9.28777  4.53057  4.17018 -0.42955 -2.79098 -0.37987 115 DG D C2    
691 N N2    . DG D 3  ? 9.33408  4.55646  4.15099 -0.50864 -2.76849 -0.35063 115 DG D N2    
692 N N3    . DG D 3  ? 9.44826  4.46922  4.25991 -0.38171 -2.86527 -0.37549 115 DG D N3    
693 C C4    . DG D 3  ? 9.37605  4.44901  4.27137 -0.30277 -2.87992 -0.40840 115 DG D C4    
694 P P     . DA D 4  ? 10.49378 4.73549  5.10117 -0.29200 -3.15525 -0.33997 116 DA D P     
695 O OP1   . DA D 4  ? 10.47626 4.68684  5.04974 -0.30501 -3.15051 -0.26692 116 DA D OP1   
696 O OP2   . DA D 4  ? 10.59052 4.75222  5.19210 -0.31324 -3.19311 -0.37477 116 DA D OP2   
697 O "O5'" . DA D 4  ? 10.45173 4.80648  5.03716 -0.34695 -3.09072 -0.35209 116 DA D "O5'" 
698 C "C5'" . DA D 4  ? 10.47684 4.82840  4.99241 -0.43173 -3.05503 -0.31183 116 DA D "C5'" 
699 C "C4'" . DA D 4  ? 10.48130 4.91278  4.99107 -0.48170 -3.01936 -0.35593 116 DA D "C4'" 
700 O "O4'" . DA D 4  ? 10.40181 4.95303  4.95210 -0.46050 -2.99120 -0.37709 116 DA D "O4'" 
701 C "C3'" . DA D 4  ? 10.54804 4.95772  5.08654 -0.47790 -3.04555 -0.43231 116 DA D "C3'" 
702 O "O3'" . DA D 4  ? 10.61446 4.98434  5.10339 -0.55250 -3.03415 -0.42787 116 DA D "O3'" 
703 C "C2'" . DA D 4  ? 10.49683 5.04342  5.08716 -0.46420 -3.01823 -0.50027 116 DA D "C2'" 
704 C "C1'" . DA D 4  ? 10.41458 5.04461  4.98768 -0.47930 -2.97845 -0.44619 116 DA D "C1'" 
705 N N9    . DA D 4  ? 10.31522 5.08169  4.96497 -0.43105 -2.96316 -0.48281 116 DA D N9    
706 C C8    . DA D 4  ? 10.28551 5.04943  4.99784 -0.34746 -2.99449 -0.51209 116 DA D C8    
707 N N7    . DA D 4  ? 10.08153 5.09692  4.92116 -0.32475 -2.93400 -0.55008 116 DA D N7    
708 C C5    . DA D 4  ? 9.97086  5.16706  4.83461 -0.39811 -2.86217 -0.54287 116 DA D C5    
709 C C6    . DA D 4  ? 9.75905  5.24971  4.73647 -0.41888 -2.78608 -0.56434 116 DA D C6    
710 N N6    . DA D 4  ? 9.61579  5.27684  4.70375 -0.36740 -2.76542 -0.59903 116 DA D N6    
711 N N1    . DA D 4  ? 9.70749  5.30837  4.67873 -0.49647 -2.73729 -0.54523 116 DA D N1    
712 C C2    . DA D 4  ? 9.85528  5.28179  4.71329 -0.54963 -2.75796 -0.51007 116 DA D C2    
713 N N3    . DA D 4  ? 10.06056 5.20899  4.80096 -0.54042 -2.82530 -0.48635 116 DA D N3    
714 C C4    . DA D 4  ? 10.10980 5.15540  4.86009 -0.46247 -2.87761 -0.50341 116 DA D C4    
715 P P     . DC D 5  ? 11.96166 6.33259  6.48540 -0.57825 -3.04033 -0.51955 117 DC D P     
716 O OP1   . DC D 5  ? 12.04265 6.31185  6.51558 -0.63667 -3.05226 -0.49063 117 DC D OP1   
717 O OP2   . DC D 5  ? 11.97207 6.33264  6.57749 -0.50980 -3.07752 -0.59204 117 DC D OP2   
718 O "O5'" . DC D 5  ? 11.91191 6.43801  6.44030 -0.62531 -2.97988 -0.55753 117 DC D "O5'" 
719 C "C5'" . DC D 5  ? 11.87323 6.44506  6.34352 -0.68230 -2.93744 -0.49180 117 DC D "C5'" 
720 C "C4'" . DC D 5  ? 11.82928 6.55605  6.31852 -0.72291 -2.89126 -0.53473 117 DC D "C4'" 
721 O "O4'" . DC D 5  ? 11.75531 6.57601  6.28646 -0.67274 -2.88858 -0.54303 117 DC D "O4'" 
722 C "C3'" . DC D 5  ? 11.87808 6.65681  6.40909 -0.75075 -2.88318 -0.63842 117 DC D "C3'" 
723 O "O3'" . DC D 5  ? 11.87729 6.73219  6.38108 -0.83243 -2.84008 -0.63984 117 DC D "O3'" 
724 C "C2'" . DC D 5  ? 11.83355 6.72854  6.43068 -0.70337 -2.88188 -0.70735 117 DC D "C2'" 
725 C "C1'" . DC D 5  ? 11.74900 6.69771  6.32629 -0.68413 -2.87128 -0.62974 117 DC D "C1'" 
726 N N1    . DC D 5  ? 11.70190 6.70586  6.33394 -0.61008 -2.88919 -0.65885 117 DC D N1    
727 C C2    . DC D 5  ? 11.48021 6.78796  6.23022 -0.61736 -2.81479 -0.68436 117 DC D C2    
728 O O2    . DC D 5  ? 11.40052 6.85647  6.16440 -0.68485 -2.76187 -0.67291 117 DC D O2    
729 N N3    . DC D 5  ? 11.36409 6.79371  6.20993 -0.55114 -2.80754 -0.71791 117 DC D N3    
730 C C4    . DC D 5  ? 11.45993 6.71693  6.28985 -0.47756 -2.87024 -0.72871 117 DC D C4    
731 N N4    . DC D 5  ? 11.34218 6.72460  6.26891 -0.41427 -2.86062 -0.76235 117 DC D N4    
732 C C5    . DC D 5  ? 11.68169 6.63326  6.39876 -0.46706 -2.94937 -0.70271 117 DC D C5    
733 C C6    . DC D 5  ? 11.72429 6.62981  6.38853 -0.53634 -2.93256 -0.67515 117 DC D C6    
734 P P     . DA D 6  ? 11.61712 6.55513  6.16739 -0.88155 -2.81646 -0.75210 118 DA D P     
735 O OP1   . DA D 6  ? 11.64702 6.56361  6.15217 -0.95830 -2.79226 -0.72387 118 DA D OP1   
736 O OP2   . DA D 6  ? 11.67436 6.54959  6.29132 -0.83758 -2.84724 -0.83916 118 DA D OP2   
737 O "O5'" . DA D 6  ? 11.54622 6.68416  6.12747 -0.89356 -2.78252 -0.79065 118 DA D "O5'" 
738 C "C5'" . DA D 6  ? 11.47708 6.69314  6.02010 -0.92421 -2.75848 -0.71041 118 DA D "C5'" 
739 C "C4'" . DA D 6  ? 11.40413 6.82869  5.99774 -0.93285 -2.73205 -0.75698 118 DA D "C4'" 
740 O "O4'" . DA D 6  ? 11.29969 6.79563  5.97257 -0.85056 -2.73662 -0.77269 118 DA D "O4'" 
741 C "C3'" . DA D 6  ? 11.45283 6.98933  6.08348 -0.97460 -2.71303 -0.87672 118 DA D "C3'" 
742 O "O3'" . DA D 6  ? 11.33339 7.12474  6.01313 -1.02533 -2.66176 -0.88839 118 DA D "O3'" 
743 C "C2'" . DA D 6  ? 11.46901 7.00337  6.15654 -0.90525 -2.73604 -0.95745 118 DA D "C2'" 
744 C "C1'" . DA D 6  ? 11.32416 6.92351  6.04756 -0.84288 -2.73393 -0.88375 118 DA D "C1'" 
745 N N9    . DA D 6  ? 11.36189 6.85225  6.10410 -0.75722 -2.77876 -0.90677 118 DA D N9    
746 C C8    . DA D 6  ? 11.46949 6.74339  6.18727 -0.71586 -2.82786 -0.90825 118 DA D C8    
747 N N7    . DA D 6  ? 11.46215 6.69807  6.22259 -0.63790 -2.85941 -0.93111 118 DA D N7    
748 C C5    . DA D 6  ? 11.33075 6.78229  6.15100 -0.62723 -2.82287 -0.94844 118 DA D C5    
749 C C6    . DA D 6  ? 11.22042 6.78609  6.13052 -0.55922 -2.81724 -0.98034 118 DA D C6    
750 N N6    . DA D 6  ? 11.31152 6.69903  6.21752 -0.48152 -2.87903 -0.99333 118 DA D N6    
751 N N1    . DA D 6  ? 11.01801 6.88740  6.02298 -0.57483 -2.75062 -0.99518 118 DA D N1    
752 C C2    . DA D 6  ? 10.93385 6.97925  5.94652 -0.65065 -2.69794 -0.97822 118 DA D C2    
753 N N3    . DA D 6  ? 11.01955 6.98167  5.95779 -0.71614 -2.69696 -0.95030 118 DA D N3    
754 C C4    . DA D 6  ? 11.21873 6.87846  6.06017 -0.70124 -2.75900 -0.93748 118 DA D C4    
755 P P     . DG D 7  ? 10.30775 6.17985  4.96719 -1.11581 -2.64062 -0.96099 119 DG D P     
756 O OP1   . DG D 7  ? 10.29482 6.13882  4.90595 -1.17621 -2.62448 -0.87625 119 DG D OP1   
757 O OP2   . DG D 7  ? 10.38410 6.20980  5.09242 -1.10509 -2.64190 -1.08244 119 DG D OP2   
758 O "O5'" . DG D 7  ? 10.13052 6.35605  4.90367 -1.12748 -2.58790 -1.01778 119 DG D "O5'" 
759 C "C5'" . DG D 7  ? 9.93106  6.32375  4.79295 -1.07033 -2.56703 -0.97528 119 DG D "C5'" 
760 C "C4'" . DG D 7  ? 9.90726  6.44760  4.83593 -1.03851 -2.56073 -1.07844 119 DG D "C4'" 
761 O "O4'" . DG D 7  ? 9.95153  6.31607  4.87482 -0.95606 -2.59917 -1.07946 119 DG D "O4'" 
762 C "C3'" . DG D 7  ? 10.06711 6.61964  4.97375 -1.09005 -2.56202 -1.21265 119 DG D "C3'" 
763 O "O3'" . DG D 7  ? 9.96973  6.83318  4.93380 -1.14846 -2.51688 -1.25755 119 DG D "O3'" 
764 C "C2'" . DG D 7  ? 10.14602 6.60960  5.07272 -1.02788 -2.58884 -1.29919 119 DG D "C2'" 
765 C "C1'" . DG D 7  ? 10.01160 6.43959  4.96953 -0.94373 -2.60148 -1.20140 119 DG D "C1'" 
766 N N9    . DG D 7  ? 10.13602 6.30837  5.06469 -0.87207 -2.65616 -1.21765 119 DG D N9    
767 C C8    . DG D 7  ? 10.33311 6.18998  5.17242 -0.86272 -2.71304 -1.20293 119 DG D C8    
768 N N7    . DG D 7  ? 10.37223 6.09273  5.23743 -0.78917 -2.74982 -1.22416 119 DG D N7    
769 C C5    . DG D 7  ? 10.25777 6.14972  5.18974 -0.74765 -2.73320 -1.24933 119 DG D C5    
770 C C6    . DG D 7  ? 10.25718 6.09211  5.23346 -0.66455 -2.76382 -1.27703 119 DG D C6    
771 O O6    . DG D 7  ? 10.35963 5.97628  5.32902 -0.60839 -2.81585 -1.28361 119 DG D O6    
772 N N1    . DG D 7  ? 10.07181 6.18520  5.14070 -0.65130 -2.71507 -1.30068 119 DG D N1    
773 C C2    . DG D 7  ? 9.91153  6.32373  5.02530 -0.71071 -2.65084 -1.29410 119 DG D C2    
774 N N2    . DG D 7  ? 9.75369  6.40827  4.95385 -0.68959 -2.61709 -1.31391 119 DG D N2    
775 N N3    . DG D 7  ? 9.91172  6.38032  4.98918 -0.78541 -2.62640 -1.26704 119 DG D N3    
776 C C4    . DG D 7  ? 10.08693 6.28404  5.07334 -0.79967 -2.66746 -1.24769 119 DG D C4    
777 P P     . DT D 8  ? 9.55342  6.71327  4.61433 -1.12699 -2.48817 -1.32374 120 DT D P     
778 O OP1   . DT D 8  ? 9.41088  6.56973  4.52071 -1.04563 -2.49362 -1.24607 120 DT D OP1   
779 O OP2   . DT D 8  ? 9.46720  6.91208  4.56409 -1.19383 -2.45355 -1.33023 120 DT D OP2   
780 O "O5'" . DT D 8  ? 9.73202  6.82681  4.78296 -1.13262 -2.49920 -1.48524 120 DT D "O5'" 
781 C "C5'" . DT D 8  ? 9.68548  7.02764  4.80443 -1.13648 -2.47262 -1.59146 120 DT D "C5'" 
782 C "C4'" . DT D 8  ? 9.55676  6.94006  4.73107 -1.05580 -2.47618 -1.55205 120 DT D "C4'" 
783 O "O4'" . DT D 8  ? 9.64211  6.70022  4.77519 -0.98760 -2.52124 -1.50786 120 DT D "O4'" 
784 C "C3'" . DT D 8  ? 9.56592  7.11920  4.79593 -1.05058 -2.45812 -1.68379 120 DT D "C3'" 
785 O "O3'" . DT D 8  ? 9.37705  7.10297  4.67310 -0.99909 -2.44645 -1.62051 120 DT D "O3'" 
786 C "C2'" . DT D 8  ? 9.75107  6.99757  4.94951 -1.01043 -2.49467 -1.75367 120 DT D "C2'" 
787 C "C1'" . DT D 8  ? 9.70233  6.72011  4.86719 -0.94179 -2.53319 -1.60186 120 DT D "C1'" 
788 N N1    . DT D 8  ? 9.89208  6.54706  5.00116 -0.89798 -2.58942 -1.61228 120 DT D N1    
789 C C2    . DT D 8  ? 9.92852  6.46081  5.06570 -0.82035 -2.62076 -1.64194 120 DT D C2    
790 O O2    . DT D 8  ? 9.81325  6.51762  5.01570 -0.78878 -2.60004 -1.66484 120 DT D O2    
791 N N3    . DT D 8  ? 10.11193 6.30930  5.19946 -0.78021 -2.68241 -1.64123 120 DT D N3    
792 C C4    . DT D 8  ? 10.15508 6.23286  5.23198 -0.81657 -2.67825 -1.62547 120 DT D C4    
793 O O4    . DT D 8  ? 10.20269 6.09678  5.31676 -0.78305 -2.69873 -1.63572 120 DT D O4    
794 C C5    . DT D 8  ? 10.13872 6.32728  5.16440 -0.89829 -2.64965 -1.59342 120 DT D C5    
795 C C7    . DT D 8  ? 10.18119 6.25697  5.19374 -0.94231 -2.64255 -1.57562 120 DT D C7    
796 C C6    . DT D 8  ? 10.02990 6.47752  5.06215 -0.93365 -2.61439 -1.58543 120 DT D C6    
797 P P     . DC D 9  ? 9.13347  7.20190  4.49907 -1.01808 -2.41198 -1.71274 121 DC D P     
798 O OP1   . DC D 9  ? 8.92229  7.24518  4.34102 -1.01502 -2.39481 -1.59949 121 DC D OP1   
799 O OP2   . DC D 9  ? 9.28929  7.43097  4.63677 -1.08981 -2.39609 -1.87095 121 DC D OP2   
800 O "O5'" . DC D 9  ? 9.13701  7.10670  4.53294 -0.94465 -2.42541 -1.74576 121 DC D "O5'" 
801 C "C5'" . DC D 9  ? 9.29084  6.91126  4.64625 -0.89547 -2.46523 -1.76689 121 DC D "C5'" 
802 C "C4'" . DC D 9  ? 9.44887  7.04073  4.81805 -0.90821 -2.45963 -1.93964 121 DC D "C4'" 
803 O "O4'" . DC D 9  ? 9.63643  6.86142  4.96727 -0.86683 -2.50694 -1.96516 121 DC D "O4'" 
804 C "C3'" . DC D 9  ? 9.53696  7.32588  4.90791 -1.00663 -2.41980 -2.08290 121 DC D "C3'" 
805 O "O3'" . DC D 9  ? 9.56535  7.51774  4.98526 -1.02192 -2.39017 -2.22345 121 DC D "O3'" 
806 C "C2'" . DC D 9  ? 9.75201  7.24318  5.07241 -1.02672 -2.44523 -2.13844 121 DC D "C2'" 
807 C "C1'" . DC D 9  ? 9.82452  7.01108  5.14564 -0.93451 -2.49281 -2.11532 121 DC D "C1'" 
808 N N1    . DC D 9  ? 9.99425  6.82662  5.25961 -0.91560 -2.54393 -2.08694 121 DC D N1    
809 C C2    . DC D 9  ? 10.04182 6.64896  5.36196 -0.84252 -2.57056 -2.10670 121 DC D C2    
810 O O2    . DC D 9  ? 10.03132 6.64508  5.38934 -0.78684 -2.58067 -2.13993 121 DC D O2    
811 N N3    . DC D 9  ? 10.08239 6.48709  5.42673 -0.83618 -2.58114 -2.08689 121 DC D N3    
812 C C4    . DC D 9  ? 10.09195 6.49688  5.39536 -0.89669 -2.56937 -2.05181 121 DC D C4    
813 N N4    . DC D 9  ? 10.13614 6.34127  5.46415 -0.89071 -2.58183 -2.03157 121 DC D N4    
814 C C5    . DC D 9  ? 10.05526 6.67038  5.29683 -0.96708 -2.54547 -2.03341 121 DC D C5    
815 C C6    . DC D 9  ? 10.01463 6.83267  5.23695 -0.97452 -2.53671 -2.04985 121 DC D C6    
816 P P     . DA D 10 ? 9.70175  8.06125  5.17442 -1.04048 -2.35324 -2.22148 122 DA D P     
817 O OP1   . DA D 10 ? 9.49651  7.91475  4.98011 -0.99270 -2.36745 -2.03243 122 DA D OP1   
818 O OP2   . DA D 10 ? 9.75867  8.37264  5.23959 -1.12366 -2.32158 -2.35090 122 DA D OP2   
819 O "O5'" . DA D 10 ? 9.73282  8.07721  5.24396 -1.00528 -2.34485 -2.30911 122 DA D "O5'" 
820 C "C5'" . DA D 10 ? 9.87304  7.86372  5.37567 -0.94466 -2.37839 -2.33693 122 DA D "C5'" 
821 C "C4'" . DA D 10 ? 10.09886 8.00446  5.60832 -1.00153 -2.35637 -2.53454 122 DA D "C4'" 
822 O "O4'" . DA D 10 ? 10.24677 7.84964  5.71927 -0.99595 -2.39157 -2.52413 122 DA D "O4'" 
823 C "C3'" . DA D 10 ? 10.11840 8.35995  5.64343 -1.11110 -2.29786 -2.67557 122 DA D "C3'" 
824 O "O3'" . DA D 10 ? 10.21639 8.54229  5.78144 -1.14738 -2.25554 -2.84930 122 DA D "O3'" 
825 C "C2'" . DA D 10 ? 10.26408 8.36842  5.76050 -1.16080 -2.30362 -2.72508 122 DA D "C2'" 
826 C "C1'" . DA D 10 ? 10.39332 8.06735  5.87278 -1.09028 -2.35334 -2.68384 122 DA D "C1'" 
827 N N9    . DA D 10 ? 10.44034 7.94779  5.89629 -1.10620 -2.37048 -2.63509 122 DA D N9    
828 C C8    . DA D 10 ? 10.41385 8.04919  5.82332 -1.16544 -2.36570 -2.59593 122 DA D C8    
829 N N7    . DA D 10 ? 10.43336 7.89748  5.85384 -1.17005 -2.37054 -2.56080 122 DA D N7    
830 C C5    . DA D 10 ? 10.47635 7.68936  5.95713 -1.11053 -2.38089 -2.57702 122 DA D C5    
831 C C6    . DA D 10 ? 10.51494 7.47237  6.03824 -1.08631 -2.39273 -2.55247 122 DA D C6    
832 N N6    . DA D 10 ? 10.52077 7.42723  6.02210 -1.12342 -2.39394 -2.50794 122 DA D N6    
833 N N1    . DA D 10 ? 10.54587 7.30668  6.14127 -1.02233 -2.40429 -2.57278 122 DA D N1    
834 C C2    . DA D 10 ? 10.53670 7.34840  6.15936 -0.98357 -2.40154 -2.61802 122 DA D C2    
835 N N3    . DA D 10 ? 10.50534 7.54379  6.08655 -1.00214 -2.38944 -2.64735 122 DA D N3    
836 C C4    . DA D 10 ? 10.47749 7.71313  5.98637 -1.06812 -2.38052 -2.62316 122 DA D C4    
837 P P     . DG D 11 ? 10.72690 9.50519  6.32454 -1.20755 -2.20527 -2.93143 123 DG D P     
838 O OP1   . DG D 11 ? 10.49825 9.42173  6.09832 -1.14710 -2.22757 -2.75447 123 DG D OP1   
839 O OP2   . DG D 11 ? 10.77478 9.77670  6.39095 -1.26937 -2.18995 -3.04700 123 DG D OP2   
840 O "O5'" . DG D 11 ? 10.87437 9.59776  6.49235 -1.24211 -2.16000 -3.09802 123 DG D "O5'" 
841 C "C5'" . DG D 11 ? 11.07574 9.82372  6.71233 -1.33907 -2.10385 -3.31582 123 DG D "C5'" 
842 C "C4'" . DG D 11 ? 11.26407 9.59915  6.92331 -1.31812 -2.10252 -3.37819 123 DG D "C4'" 
843 O "O4'" . DG D 11 ? 11.21175 9.29022  6.86668 -1.22551 -2.17312 -3.22037 123 DG D "O4'" 
844 C "C3'" . DG D 11 ? 11.36705 9.76175  7.12928 -1.43797 -1.99046 -3.57025 123 DG D "C3'" 
845 O "O3'" . DG D 11 ? 11.48382 9.89722  7.26482 -1.51864 -1.88428 -3.66995 123 DG D "O3'" 
846 C "C2'" . DG D 11 ? 11.38795 9.45306  7.22176 -1.39692 -1.99899 -3.55882 123 DG D "C2'" 
847 C "C1'" . DG D 11 ? 11.27671 9.22455  7.02891 -1.27199 -2.12052 -3.32186 123 DG D "C1'" 
848 N N9    . DG D 11 ? 11.24347 9.27955  6.96400 -1.30162 -2.14158 -3.27573 123 DG D N9    
849 C C8    . DG D 11 ? 11.19144 9.52294  6.85346 -1.33814 -2.15626 -3.26307 123 DG D C8    
850 N N7    . DG D 11 ? 11.16468 9.49580  6.82079 -1.34861 -2.17440 -3.21477 123 DG D N7    
851 C C5    . DG D 11 ? 11.20829 9.22827  6.91214 -1.32645 -2.17045 -3.19484 123 DG D C5    
852 C C6    . DG D 11 ? 11.20992 9.08733  6.92529 -1.33013 -2.18340 -3.14238 123 DG D C6    
853 O O6    . DG D 11 ? 11.17190 9.16387  6.85415 -1.35729 -2.19724 -3.10194 123 DG D O6    
854 N N1    . DG D 11 ? 11.25949 8.83183  7.03970 -1.29360 -2.18065 -3.13648 123 DG D N1    
855 C C2    . DG D 11 ? 11.29469 8.71669  7.13329 -1.25050 -2.16806 -3.17406 123 DG D C2    
856 N N2    . DG D 11 ? 11.33176 8.47227  7.24790 -1.20999 -2.17263 -3.15581 123 DG D N2    
857 N N3    . DG D 11 ? 11.29186 8.83474  7.12005 -1.24587 -2.15272 -3.22325 123 DG D N3    
858 C C4    . DG D 11 ? 11.25216 9.09323  7.00497 -1.28993 -2.15406 -3.23124 123 DG D C4    
# 
